data_4QLF
# 
_entry.id   4QLF 
# 
_audit_conform.dict_name       mmcif_pdbx.dic 
_audit_conform.dict_version    5.379 
_audit_conform.dict_location   http://mmcif.pdb.org/dictionaries/ascii/mmcif_pdbx.dic 
# 
loop_
_database_2.database_id 
_database_2.database_code 
_database_2.pdbx_database_accession 
_database_2.pdbx_DOI 
PDB   4QLF         pdb_00004qlf 10.2210/pdb4qlf/pdb 
RCSB  RCSB086202   ?            ?                   
WWPDB D_1000086202 ?            ?                   
# 
loop_
_pdbx_database_related.db_name 
_pdbx_database_related.db_id 
_pdbx_database_related.details 
_pdbx_database_related.content_type 
PDB 4QLE . unspecified 
PDB 4QLG . unspecified 
# 
_pdbx_database_status.status_code                     REL 
_pdbx_database_status.entry_id                        4QLF 
_pdbx_database_status.recvd_initial_deposition_date   2014-06-12 
_pdbx_database_status.deposit_site                    RCSB 
_pdbx_database_status.process_site                    RCSB 
_pdbx_database_status.status_code_sf                  REL 
_pdbx_database_status.status_code_mr                  ? 
_pdbx_database_status.SG_entry                        ? 
_pdbx_database_status.status_code_cs                  ? 
_pdbx_database_status.methods_development_category    ? 
_pdbx_database_status.pdb_format_compatible           Y 
_pdbx_database_status.status_code_nmr_data            ? 
# 
loop_
_audit_author.name 
_audit_author.pdbx_ordinal 
'Stojkovic, V.' 1 
'Gakhar, L.'    2 
'Kohen, A.'     3 
# 
_citation.id                        primary 
_citation.title                     'Free energy simulations of active-site mutants of dihydrofolate reductase.' 
_citation.journal_abbrev            J.Phys.Chem.B 
_citation.journal_volume            119 
_citation.page_first                906 
_citation.page_last                 916 
_citation.year                      2015 
_citation.journal_id_ASTM           JPCBFK 
_citation.country                   US 
_citation.journal_id_ISSN           1089-5647 
_citation.journal_id_CSD            1278 
_citation.book_publisher            ? 
_citation.pdbx_database_id_PubMed   25382260 
_citation.pdbx_database_id_DOI      10.1021/jp5059963 
# 
loop_
_citation_author.citation_id 
_citation_author.name 
_citation_author.ordinal 
_citation_author.identifier_ORCID 
primary 'Doron, D.'           1 ? 
primary 'Stojkovic, V.'       2 ? 
primary 'Gakhar, L.'          3 ? 
primary 'Vardi-Kilshtain, A.' 4 ? 
primary 'Kohen, A.'           5 ? 
primary 'Major, D.T.'         6 ? 
# 
_cell.entry_id           4QLF 
_cell.length_a           33.489 
_cell.length_b           34.431 
_cell.length_c           134.234 
_cell.angle_alpha        90.00 
_cell.angle_beta         90.00 
_cell.angle_gamma        90.00 
_cell.Z_PDB              4 
_cell.pdbx_unique_axis   ? 
_cell.length_a_esd       ? 
_cell.length_b_esd       ? 
_cell.length_c_esd       ? 
_cell.angle_alpha_esd    ? 
_cell.angle_beta_esd     ? 
_cell.angle_gamma_esd    ? 
# 
_symmetry.entry_id                         4QLF 
_symmetry.space_group_name_H-M             'P 2 21 21' 
_symmetry.pdbx_full_space_group_name_H-M   ? 
_symmetry.cell_setting                     ? 
_symmetry.Int_Tables_number                18 
_symmetry.space_group_name_Hall            ? 
# 
loop_
_entity.id 
_entity.type 
_entity.src_method 
_entity.pdbx_description 
_entity.formula_weight 
_entity.pdbx_number_of_molecules 
_entity.pdbx_ec 
_entity.pdbx_mutation 
_entity.pdbx_fragment 
_entity.details 
1 polymer     man 'Dihydrofolate reductase'                          17963.234 1   1.5.1.3 I14G 'DIHYDROFOLATE REDUCTASE' ? 
2 non-polymer syn 'FOLIC ACID'                                       441.397   1   ?       ?    ?                         ? 
3 non-polymer syn 'NADP NICOTINAMIDE-ADENINE-DINUCLEOTIDE PHOSPHATE' 743.405   1   ?       ?    ?                         ? 
4 water       nat water                                              18.015    155 ?       ?    ?                         ? 
# 
_entity_poly.entity_id                      1 
_entity_poly.type                           'polypeptide(L)' 
_entity_poly.nstd_linkage                   no 
_entity_poly.nstd_monomer                   no 
_entity_poly.pdbx_seq_one_letter_code       
;MISLIAALAVDRVGGMENAMPWNLPADLAWFKRNTLNKPVIMGRHTWESIGRPLPGRKNIILSSQPGTDDRVTWVKSVDE
AIAACGDVPEIMVIGGGRVYEQFLPKAQKLYLTHIDAEVEGDTHFPDYEPDDWESVFSEFHDADAQNSHSYCFEILERR
;
_entity_poly.pdbx_seq_one_letter_code_can   
;MISLIAALAVDRVGGMENAMPWNLPADLAWFKRNTLNKPVIMGRHTWESIGRPLPGRKNIILSSQPGTDDRVTWVKSVDE
AIAACGDVPEIMVIGGGRVYEQFLPKAQKLYLTHIDAEVEGDTHFPDYEPDDWESVFSEFHDADAQNSHSYCFEILERR
;
_entity_poly.pdbx_strand_id                 A 
_entity_poly.pdbx_target_identifier         ? 
# 
loop_
_entity_poly_seq.entity_id 
_entity_poly_seq.num 
_entity_poly_seq.mon_id 
_entity_poly_seq.hetero 
1 1   MET n 
1 2   ILE n 
1 3   SER n 
1 4   LEU n 
1 5   ILE n 
1 6   ALA n 
1 7   ALA n 
1 8   LEU n 
1 9   ALA n 
1 10  VAL n 
1 11  ASP n 
1 12  ARG n 
1 13  VAL n 
1 14  GLY n 
1 15  GLY n 
1 16  MET n 
1 17  GLU n 
1 18  ASN n 
1 19  ALA n 
1 20  MET n 
1 21  PRO n 
1 22  TRP n 
1 23  ASN n 
1 24  LEU n 
1 25  PRO n 
1 26  ALA n 
1 27  ASP n 
1 28  LEU n 
1 29  ALA n 
1 30  TRP n 
1 31  PHE n 
1 32  LYS n 
1 33  ARG n 
1 34  ASN n 
1 35  THR n 
1 36  LEU n 
1 37  ASN n 
1 38  LYS n 
1 39  PRO n 
1 40  VAL n 
1 41  ILE n 
1 42  MET n 
1 43  GLY n 
1 44  ARG n 
1 45  HIS n 
1 46  THR n 
1 47  TRP n 
1 48  GLU n 
1 49  SER n 
1 50  ILE n 
1 51  GLY n 
1 52  ARG n 
1 53  PRO n 
1 54  LEU n 
1 55  PRO n 
1 56  GLY n 
1 57  ARG n 
1 58  LYS n 
1 59  ASN n 
1 60  ILE n 
1 61  ILE n 
1 62  LEU n 
1 63  SER n 
1 64  SER n 
1 65  GLN n 
1 66  PRO n 
1 67  GLY n 
1 68  THR n 
1 69  ASP n 
1 70  ASP n 
1 71  ARG n 
1 72  VAL n 
1 73  THR n 
1 74  TRP n 
1 75  VAL n 
1 76  LYS n 
1 77  SER n 
1 78  VAL n 
1 79  ASP n 
1 80  GLU n 
1 81  ALA n 
1 82  ILE n 
1 83  ALA n 
1 84  ALA n 
1 85  CYS n 
1 86  GLY n 
1 87  ASP n 
1 88  VAL n 
1 89  PRO n 
1 90  GLU n 
1 91  ILE n 
1 92  MET n 
1 93  VAL n 
1 94  ILE n 
1 95  GLY n 
1 96  GLY n 
1 97  GLY n 
1 98  ARG n 
1 99  VAL n 
1 100 TYR n 
1 101 GLU n 
1 102 GLN n 
1 103 PHE n 
1 104 LEU n 
1 105 PRO n 
1 106 LYS n 
1 107 ALA n 
1 108 GLN n 
1 109 LYS n 
1 110 LEU n 
1 111 TYR n 
1 112 LEU n 
1 113 THR n 
1 114 HIS n 
1 115 ILE n 
1 116 ASP n 
1 117 ALA n 
1 118 GLU n 
1 119 VAL n 
1 120 GLU n 
1 121 GLY n 
1 122 ASP n 
1 123 THR n 
1 124 HIS n 
1 125 PHE n 
1 126 PRO n 
1 127 ASP n 
1 128 TYR n 
1 129 GLU n 
1 130 PRO n 
1 131 ASP n 
1 132 ASP n 
1 133 TRP n 
1 134 GLU n 
1 135 SER n 
1 136 VAL n 
1 137 PHE n 
1 138 SER n 
1 139 GLU n 
1 140 PHE n 
1 141 HIS n 
1 142 ASP n 
1 143 ALA n 
1 144 ASP n 
1 145 ALA n 
1 146 GLN n 
1 147 ASN n 
1 148 SER n 
1 149 HIS n 
1 150 SER n 
1 151 TYR n 
1 152 CYS n 
1 153 PHE n 
1 154 GLU n 
1 155 ILE n 
1 156 LEU n 
1 157 GLU n 
1 158 ARG n 
1 159 ARG n 
# 
_entity_src_gen.entity_id                          1 
_entity_src_gen.pdbx_src_id                        1 
_entity_src_gen.pdbx_alt_source_flag               sample 
_entity_src_gen.pdbx_seq_type                      ? 
_entity_src_gen.pdbx_beg_seq_num                   ? 
_entity_src_gen.pdbx_end_seq_num                   ? 
_entity_src_gen.gene_src_common_name               ? 
_entity_src_gen.gene_src_genus                     ? 
_entity_src_gen.pdbx_gene_src_gene                 'folA, BN896_0046' 
_entity_src_gen.gene_src_species                   ? 
_entity_src_gen.gene_src_strain                    ? 
_entity_src_gen.gene_src_tissue                    ? 
_entity_src_gen.gene_src_tissue_fraction           ? 
_entity_src_gen.gene_src_details                   ? 
_entity_src_gen.pdbx_gene_src_fragment             ? 
_entity_src_gen.pdbx_gene_src_scientific_name      'Escherichia coli' 
_entity_src_gen.pdbx_gene_src_ncbi_taxonomy_id     1403831 
_entity_src_gen.pdbx_gene_src_variant              ? 
_entity_src_gen.pdbx_gene_src_cell_line            ? 
_entity_src_gen.pdbx_gene_src_atcc                 ? 
_entity_src_gen.pdbx_gene_src_organ                ? 
_entity_src_gen.pdbx_gene_src_organelle            ? 
_entity_src_gen.pdbx_gene_src_cell                 ? 
_entity_src_gen.pdbx_gene_src_cellular_location    ? 
_entity_src_gen.host_org_common_name               ? 
_entity_src_gen.pdbx_host_org_scientific_name      'Escherichia coli' 
_entity_src_gen.pdbx_host_org_ncbi_taxonomy_id     562 
_entity_src_gen.host_org_genus                     ? 
_entity_src_gen.pdbx_host_org_gene                 ? 
_entity_src_gen.pdbx_host_org_organ                ? 
_entity_src_gen.host_org_species                   ? 
_entity_src_gen.pdbx_host_org_tissue               ? 
_entity_src_gen.pdbx_host_org_tissue_fraction      ? 
_entity_src_gen.pdbx_host_org_strain               'BL21(DE3)' 
_entity_src_gen.pdbx_host_org_variant              ? 
_entity_src_gen.pdbx_host_org_cell_line            ? 
_entity_src_gen.pdbx_host_org_atcc                 ? 
_entity_src_gen.pdbx_host_org_culture_collection   ? 
_entity_src_gen.pdbx_host_org_cell                 ? 
_entity_src_gen.pdbx_host_org_organelle            ? 
_entity_src_gen.pdbx_host_org_cellular_location    ? 
_entity_src_gen.pdbx_host_org_vector_type          plasmid 
_entity_src_gen.pdbx_host_org_vector               ? 
_entity_src_gen.host_org_details                   ? 
_entity_src_gen.expression_system_id               ? 
_entity_src_gen.plasmid_name                       pET22b 
_entity_src_gen.plasmid_details                    ? 
_entity_src_gen.pdbx_description                   ? 
# 
_struct_ref.id                         1 
_struct_ref.db_name                    UNP 
_struct_ref.db_code                    U6N356_ECOLI 
_struct_ref.pdbx_db_accession          U6N356 
_struct_ref.entity_id                  1 
_struct_ref.pdbx_seq_one_letter_code   
;MISLIAALAVDRVIGMENAMPWNLPADLAWFKRNTLNKPVIMGRHTWESIGRPLPGRKNIILSSQPGTDDRVTWVKSVDE
AIAACGDVPEIMVIGGGRVYEQFLPKAQKLYLTHIDAEVEGDTHFPDYEPDDWESVFSEFHDADAQNSHSYCFEILERR
;
_struct_ref.pdbx_align_begin           1 
_struct_ref.pdbx_db_isoform            ? 
# 
_struct_ref_seq.align_id                      1 
_struct_ref_seq.ref_id                        1 
_struct_ref_seq.pdbx_PDB_id_code              4QLF 
_struct_ref_seq.pdbx_strand_id                A 
_struct_ref_seq.seq_align_beg                 1 
_struct_ref_seq.pdbx_seq_align_beg_ins_code   ? 
_struct_ref_seq.seq_align_end                 159 
_struct_ref_seq.pdbx_seq_align_end_ins_code   ? 
_struct_ref_seq.pdbx_db_accession             U6N356 
_struct_ref_seq.db_align_beg                  1 
_struct_ref_seq.pdbx_db_align_beg_ins_code    ? 
_struct_ref_seq.db_align_end                  159 
_struct_ref_seq.pdbx_db_align_end_ins_code    ? 
_struct_ref_seq.pdbx_auth_seq_align_beg       1 
_struct_ref_seq.pdbx_auth_seq_align_end       159 
# 
_struct_ref_seq_dif.align_id                     1 
_struct_ref_seq_dif.pdbx_pdb_id_code             4QLF 
_struct_ref_seq_dif.mon_id                       GLY 
_struct_ref_seq_dif.pdbx_pdb_strand_id           A 
_struct_ref_seq_dif.seq_num                      14 
_struct_ref_seq_dif.pdbx_pdb_ins_code            ? 
_struct_ref_seq_dif.pdbx_seq_db_name             UNP 
_struct_ref_seq_dif.pdbx_seq_db_accession_code   U6N356 
_struct_ref_seq_dif.db_mon_id                    ILE 
_struct_ref_seq_dif.pdbx_seq_db_seq_num          14 
_struct_ref_seq_dif.details                      'engineered mutation' 
_struct_ref_seq_dif.pdbx_auth_seq_num            14 
_struct_ref_seq_dif.pdbx_ordinal                 1 
# 
loop_
_chem_comp.id 
_chem_comp.type 
_chem_comp.mon_nstd_flag 
_chem_comp.name 
_chem_comp.pdbx_synonyms 
_chem_comp.formula 
_chem_comp.formula_weight 
ALA 'L-peptide linking' y ALANINE                                            ?                                            
'C3 H7 N O2'        89.093  
ARG 'L-peptide linking' y ARGININE                                           ?                                            
'C6 H15 N4 O2 1'    175.209 
ASN 'L-peptide linking' y ASPARAGINE                                         ?                                            
'C4 H8 N2 O3'       132.118 
ASP 'L-peptide linking' y 'ASPARTIC ACID'                                    ?                                            
'C4 H7 N O4'        133.103 
CYS 'L-peptide linking' y CYSTEINE                                           ?                                            
'C3 H7 N O2 S'      121.158 
FOL non-polymer         . 'FOLIC ACID'                                       ?                                            
'C19 H19 N7 O6'     441.397 
GLN 'L-peptide linking' y GLUTAMINE                                          ?                                            
'C5 H10 N2 O3'      146.144 
GLU 'L-peptide linking' y 'GLUTAMIC ACID'                                    ?                                            
'C5 H9 N O4'        147.129 
GLY 'peptide linking'   y GLYCINE                                            ?                                            
'C2 H5 N O2'        75.067  
HIS 'L-peptide linking' y HISTIDINE                                          ?                                            
'C6 H10 N3 O2 1'    156.162 
HOH non-polymer         . WATER                                              ?                                            'H2 O' 
18.015  
ILE 'L-peptide linking' y ISOLEUCINE                                         ?                                            
'C6 H13 N O2'       131.173 
LEU 'L-peptide linking' y LEUCINE                                            ?                                            
'C6 H13 N O2'       131.173 
LYS 'L-peptide linking' y LYSINE                                             ?                                            
'C6 H15 N2 O2 1'    147.195 
MET 'L-peptide linking' y METHIONINE                                         ?                                            
'C5 H11 N O2 S'     149.211 
NAP non-polymer         . 'NADP NICOTINAMIDE-ADENINE-DINUCLEOTIDE PHOSPHATE' 
;2'-MONOPHOSPHOADENOSINE 5'-DIPHOSPHORIBOSE
;
'C21 H28 N7 O17 P3' 743.405 
PHE 'L-peptide linking' y PHENYLALANINE                                      ?                                            
'C9 H11 N O2'       165.189 
PRO 'L-peptide linking' y PROLINE                                            ?                                            
'C5 H9 N O2'        115.130 
SER 'L-peptide linking' y SERINE                                             ?                                            
'C3 H7 N O3'        105.093 
THR 'L-peptide linking' y THREONINE                                          ?                                            
'C4 H9 N O3'        119.119 
TRP 'L-peptide linking' y TRYPTOPHAN                                         ?                                            
'C11 H12 N2 O2'     204.225 
TYR 'L-peptide linking' y TYROSINE                                           ?                                            
'C9 H11 N O3'       181.189 
VAL 'L-peptide linking' y VALINE                                             ?                                            
'C5 H11 N O2'       117.146 
# 
_exptl.entry_id          4QLF 
_exptl.method            'X-RAY DIFFRACTION' 
_exptl.crystals_number   1 
# 
_exptl_crystal.id                    1 
_exptl_crystal.density_meas          ? 
_exptl_crystal.density_Matthews      2.16 
_exptl_crystal.density_percent_sol   43.17 
_exptl_crystal.description           ? 
_exptl_crystal.F_000                 ? 
_exptl_crystal.preparation           ? 
# 
_exptl_crystal_grow.crystal_id      1 
_exptl_crystal_grow.method          'VAPOR DIFFUSION, HANGING DROP' 
_exptl_crystal_grow.temp            291 
_exptl_crystal_grow.temp_details    ? 
_exptl_crystal_grow.pH              8.5 
_exptl_crystal_grow.pdbx_pH_range   ? 
_exptl_crystal_grow.pdbx_details    
'0.1 M Tris, pH 8.5, 0.9 M LiCl, 36% w/v PEG 6000, VAPOR DIFFUSION, HANGING DROP, temperature 291K' 
# 
_diffrn.id                     1 
_diffrn.ambient_temp           100 
_diffrn.ambient_temp_details   ? 
_diffrn.crystal_id             1 
# 
_diffrn_detector.diffrn_id              1 
_diffrn_detector.detector               CCD 
_diffrn_detector.type                   NOIR-1 
_diffrn_detector.pdbx_collection_date   2010-09-08 
_diffrn_detector.details                ? 
# 
_diffrn_radiation.diffrn_id                        1 
_diffrn_radiation.wavelength_id                    1 
_diffrn_radiation.pdbx_monochromatic_or_laue_m_l   M 
_diffrn_radiation.monochromator                    'Rosenbaum-Rock Si(111) sagitally focused monochromator' 
_diffrn_radiation.pdbx_diffrn_protocol             'SINGLE WAVELENGTH' 
_diffrn_radiation.pdbx_scattering_type             x-ray 
# 
_diffrn_radiation_wavelength.id           1 
_diffrn_radiation_wavelength.wavelength   1.000 
_diffrn_radiation_wavelength.wt           1.0 
# 
_diffrn_source.diffrn_id                   1 
_diffrn_source.source                      SYNCHROTRON 
_diffrn_source.type                        'ALS BEAMLINE 4.2.2' 
_diffrn_source.pdbx_synchrotron_site       ALS 
_diffrn_source.pdbx_synchrotron_beamline   4.2.2 
_diffrn_source.pdbx_wavelength             ? 
_diffrn_source.pdbx_wavelength_list        1.000 
# 
_reflns.pdbx_diffrn_id               1 
_reflns.pdbx_ordinal                 1 
_reflns.entry_id                     4QLF 
_reflns.observed_criterion_sigma_I   -3 
_reflns.observed_criterion_sigma_F   ? 
_reflns.d_resolution_low             67.12 
_reflns.d_resolution_high            1.44 
_reflns.number_obs                   27985 
_reflns.number_all                   27985 
_reflns.percent_possible_obs         96.4 
_reflns.pdbx_Rmerge_I_obs            0.049 
_reflns.pdbx_Rsym_value              ? 
_reflns.pdbx_netI_over_sigmaI        21.1 
_reflns.B_iso_Wilson_estimate        ? 
_reflns.pdbx_redundancy              6.6 
_reflns.R_free_details               ? 
_reflns.limit_h_max                  ? 
_reflns.limit_h_min                  ? 
_reflns.limit_k_max                  ? 
_reflns.limit_k_min                  ? 
_reflns.limit_l_max                  ? 
_reflns.limit_l_min                  ? 
_reflns.observed_criterion_F_max     ? 
_reflns.observed_criterion_F_min     ? 
_reflns.pdbx_chi_squared             ? 
_reflns.pdbx_scaling_rejects         ? 
# 
_reflns_shell.pdbx_diffrn_id         1 
_reflns_shell.pdbx_ordinal           1 
_reflns_shell.d_res_high             1.44 
_reflns_shell.d_res_low              1.52 
_reflns_shell.percent_possible_all   76.8 
_reflns_shell.Rmerge_I_obs           0.365 
_reflns_shell.pdbx_Rsym_value        ? 
_reflns_shell.meanI_over_sigI_obs    3.0 
_reflns_shell.pdbx_redundancy        3.8 
_reflns_shell.percent_possible_obs   ? 
_reflns_shell.number_unique_all      ? 
_reflns_shell.number_measured_all    ? 
_reflns_shell.number_measured_obs    ? 
_reflns_shell.number_unique_obs      ? 
_reflns_shell.pdbx_chi_squared       ? 
# 
_refine.pdbx_refine_id                           'X-RAY DIFFRACTION' 
_refine.entry_id                                 4QLF 
_refine.pdbx_diffrn_id                           1 
_refine.pdbx_TLS_residual_ADP_flag               ? 
_refine.ls_number_reflns_obs                     26481 
_refine.ls_number_reflns_all                     ? 
_refine.pdbx_ls_sigma_I                          ? 
_refine.pdbx_ls_sigma_F                          . 
_refine.pdbx_data_cutoff_high_absF               ? 
_refine.pdbx_data_cutoff_low_absF                ? 
_refine.pdbx_data_cutoff_high_rms_absF           ? 
_refine.ls_d_res_low                             33.58 
_refine.ls_d_res_high                            1.44 
_refine.ls_percent_reflns_obs                    96.18 
_refine.ls_R_factor_obs                          0.18284 
_refine.ls_R_factor_all                          ? 
_refine.ls_R_factor_R_work                       0.18151 
_refine.ls_R_factor_R_free                       0.20626 
_refine.ls_R_factor_R_free_error                 ? 
_refine.ls_R_factor_R_free_error_details         ? 
_refine.ls_percent_reflns_R_free                 5.2 
_refine.ls_number_reflns_R_free                  1446 
_refine.ls_number_parameters                     ? 
_refine.ls_number_restraints                     ? 
_refine.occupancy_min                            ? 
_refine.occupancy_max                            ? 
_refine.correlation_coeff_Fo_to_Fc               0.960 
_refine.correlation_coeff_Fo_to_Fc_free          0.955 
_refine.B_iso_mean                               18.734 
_refine.aniso_B[1][1]                            0.78 
_refine.aniso_B[2][2]                            -0.32 
_refine.aniso_B[3][3]                            -0.46 
_refine.aniso_B[1][2]                            0.00 
_refine.aniso_B[1][3]                            0.00 
_refine.aniso_B[2][3]                            0.00 
_refine.solvent_model_details                    MASK 
_refine.solvent_model_param_ksol                 ? 
_refine.solvent_model_param_bsol                 ? 
_refine.pdbx_solvent_vdw_probe_radii             1.20 
_refine.pdbx_solvent_ion_probe_radii             0.80 
_refine.pdbx_solvent_shrinkage_radii             0.80 
_refine.pdbx_ls_cross_valid_method               THROUGHOUT 
_refine.details                                  'HYDROGENS HAVE BEEN ADDED IN THE RIDING POSITIONS' 
_refine.pdbx_starting_model                      1RX2 
_refine.pdbx_method_to_determine_struct          'MOLECULAR REPLACEMENT' 
_refine.pdbx_isotropic_thermal_model             ? 
_refine.pdbx_stereochemistry_target_values       'MAXIMUM LIKELIHOOD' 
_refine.pdbx_stereochem_target_val_spec_case     ? 
_refine.pdbx_R_Free_selection_details            RANDOM 
_refine.pdbx_overall_ESU_R                       0.072 
_refine.pdbx_overall_ESU_R_Free                  0.072 
_refine.overall_SU_ML                            0.048 
_refine.pdbx_overall_phase_error                 ? 
_refine.overall_SU_B                             1.236 
_refine.overall_SU_R_Cruickshank_DPI             ? 
_refine.pdbx_overall_SU_R_free_Cruickshank_DPI   ? 
_refine.pdbx_overall_SU_R_Blow_DPI               ? 
_refine.pdbx_overall_SU_R_free_Blow_DPI          ? 
_refine.ls_redundancy_reflns_obs                 ? 
_refine.B_iso_min                                ? 
_refine.B_iso_max                                ? 
_refine.overall_SU_R_free                        ? 
_refine.ls_wR_factor_R_free                      ? 
_refine.ls_wR_factor_R_work                      ? 
_refine.overall_FOM_free_R_set                   ? 
_refine.overall_FOM_work_R_set                   ? 
# 
_refine_hist.pdbx_refine_id                   'X-RAY DIFFRACTION' 
_refine_hist.cycle_id                         LAST 
_refine_hist.pdbx_number_atoms_protein        1243 
_refine_hist.pdbx_number_atoms_nucleic_acid   0 
_refine_hist.pdbx_number_atoms_ligand         63 
_refine_hist.number_atoms_solvent             155 
_refine_hist.number_atoms_total               1461 
_refine_hist.d_res_high                       1.44 
_refine_hist.d_res_low                        33.58 
# 
loop_
_refine_ls_restr.type 
_refine_ls_restr.dev_ideal 
_refine_ls_restr.dev_ideal_target 
_refine_ls_restr.weight 
_refine_ls_restr.number 
_refine_ls_restr.pdbx_refine_id 
_refine_ls_restr.pdbx_restraint_function 
r_bond_refined_d             0.025  0.019  ? 1343 'X-RAY DIFFRACTION' ? 
r_bond_other_d               0.001  0.020  ? 1208 'X-RAY DIFFRACTION' ? 
r_angle_refined_deg          2.419  2.000  ? 1834 'X-RAY DIFFRACTION' ? 
r_angle_other_deg            1.031  3.000  ? 2782 'X-RAY DIFFRACTION' ? 
r_dihedral_angle_1_deg       6.436  5.000  ? 155  'X-RAY DIFFRACTION' ? 
r_dihedral_angle_2_deg       33.613 24.194 ? 62   'X-RAY DIFFRACTION' ? 
r_dihedral_angle_3_deg       13.286 15.000 ? 204  'X-RAY DIFFRACTION' ? 
r_dihedral_angle_4_deg       10.399 15.000 ? 8    'X-RAY DIFFRACTION' ? 
r_chiral_restr               0.159  0.200  ? 189  'X-RAY DIFFRACTION' ? 
r_gen_planes_refined         0.014  0.021  ? 1503 'X-RAY DIFFRACTION' ? 
r_gen_planes_other           0.002  0.020  ? 313  'X-RAY DIFFRACTION' ? 
r_nbd_refined                ?      ?      ? ?    'X-RAY DIFFRACTION' ? 
r_nbd_other                  ?      ?      ? ?    'X-RAY DIFFRACTION' ? 
r_nbtor_refined              ?      ?      ? ?    'X-RAY DIFFRACTION' ? 
r_nbtor_other                ?      ?      ? ?    'X-RAY DIFFRACTION' ? 
r_xyhbond_nbd_refined        ?      ?      ? ?    'X-RAY DIFFRACTION' ? 
r_xyhbond_nbd_other          ?      ?      ? ?    'X-RAY DIFFRACTION' ? 
r_metal_ion_refined          ?      ?      ? ?    'X-RAY DIFFRACTION' ? 
r_metal_ion_other            ?      ?      ? ?    'X-RAY DIFFRACTION' ? 
r_symmetry_vdw_refined       ?      ?      ? ?    'X-RAY DIFFRACTION' ? 
r_symmetry_vdw_other         ?      ?      ? ?    'X-RAY DIFFRACTION' ? 
r_symmetry_hbond_refined     ?      ?      ? ?    'X-RAY DIFFRACTION' ? 
r_symmetry_hbond_other       ?      ?      ? ?    'X-RAY DIFFRACTION' ? 
r_symmetry_metal_ion_refined ?      ?      ? ?    'X-RAY DIFFRACTION' ? 
r_symmetry_metal_ion_other   ?      ?      ? ?    'X-RAY DIFFRACTION' ? 
r_mcbond_it                  2.340  1.628  ? 629  'X-RAY DIFFRACTION' ? 
r_mcbond_other               2.303  1.626  ? 627  'X-RAY DIFFRACTION' ? 
r_mcangle_it                 3.505  2.416  ? 781  'X-RAY DIFFRACTION' ? 
r_mcangle_other              3.477  2.415  ? 781  'X-RAY DIFFRACTION' ? 
r_scbond_it                  3.617  2.005  ? 714  'X-RAY DIFFRACTION' ? 
r_scbond_other               3.627  2.008  ? 707  'X-RAY DIFFRACTION' ? 
r_scangle_it                 ?      ?      ? ?    'X-RAY DIFFRACTION' ? 
r_scangle_other              5.502  2.856  ? 1054 'X-RAY DIFFRACTION' ? 
r_long_range_B_refined       7.946  14.591 ? 1596 'X-RAY DIFFRACTION' ? 
r_long_range_B_other         7.944  14.592 ? 1597 'X-RAY DIFFRACTION' ? 
r_rigid_bond_restr           ?      ?      ? ?    'X-RAY DIFFRACTION' ? 
r_sphericity_free            ?      ?      ? ?    'X-RAY DIFFRACTION' ? 
r_sphericity_bonded          ?      ?      ? ?    'X-RAY DIFFRACTION' ? 
# 
_refine_ls_shell.pdbx_refine_id                   'X-RAY DIFFRACTION' 
_refine_ls_shell.pdbx_total_number_of_bins_used   20 
_refine_ls_shell.d_res_high                       1.441 
_refine_ls_shell.d_res_low                        1.478 
_refine_ls_shell.number_reflns_R_work             1237 
_refine_ls_shell.R_factor_R_work                  0.260 
_refine_ls_shell.percent_reflns_obs               61.60 
_refine_ls_shell.R_factor_R_free                  0.297 
_refine_ls_shell.R_factor_R_free_error            ? 
_refine_ls_shell.percent_reflns_R_free            ? 
_refine_ls_shell.number_reflns_R_free             56 
_refine_ls_shell.number_reflns_all                ? 
_refine_ls_shell.R_factor_all                     ? 
_refine_ls_shell.redundancy_reflns_obs            ? 
_refine_ls_shell.number_reflns_obs                ? 
# 
_struct.entry_id                  4QLF 
_struct.title                     'Crystal structure of I14G DHFR mutant complexed with folate and NADP+' 
_struct.pdbx_model_details        ? 
_struct.pdbx_CASP_flag            ? 
_struct.pdbx_model_type_details   ? 
# 
_struct_keywords.entry_id        4QLF 
_struct_keywords.pdbx_keywords   OXIDOREDUCTASE 
_struct_keywords.text            
'dihydrofolate-reductase like fold/Alpha and beta proteins (a/b), oxidoreductase activity, NADP(H) binding, oxidoreductase' 
# 
loop_
_struct_asym.id 
_struct_asym.pdbx_blank_PDB_chainid_flag 
_struct_asym.pdbx_modified 
_struct_asym.entity_id 
_struct_asym.details 
A N N 1 ? 
B N N 2 ? 
C N N 3 ? 
D N N 4 ? 
# 
_struct_biol.id        1 
_struct_biol.details   ? 
# 
loop_
_struct_conf.conf_type_id 
_struct_conf.id 
_struct_conf.pdbx_PDB_helix_id 
_struct_conf.beg_label_comp_id 
_struct_conf.beg_label_asym_id 
_struct_conf.beg_label_seq_id 
_struct_conf.pdbx_beg_PDB_ins_code 
_struct_conf.end_label_comp_id 
_struct_conf.end_label_asym_id 
_struct_conf.end_label_seq_id 
_struct_conf.pdbx_end_PDB_ins_code 
_struct_conf.beg_auth_comp_id 
_struct_conf.beg_auth_asym_id 
_struct_conf.beg_auth_seq_id 
_struct_conf.end_auth_comp_id 
_struct_conf.end_auth_asym_id 
_struct_conf.end_auth_seq_id 
_struct_conf.pdbx_PDB_helix_class 
_struct_conf.details 
_struct_conf.pdbx_PDB_helix_length 
HELX_P HELX_P1 1 LEU A 24  ? LEU A 36  ? LEU A 24  LEU A 36  1 ? 13 
HELX_P HELX_P2 2 ARG A 44  ? GLY A 51  ? ARG A 44  GLY A 51  1 ? 8  
HELX_P HELX_P3 3 SER A 77  ? GLY A 86  ? SER A 77  GLY A 86  1 ? 10 
HELX_P HELX_P4 4 GLY A 96  ? LEU A 104 ? GLY A 96  LEU A 104 1 ? 9  
HELX_P HELX_P5 5 PRO A 105 ? ALA A 107 ? PRO A 105 ALA A 107 5 ? 3  
HELX_P HELX_P6 6 GLU A 129 ? ASP A 131 ? GLU A 129 ASP A 131 5 ? 3  
# 
_struct_conf_type.id          HELX_P 
_struct_conf_type.criteria    ? 
_struct_conf_type.reference   ? 
# 
_struct_mon_prot_cis.pdbx_id                1 
_struct_mon_prot_cis.label_comp_id          GLY 
_struct_mon_prot_cis.label_seq_id           95 
_struct_mon_prot_cis.label_asym_id          A 
_struct_mon_prot_cis.label_alt_id           . 
_struct_mon_prot_cis.pdbx_PDB_ins_code      ? 
_struct_mon_prot_cis.auth_comp_id           GLY 
_struct_mon_prot_cis.auth_seq_id            95 
_struct_mon_prot_cis.auth_asym_id           A 
_struct_mon_prot_cis.pdbx_label_comp_id_2   GLY 
_struct_mon_prot_cis.pdbx_label_seq_id_2    96 
_struct_mon_prot_cis.pdbx_label_asym_id_2   A 
_struct_mon_prot_cis.pdbx_PDB_ins_code_2    ? 
_struct_mon_prot_cis.pdbx_auth_comp_id_2    GLY 
_struct_mon_prot_cis.pdbx_auth_seq_id_2     96 
_struct_mon_prot_cis.pdbx_auth_asym_id_2    A 
_struct_mon_prot_cis.pdbx_PDB_model_num     1 
_struct_mon_prot_cis.pdbx_omega_angle       4.75 
# 
_struct_sheet.id               A 
_struct_sheet.type             ? 
_struct_sheet.number_strands   8 
_struct_sheet.details          ? 
# 
loop_
_struct_sheet_order.sheet_id 
_struct_sheet_order.range_id_1 
_struct_sheet_order.range_id_2 
_struct_sheet_order.offset 
_struct_sheet_order.sense 
A 1 2 ? parallel      
A 2 3 ? parallel      
A 3 4 ? parallel      
A 4 5 ? parallel      
A 5 6 ? parallel      
A 6 7 ? anti-parallel 
A 7 8 ? anti-parallel 
# 
loop_
_struct_sheet_range.sheet_id 
_struct_sheet_range.id 
_struct_sheet_range.beg_label_comp_id 
_struct_sheet_range.beg_label_asym_id 
_struct_sheet_range.beg_label_seq_id 
_struct_sheet_range.pdbx_beg_PDB_ins_code 
_struct_sheet_range.end_label_comp_id 
_struct_sheet_range.end_label_asym_id 
_struct_sheet_range.end_label_seq_id 
_struct_sheet_range.pdbx_end_PDB_ins_code 
_struct_sheet_range.beg_auth_comp_id 
_struct_sheet_range.beg_auth_asym_id 
_struct_sheet_range.beg_auth_seq_id 
_struct_sheet_range.end_auth_comp_id 
_struct_sheet_range.end_auth_asym_id 
_struct_sheet_range.end_auth_seq_id 
A 1 THR A 73  ? VAL A 75  ? THR A 73  VAL A 75  
A 2 ASN A 59  ? LEU A 62  ? ASN A 59  LEU A 62  
A 3 VAL A 40  ? GLY A 43  ? VAL A 40  GLY A 43  
A 4 ILE A 91  ? GLY A 95  ? ILE A 91  GLY A 95  
A 5 ILE A 2   ? ASP A 11  ? ILE A 2   ASP A 11  
A 6 LYS A 109 ? VAL A 119 ? LYS A 109 VAL A 119 
A 7 TYR A 151 ? ARG A 158 ? TYR A 151 ARG A 158 
A 8 TRP A 133 ? HIS A 141 ? TRP A 133 HIS A 141 
# 
loop_
_pdbx_struct_sheet_hbond.sheet_id 
_pdbx_struct_sheet_hbond.range_id_1 
_pdbx_struct_sheet_hbond.range_id_2 
_pdbx_struct_sheet_hbond.range_1_label_atom_id 
_pdbx_struct_sheet_hbond.range_1_label_comp_id 
_pdbx_struct_sheet_hbond.range_1_label_asym_id 
_pdbx_struct_sheet_hbond.range_1_label_seq_id 
_pdbx_struct_sheet_hbond.range_1_PDB_ins_code 
_pdbx_struct_sheet_hbond.range_1_auth_atom_id 
_pdbx_struct_sheet_hbond.range_1_auth_comp_id 
_pdbx_struct_sheet_hbond.range_1_auth_asym_id 
_pdbx_struct_sheet_hbond.range_1_auth_seq_id 
_pdbx_struct_sheet_hbond.range_2_label_atom_id 
_pdbx_struct_sheet_hbond.range_2_label_comp_id 
_pdbx_struct_sheet_hbond.range_2_label_asym_id 
_pdbx_struct_sheet_hbond.range_2_label_seq_id 
_pdbx_struct_sheet_hbond.range_2_PDB_ins_code 
_pdbx_struct_sheet_hbond.range_2_auth_atom_id 
_pdbx_struct_sheet_hbond.range_2_auth_comp_id 
_pdbx_struct_sheet_hbond.range_2_auth_asym_id 
_pdbx_struct_sheet_hbond.range_2_auth_seq_id 
A 1 2 O THR A 73  ? O THR A 73  N ILE A 61  ? N ILE A 61  
A 2 3 O ILE A 60  ? O ILE A 60  N VAL A 40  ? N VAL A 40  
A 3 4 N ILE A 41  ? N ILE A 41  O ILE A 94  ? O ILE A 94  
A 4 5 O VAL A 93  ? O VAL A 93  N SER A 3   ? N SER A 3   
A 5 6 N LEU A 8   ? N LEU A 8   O THR A 113 ? O THR A 113 
A 6 7 N LEU A 112 ? N LEU A 112 O GLU A 154 ? O GLU A 154 
A 7 8 O TYR A 151 ? O TYR A 151 N HIS A 141 ? N HIS A 141 
# 
loop_
_struct_site.id 
_struct_site.pdbx_evidence_code 
_struct_site.pdbx_auth_asym_id 
_struct_site.pdbx_auth_comp_id 
_struct_site.pdbx_auth_seq_id 
_struct_site.pdbx_auth_ins_code 
_struct_site.pdbx_num_residues 
_struct_site.details 
AC1 Software A FOL 201 ? 16 'BINDING SITE FOR RESIDUE FOL A 201' 
AC2 Software A NAP 202 ? 20 'BINDING SITE FOR RESIDUE NAP A 202' 
# 
loop_
_struct_site_gen.id 
_struct_site_gen.site_id 
_struct_site_gen.pdbx_num_res 
_struct_site_gen.label_comp_id 
_struct_site_gen.label_asym_id 
_struct_site_gen.label_seq_id 
_struct_site_gen.pdbx_auth_ins_code 
_struct_site_gen.auth_comp_id 
_struct_site_gen.auth_asym_id 
_struct_site_gen.auth_seq_id 
_struct_site_gen.label_atom_id 
_struct_site_gen.label_alt_id 
_struct_site_gen.symmetry 
_struct_site_gen.details 
1  AC1 16 ILE A 5   ? ILE A 5   . ? 1_555 ? 
2  AC1 16 ALA A 6   ? ALA A 6   . ? 1_555 ? 
3  AC1 16 ALA A 7   ? ALA A 7   . ? 1_555 ? 
4  AC1 16 ASP A 27  ? ASP A 27  . ? 1_555 ? 
5  AC1 16 LEU A 28  ? LEU A 28  . ? 1_555 ? 
6  AC1 16 ALA A 29  ? ALA A 29  . ? 1_555 ? 
7  AC1 16 PHE A 31  ? PHE A 31  . ? 1_555 ? 
8  AC1 16 LYS A 32  ? LYS A 32  . ? 1_555 ? 
9  AC1 16 ILE A 50  ? ILE A 50  . ? 1_555 ? 
10 AC1 16 ARG A 57  ? ARG A 57  . ? 1_555 ? 
11 AC1 16 ILE A 94  ? ILE A 94  . ? 1_555 ? 
12 AC1 16 TYR A 100 ? TYR A 100 . ? 1_555 ? 
13 AC1 16 THR A 113 ? THR A 113 . ? 1_555 ? 
14 AC1 16 HOH D .   ? HOH A 302 . ? 1_555 ? 
15 AC1 16 HOH D .   ? HOH A 355 . ? 1_555 ? 
16 AC1 16 HOH D .   ? HOH A 376 . ? 1_555 ? 
17 AC2 20 GLY A 43  ? GLY A 43  . ? 1_555 ? 
18 AC2 20 ARG A 44  ? ARG A 44  . ? 1_555 ? 
19 AC2 20 HIS A 45  ? HIS A 45  . ? 1_555 ? 
20 AC2 20 THR A 46  ? THR A 46  . ? 1_555 ? 
21 AC2 20 LEU A 62  ? LEU A 62  . ? 1_555 ? 
22 AC2 20 SER A 63  ? SER A 63  . ? 1_555 ? 
23 AC2 20 SER A 64  ? SER A 64  . ? 1_555 ? 
24 AC2 20 LYS A 76  ? LYS A 76  . ? 1_555 ? 
25 AC2 20 ASP A 79  ? ASP A 79  . ? 3_555 ? 
26 AC2 20 GLY A 96  ? GLY A 96  . ? 1_555 ? 
27 AC2 20 GLY A 97  ? GLY A 97  . ? 1_555 ? 
28 AC2 20 ARG A 98  ? ARG A 98  . ? 1_555 ? 
29 AC2 20 VAL A 99  ? VAL A 99  . ? 1_555 ? 
30 AC2 20 GLN A 102 ? GLN A 102 . ? 1_555 ? 
31 AC2 20 HIS A 124 ? HIS A 124 . ? 1_555 ? 
32 AC2 20 HOH D .   ? HOH A 324 . ? 1_555 ? 
33 AC2 20 HOH D .   ? HOH A 328 . ? 1_555 ? 
34 AC2 20 HOH D .   ? HOH A 334 . ? 3_555 ? 
35 AC2 20 HOH D .   ? HOH A 429 . ? 1_555 ? 
36 AC2 20 HOH D .   ? HOH A 455 . ? 1_555 ? 
# 
_atom_sites.entry_id                    4QLF 
_atom_sites.fract_transf_matrix[1][1]   0.02160284 
_atom_sites.fract_transf_matrix[1][2]   0.02057656 
_atom_sites.fract_transf_matrix[1][3]   0.00126560 
_atom_sites.fract_transf_matrix[2][1]   -0.01988644 
_atom_sites.fract_transf_matrix[2][2]   0.02057137 
_atom_sites.fract_transf_matrix[2][3]   0.00499019 
_atom_sites.fract_transf_matrix[3][1]   0.00065839 
_atom_sites.fract_transf_matrix[3][2]   -0.00114222 
_atom_sites.fract_transf_matrix[3][3]   0.00733242 
_atom_sites.fract_transf_vector[1]      -0.189882 
_atom_sites.fract_transf_vector[2]      -0.446870 
_atom_sites.fract_transf_vector[3]      0.140792 
# 
loop_
_atom_type.symbol 
C 
N 
O 
P 
S 
# 
loop_
_atom_site.group_PDB 
_atom_site.id 
_atom_site.type_symbol 
_atom_site.label_atom_id 
_atom_site.label_alt_id 
_atom_site.label_comp_id 
_atom_site.label_asym_id 
_atom_site.label_entity_id 
_atom_site.label_seq_id 
_atom_site.pdbx_PDB_ins_code 
_atom_site.Cartn_x 
_atom_site.Cartn_y 
_atom_site.Cartn_z 
_atom_site.occupancy 
_atom_site.B_iso_or_equiv 
_atom_site.pdbx_formal_charge 
_atom_site.auth_seq_id 
_atom_site.auth_comp_id 
_atom_site.auth_asym_id 
_atom_site.auth_atom_id 
_atom_site.pdbx_PDB_model_num 
ATOM   1    N N   . MET A 1 1   ? 9.014   -12.674 -3.910  1.00 21.79 ?  1   MET A N   1 
ATOM   2    C CA  . MET A 1 1   ? 9.333   -11.221 -4.139  1.00 18.62 ?  1   MET A CA  1 
ATOM   3    C C   . MET A 1 1   ? 8.402   -10.310 -3.368  1.00 15.61 ?  1   MET A C   1 
ATOM   4    O O   . MET A 1 1   ? 7.272   -10.677 -3.077  1.00 16.46 ?  1   MET A O   1 
ATOM   5    C CB  . MET A 1 1   ? 9.301   -10.783 -5.609  1.00 24.59 ?  1   MET A CB  1 
ATOM   6    C CG  . MET A 1 1   ? 7.833   -10.473 -6.088  1.00 34.89 ?  1   MET A CG  1 
ATOM   7    S SD  . MET A 1 1   ? 7.674   -9.431  -7.518  1.00 71.85 ?  1   MET A SD  1 
ATOM   8    C CE  . MET A 1 1   ? 8.952   -10.287 -8.454  1.00 61.33 ?  1   MET A CE  1 
ATOM   9    N N   . ILE A 1 2   ? 8.889   -9.135  -3.059  1.00 10.55 ?  2   ILE A N   1 
ATOM   10   C CA  . ILE A 1 2   ? 8.196   -8.136  -2.247  1.00 9.79  ?  2   ILE A CA  1 
ATOM   11   C C   . ILE A 1 2   ? 7.765   -7.012  -3.111  1.00 9.46  ?  2   ILE A C   1 
ATOM   12   O O   . ILE A 1 2   ? 8.539   -6.445  -3.937  1.00 9.52  ?  2   ILE A O   1 
ATOM   13   C CB  . ILE A 1 2   ? 9.093   -7.605  -1.109  1.00 11.17 ?  2   ILE A CB  1 
ATOM   14   C CG1 . ILE A 1 2   ? 9.442   -8.785  -0.198  1.00 11.86 ?  2   ILE A CG1 1 
ATOM   15   C CG2 . ILE A 1 2   ? 8.421   -6.421  -0.373  1.00 13.06 ?  2   ILE A CG2 1 
ATOM   16   C CD1 . ILE A 1 2   ? 10.571  -8.538  0.791   1.00 11.06 ?  2   ILE A CD1 1 
ATOM   17   N N   . SER A 1 3   ? 6.507   -6.614  -2.948  1.00 8.17  ?  3   SER A N   1 
ATOM   18   C CA  . SER A 1 3   ? 5.870   -5.471  -3.605  1.00 8.73  ?  3   SER A CA  1 
ATOM   19   C C   . SER A 1 3   ? 5.267   -4.536  -2.602  1.00 8.30  ?  3   SER A C   1 
ATOM   20   O O   . SER A 1 3   ? 4.847   -4.977  -1.522  1.00 9.16  ?  3   SER A O   1 
ATOM   21   C CB  . SER A 1 3   ? 4.797   -5.895  -4.544  1.00 8.89  ?  3   SER A CB  1 
ATOM   22   O OG  . SER A 1 3   ? 5.310   -6.830  -5.553  1.00 9.82  ?  3   SER A OG  1 
ATOM   23   N N   . LEU A 1 4   ? 5.247   -3.277  -2.905  1.00 8.48  ?  4   LEU A N   1 
ATOM   24   C CA  . LEU A 1 4   ? 4.549   -2.209  -2.140  1.00 7.81  ?  4   LEU A CA  1 
ATOM   25   C C   . LEU A 1 4   ? 3.354   -1.783  -2.946  1.00 7.09  ?  4   LEU A C   1 
ATOM   26   O O   . LEU A 1 4   ? 3.428   -1.656  -4.172  1.00 7.23  ?  4   LEU A O   1 
ATOM   27   C CB  . LEU A 1 4   ? 5.407   -0.951  -1.896  1.00 8.40  ?  4   LEU A CB  1 
ATOM   28   C CG  . LEU A 1 4   ? 6.509   -1.067  -0.853  1.00 12.57 ?  4   LEU A CG  1 
ATOM   29   C CD1 . LEU A 1 4   ? 7.147   -2.358  -0.496  1.00 11.08 ?  4   LEU A CD1 1 
ATOM   30   C CD2 . LEU A 1 4   ? 7.348   0.187   -0.788  1.00 11.00 ?  4   LEU A CD2 1 
ATOM   31   N N   . ILE A 1 5   ? 2.242   -1.515  -2.300  1.00 7.45  ?  5   ILE A N   1 
ATOM   32   C CA  . ILE A 1 5   ? 1.064   -0.933  -2.921  1.00 7.20  ?  5   ILE A CA  1 
ATOM   33   C C   . ILE A 1 5   ? 0.583   0.250   -2.117  1.00 7.99  ?  5   ILE A C   1 
ATOM   34   O O   . ILE A 1 5   ? 0.487   0.177   -0.900  1.00 7.80  ?  5   ILE A O   1 
ATOM   35   C CB  . ILE A 1 5   ? -0.053  -1.951  -3.132  1.00 7.57  ?  5   ILE A CB  1 
ATOM   36   C CG1 . ILE A 1 5   ? -1.197  -1.341  -3.870  1.00 7.57  ?  5   ILE A CG1 1 
ATOM   37   C CG2 . ILE A 1 5   ? -0.526  -2.716  -1.849  1.00 7.48  ?  5   ILE A CG2 1 
ATOM   38   C CD1 . ILE A 1 5   ? -2.135  -2.353  -4.484  1.00 7.74  ?  5   ILE A CD1 1 
ATOM   39   N N   . ALA A 1 6   ? 0.310   1.354   -2.752  1.00 8.54  ?  6   ALA A N   1 
ATOM   40   C CA  . ALA A 1 6   ? -0.009  2.621   -2.098  1.00 8.80  ?  6   ALA A CA  1 
ATOM   41   C C   . ALA A 1 6   ? -0.733  3.564   -3.018  1.00 9.72  ?  6   ALA A C   1 
ATOM   42   O O   . ALA A 1 6   ? -0.592  3.439   -4.236  1.00 9.17  ?  6   ALA A O   1 
ATOM   43   C CB  . ALA A 1 6   ? 1.258   3.338   -1.687  1.00 9.26  ?  6   ALA A CB  1 
ATOM   44   N N   . ALA A 1 7   ? -1.433  4.486   -2.413  1.00 12.31 ?  7   ALA A N   1 
ATOM   45   C CA  . ALA A 1 7   ? -2.087  5.641   -3.088  1.00 12.88 ?  7   ALA A CA  1 
ATOM   46   C C   . ALA A 1 7   ? -1.359  6.917   -2.757  1.00 15.34 ?  7   ALA A C   1 
ATOM   47   O O   . ALA A 1 7   ? -1.061  7.151   -1.573  1.00 17.30 ?  7   ALA A O   1 
ATOM   48   C CB  . ALA A 1 7   ? -3.569  5.659   -2.736  1.00 15.55 ?  7   ALA A CB  1 
ATOM   49   N N   . LEU A 1 8   ? -1.084  7.746   -3.758  1.00 14.76 ?  8   LEU A N   1 
ATOM   50   C CA  . LEU A 1 8   ? -0.167  8.891   -3.628  1.00 17.67 ?  8   LEU A CA  1 
ATOM   51   C C   . LEU A 1 8   ? -0.944  10.167  -4.127  1.00 20.83 ?  8   LEU A C   1 
ATOM   52   O O   . LEU A 1 8   ? -1.673  10.113  -5.134  1.00 19.55 ?  8   LEU A O   1 
ATOM   53   C CB  . LEU A 1 8   ? 1.125   8.740   -4.470  1.00 21.43 ?  8   LEU A CB  1 
ATOM   54   C CG  . LEU A 1 8   ? 2.272   7.863   -3.988  1.00 25.51 ?  8   LEU A CG  1 
ATOM   55   C CD1 . LEU A 1 8   ? 1.792   6.506   -3.571  1.00 31.29 ?  8   LEU A CD1 1 
ATOM   56   C CD2 . LEU A 1 8   ? 3.299   7.724   -5.120  1.00 27.92 ?  8   LEU A CD2 1 
ATOM   57   N N   . ALA A 1 9   ? -0.892  11.273  -3.406  1.00 23.14 ?  9   ALA A N   1 
ATOM   58   C CA  . ALA A 1 9   ? -1.466  12.569  -3.955  1.00 23.74 ?  9   ALA A CA  1 
ATOM   59   C C   . ALA A 1 9   ? -0.310  13.499  -4.210  1.00 30.68 ?  9   ALA A C   1 
ATOM   60   O O   . ALA A 1 9   ? 0.795   13.195  -3.812  1.00 36.53 ?  9   ALA A O   1 
ATOM   61   C CB  . ALA A 1 9   ? -2.414  13.208  -2.944  1.00 28.01 ?  9   ALA A CB  1 
ATOM   62   N N   . VAL A 1 10  ? -0.536  14.661  -4.825  1.00 35.71 ?  10  VAL A N   1 
ATOM   63   C CA  . VAL A 1 10  ? 0.589   15.627  -5.054  1.00 44.06 ?  10  VAL A CA  1 
ATOM   64   C C   . VAL A 1 10  ? 0.902   16.509  -3.810  1.00 43.57 ?  10  VAL A C   1 
ATOM   65   O O   . VAL A 1 10  ? -0.027  17.097  -3.198  1.00 35.83 ?  10  VAL A O   1 
ATOM   66   C CB  . VAL A 1 10  ? 0.283   16.515  -6.290  1.00 52.95 ?  10  VAL A CB  1 
ATOM   67   C CG1 . VAL A 1 10  ? 1.418   17.515  -6.544  1.00 53.94 ?  10  VAL A CG1 1 
ATOM   68   C CG2 . VAL A 1 10  ? 0.022   15.619  -7.512  1.00 55.48 ?  10  VAL A CG2 1 
ATOM   69   N N   . ASP A 1 11  ? 2.182   16.608  -3.443  1.00 47.15 ?  11  ASP A N   1 
ATOM   70   C CA  . ASP A 1 11  ? 2.589   17.441  -2.290  1.00 57.84 ?  11  ASP A CA  1 
ATOM   71   C C   . ASP A 1 11  ? 2.677   18.934  -2.683  1.00 58.30 ?  11  ASP A C   1 
ATOM   72   O O   . ASP A 1 11  ? 3.361   19.298  -3.643  1.00 52.51 ?  11  ASP A O   1 
ATOM   73   C CB  . ASP A 1 11  ? 3.915   16.947  -1.696  1.00 65.50 ?  11  ASP A CB  1 
ATOM   74   C CG  . ASP A 1 11  ? 4.163   17.448  -0.258  1.00 71.13 ?  11  ASP A CG  1 
ATOM   75   O OD1 . ASP A 1 11  ? 3.622   18.523  0.149   1.00 70.36 ?  11  ASP A OD1 1 
ATOM   76   O OD2 . ASP A 1 11  ? 4.931   16.753  0.463   1.00 76.09 ?  11  ASP A OD2 1 
ATOM   77   N N   . ARG A 1 12  ? 1.986   19.788  -1.919  1.00 62.12 ?  12  ARG A N   1 
ATOM   78   C CA  . ARG A 1 12  ? 1.705   21.181  -2.330  1.00 65.44 ?  12  ARG A CA  1 
ATOM   79   C C   . ARG A 1 12  ? 1.378   22.051  -1.118  1.00 61.04 ?  12  ARG A C   1 
ATOM   80   O O   . ARG A 1 12  ? 0.372   21.823  -0.431  1.00 49.21 ?  12  ARG A O   1 
ATOM   81   C CB  . ARG A 1 12  ? 0.511   21.211  -3.310  1.00 71.73 ?  12  ARG A CB  1 
ATOM   82   C CG  . ARG A 1 12  ? 0.167   22.568  -3.937  1.00 74.12 ?  12  ARG A CG  1 
ATOM   83   C CD  . ARG A 1 12  ? 1.241   23.088  -4.887  1.00 79.64 ?  12  ARG A CD  1 
ATOM   84   N NE  . ARG A 1 12  ? 1.976   22.014  -5.577  1.00 87.14 ?  12  ARG A NE  1 
ATOM   85   C CZ  . ARG A 1 12  ? 1.709   21.525  -6.792  1.00 87.26 ?  12  ARG A CZ  1 
ATOM   86   N NH1 . ARG A 1 12  ? 0.702   21.995  -7.528  1.00 91.11 ?  12  ARG A NH1 1 
ATOM   87   N NH2 . ARG A 1 12  ? 2.472   20.550  -7.284  1.00 83.22 ?  12  ARG A NH2 1 
ATOM   88   N N   . VAL A 1 13  ? 2.234   23.038  -0.858  1.00 56.86 ?  13  VAL A N   1 
ATOM   89   C CA  . VAL A 1 13  ? 1.920   24.073  0.137   1.00 60.53 ?  13  VAL A CA  1 
ATOM   90   C C   . VAL A 1 13  ? 0.616   24.761  -0.286  1.00 56.16 ?  13  VAL A C   1 
ATOM   91   O O   . VAL A 1 13  ? 0.499   25.203  -1.429  1.00 60.03 ?  13  VAL A O   1 
ATOM   92   C CB  . VAL A 1 13  ? 3.095   25.087  0.306   1.00 62.62 ?  13  VAL A CB  1 
ATOM   93   C CG1 . VAL A 1 13  ? 2.625   26.465  0.797   1.00 58.69 ?  13  VAL A CG1 1 
ATOM   94   C CG2 . VAL A 1 13  ? 4.153   24.492  1.238   1.00 64.21 ?  13  VAL A CG2 1 
ATOM   95   N N   . GLY A 1 14  ? -0.360  24.821  0.625   1.00 56.02 ?  14  GLY A N   1 
ATOM   96   C CA  . GLY A 1 14  ? -1.703  25.362  0.323   1.00 53.90 ?  14  GLY A CA  1 
ATOM   97   C C   . GLY A 1 14  ? -2.751  24.304  -0.054  1.00 52.12 ?  14  GLY A C   1 
ATOM   98   O O   . GLY A 1 14  ? -3.929  24.640  -0.236  1.00 48.88 ?  14  GLY A O   1 
ATOM   99   N N   . GLY A 1 15  ? -2.332  23.035  -0.195  1.00 47.90 ?  15  GLY A N   1 
ATOM   100  C CA  . GLY A 1 15  ? -3.258  21.944  -0.526  1.00 39.99 ?  15  GLY A CA  1 
ATOM   101  C C   . GLY A 1 15  ? -4.085  21.549  0.690   1.00 35.07 ?  15  GLY A C   1 
ATOM   102  O O   . GLY A 1 15  ? -3.895  22.086  1.789   1.00 35.73 ?  15  GLY A O   1 
ATOM   103  N N   . MET A 1 16  ? -4.999  20.611  0.491   1.00 31.57 ?  16  MET A N   1 
ATOM   104  C CA  . MET A 1 16  ? -5.803  20.047  1.587   1.00 32.84 ?  16  MET A CA  1 
ATOM   105  C C   . MET A 1 16  ? -4.940  19.402  2.703   1.00 29.52 ?  16  MET A C   1 
ATOM   106  O O   . MET A 1 16  ? -3.866  18.842  2.481   1.00 27.83 ?  16  MET A O   1 
ATOM   107  C CB  . MET A 1 16  ? -6.717  18.893  1.071   1.00 32.81 ?  16  MET A CB  1 
ATOM   108  C CG  . MET A 1 16  ? -7.955  19.307  0.279   1.00 37.25 ?  16  MET A CG  1 
ATOM   109  S SD  . MET A 1 16  ? -9.017  17.927  -0.233  1.00 34.03 ?  16  MET A SD  1 
ATOM   110  C CE  . MET A 1 16  ? -8.398  17.497  -1.885  1.00 40.18 ?  16  MET A CE  1 
ATOM   111  N N   . GLU A 1 17  ? -5.459  19.418  3.921   1.00 24.23 ?  17  GLU A N   1 
ATOM   112  C CA  . GLU A 1 17  ? -4.937  18.478  4.903   1.00 26.81 ?  17  GLU A CA  1 
ATOM   113  C C   . GLU A 1 17  ? -5.138  17.015  4.409   1.00 27.00 ?  17  GLU A C   1 
ATOM   114  O O   . GLU A 1 17  ? -6.056  16.668  3.613   1.00 29.77 ?  17  GLU A O   1 
ATOM   115  C CB  . GLU A 1 17  ? -5.642  18.682  6.235   1.00 26.49 ?  17  GLU A CB  1 
ATOM   116  C CG  . GLU A 1 17  ? -5.329  19.968  6.954   1.00 28.24 ?  17  GLU A CG  1 
ATOM   117  C CD  . GLU A 1 17  ? -5.853  19.885  8.396   1.00 30.90 ?  17  GLU A CD  1 
ATOM   118  O OE1 . GLU A 1 17  ? -6.027  20.935  9.099   1.00 35.46 ?  17  GLU A OE1 1 
ATOM   119  O OE2 . GLU A 1 17  ? -6.083  18.740  8.852   1.00 32.66 ?  17  GLU A OE2 1 
ATOM   120  N N   . ASN A 1 18  ? -4.289  16.150  4.914   1.00 28.33 ?  18  ASN A N   1 
ATOM   121  C CA  . ASN A 1 18  ? -4.270  14.750  4.483   1.00 32.75 ?  18  ASN A CA  1 
ATOM   122  C C   . ASN A 1 18  ? -5.332  13.840  5.154   1.00 32.49 ?  18  ASN A C   1 
ATOM   123  O O   . ASN A 1 18  ? -5.366  12.623  4.891   1.00 34.36 ?  18  ASN A O   1 
ATOM   124  C CB  . ASN A 1 18  ? -2.840  14.184  4.693   1.00 38.25 ?  18  ASN A CB  1 
ATOM   125  C CG  . ASN A 1 18  ? -2.588  13.720  6.134   1.00 44.70 ?  18  ASN A CG  1 
ATOM   126  O OD1 . ASN A 1 18  ? -3.259  14.176  7.071   1.00 52.82 ?  18  ASN A OD1 1 
ATOM   127  N ND2 . ASN A 1 18  ? -1.621  12.805  6.317   1.00 44.83 ?  18  ASN A ND2 1 
ATOM   128  N N   . ALA A 1 19  ? -6.224  14.433  5.959   1.00 34.31 ?  19  ALA A N   1 
ATOM   129  C CA  . ALA A 1 19  ? -7.226  13.670  6.724   1.00 34.58 ?  19  ALA A CA  1 
ATOM   130  C C   . ALA A 1 19  ? -8.108  12.742  5.846   1.00 37.44 ?  19  ALA A C   1 
ATOM   131  O O   . ALA A 1 19  ? -8.140  11.514  6.081   1.00 32.69 ?  19  ALA A O   1 
ATOM   132  C CB  . ALA A 1 19  ? -8.123  14.639  7.517   1.00 37.69 ?  19  ALA A CB  1 
ATOM   133  N N   . MET A 1 20  ? -8.858  13.313  4.886   1.00 32.96 ?  20  MET A N   1 
ATOM   134  C CA  . MET A 1 20  ? -9.544  12.428  3.930   1.00 32.66 ?  20  MET A CA  1 
ATOM   135  C C   . MET A 1 20  ? -9.804  13.096  2.584   1.00 31.23 ?  20  MET A C   1 
ATOM   136  O O   . MET A 1 20  ? -10.915 13.589  2.298   1.00 27.26 ?  20  MET A O   1 
ATOM   137  C CB  . MET A 1 20  ? -10.799 11.836  4.510   1.00 38.48 ?  20  MET A CB  1 
ATOM   138  C CG  . MET A 1 20  ? -11.755 12.836  5.072   1.00 37.60 ?  20  MET A CG  1 
ATOM   139  S SD  . MET A 1 20  ? -13.206 11.879  5.590   1.00 42.95 ?  20  MET A SD  1 
ATOM   140  C CE  . MET A 1 20  ? -13.323 10.446  4.480   1.00 43.92 ?  20  MET A CE  1 
ATOM   141  N N   . PRO A 1 21  ? -8.753  13.164  1.764   1.00 32.40 ?  21  PRO A N   1 
ATOM   142  C CA  . PRO A 1 21  ? -8.897  14.146  0.661   1.00 31.89 ?  21  PRO A CA  1 
ATOM   143  C C   . PRO A 1 21  ? -9.675  13.639  -0.549  1.00 31.91 ?  21  PRO A C   1 
ATOM   144  O O   . PRO A 1 21  ? -10.157 14.459  -1.342  1.00 33.40 ?  21  PRO A O   1 
ATOM   145  C CB  . PRO A 1 21  ? -7.422  14.499  0.292   1.00 33.34 ?  21  PRO A CB  1 
ATOM   146  C CG  . PRO A 1 21  ? -6.611  13.994  1.448   1.00 32.76 ?  21  PRO A CG  1 
ATOM   147  C CD  . PRO A 1 21  ? -7.331  12.813  2.037   1.00 31.63 ?  21  PRO A CD  1 
ATOM   148  N N   . TRP A 1 22  ? -9.796  12.312  -0.665  1.00 26.59 ?  22  TRP A N   1 
ATOM   149  C CA  . TRP A 1 22  ? -10.408 11.693  -1.805  1.00 25.75 ?  22  TRP A CA  1 
ATOM   150  C C   . TRP A 1 22  ? -11.326 10.539  -1.380  1.00 24.09 ?  22  TRP A C   1 
ATOM   151  O O   . TRP A 1 22  ? -11.218 9.935   -0.296  1.00 23.43 ?  22  TRP A O   1 
ATOM   152  C CB  . TRP A 1 22  ? -9.321  11.180  -2.807  1.00 26.66 ?  22  TRP A CB  1 
ATOM   153  C CG  . TRP A 1 22  ? -8.430  10.087  -2.255  1.00 26.09 ?  22  TRP A CG  1 
ATOM   154  C CD1 . TRP A 1 22  ? -8.754  8.752   -2.090  1.00 26.61 ?  22  TRP A CD1 1 
ATOM   155  C CD2 . TRP A 1 22  ? -7.091  10.228  -1.793  1.00 28.94 ?  22  TRP A CD2 1 
ATOM   156  N NE1 . TRP A 1 22  ? -7.707  8.066   -1.551  1.00 29.99 ?  22  TRP A NE1 1 
ATOM   157  C CE2 . TRP A 1 22  ? -6.678  8.947   -1.326  1.00 26.80 ?  22  TRP A CE2 1 
ATOM   158  C CE3 . TRP A 1 22  ? -6.195  11.285  -1.750  1.00 30.45 ?  22  TRP A CE3 1 
ATOM   159  C CZ2 . TRP A 1 22  ? -5.393  8.710   -0.812  1.00 29.15 ?  22  TRP A CZ2 1 
ATOM   160  C CZ3 . TRP A 1 22  ? -4.937  11.076  -1.191  1.00 34.18 ?  22  TRP A CZ3 1 
ATOM   161  C CH2 . TRP A 1 22  ? -4.547  9.785   -0.740  1.00 34.97 ?  22  TRP A CH2 1 
ATOM   162  N N   . ASN A 1 23  ? -12.155 10.153  -2.326  1.00 24.26 ?  23  ASN A N   1 
ATOM   163  C CA  . ASN A 1 23  ? -12.977 8.982   -2.206  1.00 22.48 ?  23  ASN A CA  1 
ATOM   164  C C   . ASN A 1 23  ? -12.900 8.264   -3.510  1.00 23.11 ?  23  ASN A C   1 
ATOM   165  O O   . ASN A 1 23  ? -13.471 8.750   -4.546  1.00 24.17 ?  23  ASN A O   1 
ATOM   166  C CB  . ASN A 1 23  ? -14.415 9.422   -1.936  1.00 25.13 ?  23  ASN A CB  1 
ATOM   167  C CG  . ASN A 1 23  ? -15.411 8.301   -2.058  1.00 27.14 ?  23  ASN A CG  1 
ATOM   168  O OD1 . ASN A 1 23  ? -15.306 7.275   -1.378  1.00 25.64 ?  23  ASN A OD1 1 
ATOM   169  N ND2 . ASN A 1 23  ? -16.426 8.508   -2.904  1.00 29.12 ?  23  ASN A ND2 1 
ATOM   170  N N   . LEU A 1 24  ? -12.255 7.093   -3.476  1.00 20.49 ?  24  LEU A N   1 
ATOM   171  C CA  . LEU A 1 24  ? -12.007 6.325   -4.685  1.00 17.75 ?  24  LEU A CA  1 
ATOM   172  C C   . LEU A 1 24  ? -12.273 4.884   -4.537  1.00 14.86 ?  24  LEU A C   1 
ATOM   173  O O   . LEU A 1 24  ? -11.353 4.020   -4.444  1.00 14.25 ?  24  LEU A O   1 
ATOM   174  C CB  . LEU A 1 24  ? -10.591 6.575   -5.190  1.00 18.09 ?  24  LEU A CB  1 
ATOM   175  C CG  . LEU A 1 24  ? -10.120 7.965   -5.549  1.00 19.90 ?  24  LEU A CG  1 
ATOM   176  C CD1 . LEU A 1 24  ? -8.614  8.027   -5.938  1.00 21.20 ?  24  LEU A CD1 1 
ATOM   177  C CD2 . LEU A 1 24  ? -10.896 8.452   -6.745  1.00 21.00 ?  24  LEU A CD2 1 
ATOM   178  N N   . PRO A 1 25  ? -13.542 4.450   -4.652  1.00 13.19 ?  25  PRO A N   1 
ATOM   179  C CA  . PRO A 1 25  ? -13.843 3.064   -4.777  1.00 12.94 ?  25  PRO A CA  1 
ATOM   180  C C   . PRO A 1 25  ? -13.063 2.311   -5.871  1.00 11.99 ?  25  PRO A C   1 
ATOM   181  O O   . PRO A 1 25  ? -12.860 1.057   -5.767  1.00 14.36 ?  25  PRO A O   1 
ATOM   182  C CB  . PRO A 1 25  ? -15.368 3.072   -5.077  1.00 14.77 ?  25  PRO A CB  1 
ATOM   183  C CG  . PRO A 1 25  ? -15.781 4.462   -5.203  1.00 16.05 ?  25  PRO A CG  1 
ATOM   184  C CD  . PRO A 1 25  ? -14.738 5.325   -4.648  1.00 14.03 ?  25  PRO A CD  1 
ATOM   185  N N   . ALA A 1 26  ? -12.816 2.974   -7.012  1.00 12.24 ?  26  ALA A N   1 
ATOM   186  C CA  . ALA A 1 26  ? -12.078 2.315   -8.057  1.00 11.74 ?  26  ALA A CA  1 
ATOM   187  C C   . ALA A 1 26  ? -10.677 1.885   -7.646  1.00 11.85 ?  26  ALA A C   1 
ATOM   188  O O   . ALA A 1 26  ? -10.150 0.882   -8.094  1.00 13.52 ?  26  ALA A O   1 
ATOM   189  C CB  . ALA A 1 26  ? -12.007 3.239   -9.270  1.00 12.57 ?  26  ALA A CB  1 
ATOM   190  N N   . ASP A 1 27  ? -10.108 2.739   -6.837  1.00 11.67 ?  27  ASP A N   1 
ATOM   191  C CA  . ASP A 1 27  ? -8.802  2.524   -6.192  1.00 11.87 ?  27  ASP A CA  1 
ATOM   192  C C   . ASP A 1 27  ? -8.865  1.373   -5.198  1.00 13.24 ?  27  ASP A C   1 
ATOM   193  O O   . ASP A 1 27  ? -7.949  0.504   -5.236  1.00 11.79 ?  27  ASP A O   1 
ATOM   194  C CB  . ASP A 1 27  ? -8.093  3.777   -5.635  1.00 15.26 ?  27  ASP A CB  1 
ATOM   195  C CG  . ASP A 1 27  ? -6.803  3.433   -4.972  1.00 16.87 ?  27  ASP A CG  1 
ATOM   196  O OD1 . ASP A 1 27  ? -5.921  2.919   -5.655  1.00 14.43 ?  27  ASP A OD1 1 
ATOM   197  O OD2 . ASP A 1 27  ? -6.701  3.633   -3.780  1.00 20.05 ?  27  ASP A OD2 1 
ATOM   198  N N   . LEU A 1 28  ? -9.935  1.250   -4.392  1.00 12.96 ?  28  LEU A N   1 
ATOM   199  C CA  . LEU A 1 28  ? -10.028 0.120   -3.504  1.00 13.83 ?  28  LEU A CA  1 
ATOM   200  C C   . LEU A 1 28  ? -10.240 -1.192  -4.249  1.00 11.47 ?  28  LEU A C   1 
ATOM   201  O O   . LEU A 1 28  ? -9.717  -2.196  -3.917  1.00 11.49 ?  28  LEU A O   1 
ATOM   202  C CB  . LEU A 1 28  ? -11.132 0.309   -2.483  1.00 17.53 ?  28  LEU A CB  1 
ATOM   203  C CG  . LEU A 1 28  ? -10.738 1.328   -1.449  1.00 23.12 ?  28  LEU A CG  1 
ATOM   204  C CD1 . LEU A 1 28  ? -11.933 1.544   -0.513  1.00 31.17 ?  28  LEU A CD1 1 
ATOM   205  C CD2 . LEU A 1 28  ? -9.555  0.872   -0.625  1.00 22.92 ?  28  LEU A CD2 1 
ATOM   206  N N   . ALA A 1 29  ? -10.925 -1.172  -5.406  1.00 11.55 ?  29  ALA A N   1 
ATOM   207  C CA  . ALA A 1 29  ? -11.091 -2.334  -6.279  1.00 11.74 ?  29  ALA A CA  1 
ATOM   208  C C   . ALA A 1 29  ? -9.741  -2.815  -6.907  1.00 11.45 ?  29  ALA A C   1 
ATOM   209  O O   . ALA A 1 29  ? -9.432  -4.018  -6.930  1.00 11.99 ?  29  ALA A O   1 
ATOM   210  C CB  . ALA A 1 29  ? -12.121 -2.058  -7.396  1.00 13.75 ?  29  ALA A CB  1 
ATOM   211  N N   . TRP A 1 30  ? -8.913  -1.821  -7.270  1.00 11.80 ?  30  TRP A N   1 
ATOM   212  C CA  . TRP A 1 30  ? -7.538  -2.118  -7.770  1.00 10.69 ?  30  TRP A CA  1 
ATOM   213  C C   . TRP A 1 30  ? -6.666  -2.732  -6.635  1.00 11.27 ?  30  TRP A C   1 
ATOM   214  O O   . TRP A 1 30  ? -5.957  -3.700  -6.861  1.00 10.00 ?  30  TRP A O   1 
ATOM   215  C CB  . TRP A 1 30  ? -6.940  -0.864  -8.330  1.00 12.00 ?  30  TRP A CB  1 
ATOM   216  C CG  . TRP A 1 30  ? -5.448  -0.800  -8.421  1.00 10.96 ?  30  TRP A CG  1 
ATOM   217  C CD1 . TRP A 1 30  ? -4.631  -0.313  -7.459  1.00 12.02 ?  30  TRP A CD1 1 
ATOM   218  C CD2 . TRP A 1 30  ? -4.636  -1.140  -9.532  1.00 10.91 ?  30  TRP A CD2 1 
ATOM   219  N NE1 . TRP A 1 30  ? -3.320  -0.325  -7.887  1.00 11.30 ?  30  TRP A NE1 1 
ATOM   220  C CE2 . TRP A 1 30  ? -3.314  -0.783  -9.186  1.00 10.59 ?  30  TRP A CE2 1 
ATOM   221  C CE3 . TRP A 1 30  ? -4.881  -1.590  -10.796 1.00 10.94 ?  30  TRP A CE3 1 
ATOM   222  C CZ2 . TRP A 1 30  ? -2.235  -0.999  -10.086 1.00 9.82  ?  30  TRP A CZ2 1 
ATOM   223  C CZ3 . TRP A 1 30  ? -3.844  -1.860  -11.631 1.00 10.88 ?  30  TRP A CZ3 1 
ATOM   224  C CH2 . TRP A 1 30  ? -2.515  -1.513  -11.286 1.00 11.17 ?  30  TRP A CH2 1 
ATOM   225  N N   . PHE A 1 31  ? -6.802  -2.170  -5.434  1.00 10.54 ?  31  PHE A N   1 
ATOM   226  C CA  . PHE A 1 31  ? -6.117  -2.689  -4.277  1.00 9.64  ?  31  PHE A CA  1 
ATOM   227  C C   . PHE A 1 31  ? -6.512  -4.112  -4.029  1.00 9.55  ?  31  PHE A C   1 
ATOM   228  O O   . PHE A 1 31  ? -5.649  -5.010  -3.840  1.00 8.99  ?  31  PHE A O   1 
ATOM   229  C CB  . PHE A 1 31  ? -6.419  -1.830  -3.095  1.00 10.12 ?  31  PHE A CB  1 
ATOM   230  C CG  . PHE A 1 31  ? -5.901  -2.356  -1.810  1.00 9.86  ?  31  PHE A CG  1 
ATOM   231  C CD1 . PHE A 1 31  ? -4.635  -2.038  -1.359  1.00 9.53  ?  31  PHE A CD1 1 
ATOM   232  C CD2 . PHE A 1 31  ? -6.658  -3.266  -1.055  1.00 9.53  ?  31  PHE A CD2 1 
ATOM   233  C CE1 . PHE A 1 31  ? -4.174  -2.516  -0.146  1.00 10.28 ?  31  PHE A CE1 1 
ATOM   234  C CE2 . PHE A 1 31  ? -6.174  -3.784  0.168   1.00 9.52  ?  31  PHE A CE2 1 
ATOM   235  C CZ  . PHE A 1 31  ? -4.947  -3.389  0.616   1.00 10.58 ?  31  PHE A CZ  1 
ATOM   236  N N   . LYS A 1 32  ? -7.819  -4.415  -4.022  1.00 9.41  ?  32  LYS A N   1 
ATOM   237  C CA  . LYS A 1 32  ? -8.314  -5.730  -3.770  1.00 10.63 ?  32  LYS A CA  1 
ATOM   238  C C   . LYS A 1 32  ? -7.841  -6.720  -4.812  1.00 10.89 ?  32  LYS A C   1 
ATOM   239  O O   . LYS A 1 32  ? -7.391  -7.869  -4.568  1.00 11.99 ?  32  LYS A O   1 
ATOM   240  C CB  . LYS A 1 32  ? -9.848  -5.680  -3.688  1.00 13.10 ?  32  LYS A CB  1 
ATOM   241  C CG  . LYS A 1 32  ? -10.417 -7.012  -3.394  1.00 16.57 ?  32  LYS A CG  1 
ATOM   242  C CD  . LYS A 1 32  ? -11.923 -6.852  -3.255  1.00 19.32 ?  32  LYS A CD  1 
ATOM   243  C CE  . LYS A 1 32  ? -12.445 -8.039  -2.537  1.00 25.49 ?  32  LYS A CE  1 
ATOM   244  N NZ  . LYS A 1 32  ? -12.493 -9.161  -3.459  1.00 32.57 ?  32  LYS A NZ  1 
ATOM   245  N N   . ARG A 1 33  ? -7.953  -6.331  -6.102  1.00 11.27 ?  33  ARG A N   1 
ATOM   246  C CA  . ARG A 1 33  ? -7.619  -7.201  -7.146  1.00 12.31 ?  33  ARG A CA  1 
ATOM   247  C C   . ARG A 1 33  ? -6.116  -7.598  -7.053  1.00 10.85 ?  33  ARG A C   1 
ATOM   248  O O   . ARG A 1 33  ? -5.695  -8.724  -7.331  1.00 13.37 ?  33  ARG A O   1 
ATOM   249  C CB  . ARG A 1 33  ? -7.907  -6.559  -8.524  1.00 16.34 ?  33  ARG A CB  1 
ATOM   250  C CG  . ARG A 1 33  ? -7.867  -7.563  -9.620  1.00 24.24 ?  33  ARG A CG  1 
ATOM   251  C CD  . ARG A 1 33  ? -8.389  -6.886  -10.904 1.00 28.32 ?  33  ARG A CD  1 
ATOM   252  N NE  . ARG A 1 33  ? -7.505  -5.773  -11.284 1.00 33.09 ?  33  ARG A NE  1 
ATOM   253  C CZ  . ARG A 1 33  ? -6.285  -5.912  -11.816 1.00 31.93 ?  33  ARG A CZ  1 
ATOM   254  N NH1 . ARG A 1 33  ? -5.737  -7.122  -12.031 1.00 37.91 ?  33  ARG A NH1 1 
ATOM   255  N NH2 . ARG A 1 33  ? -5.593  -4.854  -12.121 1.00 27.24 ?  33  ARG A NH2 1 
ATOM   256  N N   . ASN A 1 34  ? -5.290  -6.601  -6.768  1.00 11.22 ?  34  ASN A N   1 
ATOM   257  C CA  . ASN A 1 34  ? -3.871  -6.881  -6.708  1.00 10.75 ?  34  ASN A CA  1 
ATOM   258  C C   . ASN A 1 34  ? -3.313  -7.458  -5.407  1.00 10.86 ?  34  ASN A C   1 
ATOM   259  O O   . ASN A 1 34  ? -2.116  -7.844  -5.361  1.00 11.12 ?  34  ASN A O   1 
ATOM   260  C CB  . ASN A 1 34  ? -3.141  -5.608  -7.052  1.00 10.91 ?  34  ASN A CB  1 
ATOM   261  C CG  . ASN A 1 34  ? -3.226  -5.310  -8.530  1.00 12.06 ?  34  ASN A CG  1 
ATOM   262  O OD1 . ASN A 1 34  ? -2.704  -6.035  -9.351  1.00 12.18 ?  34  ASN A OD1 1 
ATOM   263  N ND2 . ASN A 1 34  ? -3.919  -4.215  -8.859  1.00 13.83 ?  34  ASN A ND2 1 
ATOM   264  N N   . THR A 1 35  ? -4.128  -7.520  -4.387  1.00 10.00 ?  35  THR A N   1 
ATOM   265  C CA  . THR A 1 35  ? -3.738  -8.157  -3.148  1.00 9.53  ?  35  THR A CA  1 
ATOM   266  C C   . THR A 1 35  ? -4.386  -9.503  -2.844  1.00 10.43 ?  35  THR A C   1 
ATOM   267  O O   . THR A 1 35  ? -3.904  -10.277 -2.047  1.00 10.92 ?  35  THR A O   1 
ATOM   268  C CB  . THR A 1 35  ? -3.926  -7.241  -1.930  1.00 10.21 ?  35  THR A CB  1 
ATOM   269  O OG1 . THR A 1 35  ? -5.313  -6.845  -1.773  1.00 10.65 ?  35  THR A OG1 1 
ATOM   270  C CG2 . THR A 1 35  ? -3.066  -5.990  -2.018  1.00 9.07  ?  35  THR A CG2 1 
ATOM   271  N N   . LEU A 1 36  ? -5.500  -9.848  -3.477  1.00 11.89 ?  36  LEU A N   1 
ATOM   272  C CA  . LEU A 1 36  ? -6.153  -11.021 -3.107  1.00 12.22 ?  36  LEU A CA  1 
ATOM   273  C C   . LEU A 1 36  ? -5.274  -12.248 -3.303  1.00 11.59 ?  36  LEU A C   1 
ATOM   274  O O   . LEU A 1 36  ? -4.582  -12.351 -4.268  1.00 10.40 ?  36  LEU A O   1 
ATOM   275  C CB  . LEU A 1 36  ? -7.361  -11.149 -4.040  1.00 13.46 ?  36  LEU A CB  1 
ATOM   276  C CG  . LEU A 1 36  ? -8.500  -12.108 -3.693  1.00 18.95 ?  36  LEU A CG  1 
ATOM   277  C CD1 . LEU A 1 36  ? -9.174  -11.580 -2.396  1.00 18.43 ?  36  LEU A CD1 1 
ATOM   278  C CD2 . LEU A 1 36  ? -9.465  -12.242 -4.878  1.00 21.07 ?  36  LEU A CD2 1 
ATOM   279  N N   . ASN A 1 37  ? -5.422  -13.193 -2.394  1.00 12.38 ?  37  ASN A N   1 
ATOM   280  C CA  . ASN A 1 37  ? -4.668  -14.464 -2.426  1.00 12.44 ?  37  ASN A CA  1 
ATOM   281  C C   . ASN A 1 37  ? -3.140  -14.274 -2.398  1.00 12.16 ?  37  ASN A C   1 
ATOM   282  O O   . ASN A 1 37  ? -2.401  -15.118 -2.929  1.00 13.31 ?  37  ASN A O   1 
ATOM   283  C CB  . ASN A 1 37  ? -5.044  -15.242 -3.678  1.00 17.88 ?  37  ASN A CB  1 
ATOM   284  C CG  . ASN A 1 37  ? -6.397  -15.918 -3.537  1.00 23.31 ?  37  ASN A CG  1 
ATOM   285  O OD1 . ASN A 1 37  ? -7.297  -15.758 -4.377  1.00 31.99 ?  37  ASN A OD1 1 
ATOM   286  N ND2 . ASN A 1 37  ? -6.554  -16.651 -2.461  1.00 26.45 ?  37  ASN A ND2 1 
ATOM   287  N N   . LYS A 1 38  ? -2.740  -13.194 -1.774  1.00 10.29 ?  38  LYS A N   1 
ATOM   288  C CA  . LYS A 1 38  ? -1.313  -12.896 -1.489  1.00 9.29  ?  38  LYS A CA  1 
ATOM   289  C C   . LYS A 1 38  ? -1.254  -12.513 0.013   1.00 8.88  ?  38  LYS A C   1 
ATOM   290  O O   . LYS A 1 38  ? -2.173  -11.887 0.504   1.00 11.05 ?  38  LYS A O   1 
ATOM   291  C CB  . LYS A 1 38  ? -0.774  -11.758 -2.334  1.00 8.74  ?  38  LYS A CB  1 
ATOM   292  C CG  . LYS A 1 38  ? -0.894  -11.918 -3.828  1.00 9.51  ?  38  LYS A CG  1 
ATOM   293  C CD  . LYS A 1 38  ? -0.439  -10.743 -4.593  1.00 11.03 ?  38  LYS A CD  1 
ATOM   294  C CE  . LYS A 1 38  ? -0.837  -10.807 -6.053  1.00 13.22 ?  38  LYS A CE  1 
ATOM   295  N NZ  . LYS A 1 38  ? -0.472  -9.547  -6.660  1.00 13.29 ?  38  LYS A NZ  1 
ATOM   296  N N   . PRO A 1 39  ? -0.112  -12.765 0.707   1.00 8.36  ?  39  PRO A N   1 
ATOM   297  C CA  . PRO A 1 39  ? -0.020  -12.257 2.024   1.00 8.86  ?  39  PRO A CA  1 
ATOM   298  C C   . PRO A 1 39  ? 0.145   -10.760 2.052   1.00 8.81  ?  39  PRO A C   1 
ATOM   299  O O   . PRO A 1 39  ? 0.766   -10.201 1.114   1.00 9.54  ?  39  PRO A O   1 
ATOM   300  C CB  . PRO A 1 39  ? 1.182   -12.948 2.561   1.00 10.67 ?  39  PRO A CB  1 
ATOM   301  C CG  . PRO A 1 39  ? 1.799   -13.651 1.514   1.00 12.59 ?  39  PRO A CG  1 
ATOM   302  C CD  . PRO A 1 39  ? 1.027   -13.590 0.283   1.00 9.31  ?  39  PRO A CD  1 
ATOM   303  N N   . VAL A 1 40  ? -0.500  -10.111 2.964   1.00 7.94  ?  40  VAL A N   1 
ATOM   304  C CA  . VAL A 1 40  ? -0.406  -8.667  3.125   1.00 8.10  ?  40  VAL A CA  1 
ATOM   305  C C   . VAL A 1 40  ? 0.257   -8.365  4.451   1.00 7.69  ?  40  VAL A C   1 
ATOM   306  O O   . VAL A 1 40  ? -0.120  -8.789  5.520   1.00 8.84  ?  40  VAL A O   1 
ATOM   307  C CB  . VAL A 1 40  ? -1.780  -7.937  3.032   1.00 7.86  ?  40  VAL A CB  1 
ATOM   308  C CG1 . VAL A 1 40  ? -2.327  -8.009  1.615   1.00 9.03  ?  40  VAL A CG1 1 
ATOM   309  C CG2 . VAL A 1 40  ? -2.757  -8.440  4.092   1.00 9.69  ?  40  VAL A CG2 1 
ATOM   310  N N   . ILE A 1 41  ? 1.299   -7.503  4.434   1.00 6.38  ?  41  ILE A N   1 
ATOM   311  C CA  . ILE A 1 41  ? 2.031   -7.012  5.606   1.00 6.90  ?  41  ILE A CA  1 
ATOM   312  C C   . ILE A 1 41  ? 1.653   -5.564  5.853   1.00 5.81  ?  41  ILE A C   1 
ATOM   313  O O   . ILE A 1 41  ? 1.677   -4.767  4.928   1.00 6.75  ?  41  ILE A O   1 
ATOM   314  C CB  . ILE A 1 41  ? 3.541   -7.212  5.416   1.00 6.74  ?  41  ILE A CB  1 
ATOM   315  C CG1 . ILE A 1 41  ? 3.957   -8.668  5.320   1.00 7.33  ?  41  ILE A CG1 1 
ATOM   316  C CG2 . ILE A 1 41  ? 4.275   -6.551  6.587   1.00 7.67  ?  41  ILE A CG2 1 
ATOM   317  C CD1 . ILE A 1 41  ? 5.378   -8.848  4.887   1.00 8.08  ?  41  ILE A CD1 1 
ATOM   318  N N   . MET A 1 42  ? 1.302   -5.246  7.071   1.00 6.47  ?  42  MET A N   1 
ATOM   319  C CA  . MET A 1 42  ? 0.976   -3.883  7.445   1.00 7.23  ?  42  MET A CA  1 
ATOM   320  C C   . MET A 1 42  ? 1.420   -3.584  8.833   1.00 7.83  ?  42  MET A C   1 
ATOM   321  O O   . MET A 1 42  ? 1.550   -4.443  9.700   1.00 7.26  ?  42  MET A O   1 
ATOM   322  C CB  . MET A 1 42  ? -0.567  -3.601  7.327   1.00 8.08  ?  42  MET A CB  1 
ATOM   323  C CG  . MET A 1 42  ? -1.375  -4.288  8.455   1.00 8.20  ?  42  MET A CG  1 
ATOM   324  S SD  . MET A 1 42  ? -3.156  -4.465  8.074   1.00 9.29  ?  42  MET A SD  1 
ATOM   325  C CE  . MET A 1 42  ? -3.103  -5.982  7.100   1.00 10.19 ?  42  MET A CE  1 
ATOM   326  N N   . GLY A 1 43  ? 1.601   -2.307  9.105   1.00 7.67  ?  43  GLY A N   1 
ATOM   327  C CA  . GLY A 1 43  ? 1.886   -1.828  10.442  1.00 7.76  ?  43  GLY A CA  1 
ATOM   328  C C   . GLY A 1 43  ? 0.638   -1.776  11.297  1.00 7.93  ?  43  GLY A C   1 
ATOM   329  O O   . GLY A 1 43  ? -0.504  -1.805  10.822  1.00 6.92  ?  43  GLY A O   1 
ATOM   330  N N   . ARG A 1 44  ? 0.823   -1.675  12.623  1.00 8.68  ?  44  ARG A N   1 
ATOM   331  C CA  . ARG A 1 44  ? -0.325  -1.725  13.581  1.00 9.18  ?  44  ARG A CA  1 
ATOM   332  C C   . ARG A 1 44  ? -1.285  -0.586  13.306  1.00 9.53  ?  44  ARG A C   1 
ATOM   333  O O   . ARG A 1 44  ? -2.465  -0.768  13.432  1.00 9.54  ?  44  ARG A O   1 
ATOM   334  C CB  . ARG A 1 44  ? 0.173   -1.728  15.020  1.00 10.72 ?  44  ARG A CB  1 
ATOM   335  C CG  . ARG A 1 44  ? -1.000  -1.777  15.976  1.00 11.86 ?  44  ARG A CG  1 
ATOM   336  C CD  . ARG A 1 44  ? -0.628  -1.809  17.425  1.00 14.95 ?  44  ARG A CD  1 
ATOM   337  N NE  . ARG A 1 44  ? 0.184   -0.685  17.863  1.00 14.44 ?  44  ARG A NE  1 
ATOM   338  C CZ  . ARG A 1 44  ? -0.253  0.498   18.270  1.00 17.51 ?  44  ARG A CZ  1 
ATOM   339  N NH1 . ARG A 1 44  ? -1.504  0.914   18.292  1.00 17.53 ?  44  ARG A NH1 1 
ATOM   340  N NH2 . ARG A 1 44  ? 0.692   1.342   18.656  1.00 17.46 ?  44  ARG A NH2 1 
ATOM   341  N N   . HIS A 1 45  ? -0.786  0.610   13.028  1.00 9.74  ?  45  HIS A N   1 
ATOM   342  C CA  . HIS A 1 45  ? -1.744  1.685   12.761  1.00 10.52 ?  45  HIS A CA  1 
ATOM   343  C C   . HIS A 1 45  ? -2.611  1.514   11.542  1.00 9.98  ?  45  HIS A C   1 
ATOM   344  O O   . HIS A 1 45  ? -3.763  1.832   11.547  1.00 9.11  ?  45  HIS A O   1 
ATOM   345  C CB  . HIS A 1 45  ? -1.004  3.021   12.763  1.00 12.10 ?  45  HIS A CB  1 
ATOM   346  C CG  . HIS A 1 45  ? -0.311  3.284   14.060  1.00 14.28 ?  45  HIS A CG  1 
ATOM   347  N ND1 . HIS A 1 45  ? -0.990  3.288   15.272  1.00 18.97 ?  45  HIS A ND1 1 
ATOM   348  C CD2 . HIS A 1 45  ? 0.989   3.531   14.359  1.00 21.17 ?  45  HIS A CD2 1 
ATOM   349  C CE1 . HIS A 1 45  ? -0.136  3.498   16.259  1.00 20.58 ?  45  HIS A CE1 1 
ATOM   350  N NE2 . HIS A 1 45  ? 1.072   3.647   15.726  1.00 22.25 ?  45  HIS A NE2 1 
ATOM   351  N N   . THR A 1 46  ? -2.006  1.003   10.474  1.00 8.61  ?  46  THR A N   1 
ATOM   352  C CA  . THR A 1 46  ? -2.779  0.659   9.281   1.00 8.81  ?  46  THR A CA  1 
ATOM   353  C C   . THR A 1 46  ? -3.847  -0.430  9.618   1.00 8.09  ?  46  THR A C   1 
ATOM   354  O O   . THR A 1 46  ? -5.020  -0.308  9.207   1.00 10.13 ?  46  THR A O   1 
ATOM   355  C CB  . THR A 1 46  ? -1.863  0.201   8.142   1.00 10.27 ?  46  THR A CB  1 
ATOM   356  O OG1 . THR A 1 46  ? -1.134  1.364   7.737   1.00 11.07 ?  46  THR A OG1 1 
ATOM   357  C CG2 . THR A 1 46  ? -2.577  -0.312  6.925   1.00 9.64  ?  46  THR A CG2 1 
ATOM   358  N N   . TRP A 1 47  ? -3.434  -1.446  10.390  1.00 8.24  ?  47  TRP A N   1 
ATOM   359  C CA  . TRP A 1 47  ? -4.374  -2.446  10.813  1.00 8.41  ?  47  TRP A CA  1 
ATOM   360  C C   . TRP A 1 47  ? -5.538  -1.830  11.567  1.00 8.52  ?  47  TRP A C   1 
ATOM   361  O O   . TRP A 1 47  ? -6.664  -2.167  11.306  1.00 8.73  ?  47  TRP A O   1 
ATOM   362  C CB  . TRP A 1 47  ? -3.622  -3.466  11.690  1.00 7.43  ?  47  TRP A CB  1 
ATOM   363  C CG  . TRP A 1 47  ? -4.465  -4.316  12.569  1.00 7.71  ?  47  TRP A CG  1 
ATOM   364  C CD1 . TRP A 1 47  ? -4.377  -4.350  13.940  1.00 8.55  ?  47  TRP A CD1 1 
ATOM   365  C CD2 . TRP A 1 47  ? -5.491  -5.264  12.214  1.00 8.49  ?  47  TRP A CD2 1 
ATOM   366  N NE1 . TRP A 1 47  ? -5.376  -5.168  14.476  1.00 9.54  ?  47  TRP A NE1 1 
ATOM   367  C CE2 . TRP A 1 47  ? -5.998  -5.770  13.416  1.00 9.09  ?  47  TRP A CE2 1 
ATOM   368  C CE3 . TRP A 1 47  ? -6.083  -5.660  11.012  1.00 9.91  ?  47  TRP A CE3 1 
ATOM   369  C CZ2 . TRP A 1 47  ? -7.068  -6.659  13.427  1.00 8.94  ?  47  TRP A CZ2 1 
ATOM   370  C CZ3 . TRP A 1 47  ? -7.145  -6.581  11.079  1.00 11.03 ?  47  TRP A CZ3 1 
ATOM   371  C CH2 . TRP A 1 47  ? -7.584  -7.010  12.266  1.00 10.52 ?  47  TRP A CH2 1 
ATOM   372  N N   . GLU A 1 48  ? -5.237  -0.956  12.484  1.00 8.28  ?  48  GLU A N   1 
ATOM   373  C CA  . GLU A 1 48  ? -6.328  -0.342  13.289  1.00 10.02 ?  48  GLU A CA  1 
ATOM   374  C C   . GLU A 1 48  ? -7.195  0.554   12.417  1.00 12.69 ?  48  GLU A C   1 
ATOM   375  O O   . GLU A 1 48  ? -8.439  0.583   12.654  1.00 12.62 ?  48  GLU A O   1 
ATOM   376  C CB  . GLU A 1 48  ? -5.812  0.422   14.495  1.00 10.59 ?  48  GLU A CB  1 
ATOM   377  C CG  . GLU A 1 48  ? -5.167  -0.470  15.541  1.00 11.33 ?  48  GLU A CG  1 
ATOM   378  C CD  . GLU A 1 48  ? -4.600  0.199   16.777  1.00 14.64 ?  48  GLU A CD  1 
ATOM   379  O OE1 . GLU A 1 48  ? -4.777  1.430   16.922  1.00 17.46 ?  48  GLU A OE1 1 
ATOM   380  O OE2 . GLU A 1 48  ? -4.030  -0.512  17.643  1.00 15.36 ?  48  GLU A OE2 1 
ATOM   381  N N   . SER A 1 49  ? -6.688  1.142   11.384  1.00 10.46 ?  49  SER A N   1 
ATOM   382  C CA  . SER A 1 49  ? -7.452  2.004   10.483  1.00 12.68 ?  49  SER A CA  1 
ATOM   383  C C   . SER A 1 49  ? -8.418  1.179   9.596   1.00 13.83 ?  49  SER A C   1 
ATOM   384  O O   . SER A 1 49  ? -9.493  1.588   9.298   1.00 18.09 ?  49  SER A O   1 
ATOM   385  C CB  . SER A 1 49  ? -6.537  2.953   9.688   1.00 15.55 ?  49  SER A CB  1 
ATOM   386  O OG  . SER A 1 49  ? -5.970  2.148   8.681   1.00 22.35 ?  49  SER A OG  1 
ATOM   387  N N   . ILE A 1 50  ? -7.973  0.012   9.105   1.00 11.16 ?  50  ILE A N   1 
ATOM   388  C CA  . ILE A 1 50  ? -8.812  -0.838  8.282   1.00 11.84 ?  50  ILE A CA  1 
ATOM   389  C C   . ILE A 1 50  ? -9.889  -1.461  9.176   1.00 13.73 ?  50  ILE A C   1 
ATOM   390  O O   . ILE A 1 50  ? -11.082 -1.565  8.736   1.00 18.36 ?  50  ILE A O   1 
ATOM   391  C CB  . ILE A 1 50  ? -7.944  -1.892  7.588   1.00 10.93 ?  50  ILE A CB  1 
ATOM   392  C CG1 . ILE A 1 50  ? -6.863  -1.201  6.656   1.00 11.45 ?  50  ILE A CG1 1 
ATOM   393  C CG2 . ILE A 1 50  ? -8.834  -2.948  6.928   1.00 12.15 ?  50  ILE A CG2 1 
ATOM   394  C CD1 . ILE A 1 50  ? -5.949  -2.156  6.035   1.00 12.72 ?  50  ILE A CD1 1 
ATOM   395  N N   . GLY A 1 51  ? -9.481  -1.963  10.317  1.00 13.29 ?  51  GLY A N   1 
ATOM   396  C CA  . GLY A 1 51  ? -10.456 -2.301  11.374  1.00 17.43 ?  51  GLY A CA  1 
ATOM   397  C C   . GLY A 1 51  ? -11.044 -3.679  11.291  1.00 19.72 ?  51  GLY A C   1 
ATOM   398  O O   . GLY A 1 51  ? -11.882 -4.011  12.126  1.00 24.37 ?  51  GLY A O   1 
ATOM   399  N N   . ARG A 1 52  ? -10.679 -4.486  10.308  1.00 14.02 ?  52  ARG A N   1 
ATOM   400  C CA  . ARG A 1 52  ? -11.174 -5.834  10.175  1.00 12.27 ?  52  ARG A CA  1 
ATOM   401  C C   . ARG A 1 52  ? -10.180 -6.556  9.215   1.00 11.89 ?  52  ARG A C   1 
ATOM   402  O O   . ARG A 1 52  ? -9.637  -5.874  8.317   1.00 11.87 ?  52  ARG A O   1 
ATOM   403  C CB  . ARG A 1 52  ? -12.587 -5.849  9.562   1.00 14.45 ?  52  ARG A CB  1 
ATOM   404  C CG  . ARG A 1 52  ? -13.332 -7.162  9.710   1.00 18.75 ?  52  ARG A CG  1 
ATOM   405  C CD  . ARG A 1 52  ? -14.822 -6.972  9.674   1.00 22.54 ?  52  ARG A CD  1 
ATOM   406  N NE  . ARG A 1 52  ? -15.501 -8.264  9.871   1.00 22.06 ?  52  ARG A NE  1 
ATOM   407  C CZ  . ARG A 1 52  ? -16.090 -8.927  8.887   1.00 21.90 ?  52  ARG A CZ  1 
ATOM   408  N NH1 . ARG A 1 52  ? -16.104 -8.451  7.635   1.00 24.78 ?  52  ARG A NH1 1 
ATOM   409  N NH2 . ARG A 1 52  ? -16.744 -10.093 9.136   1.00 21.01 ?  52  ARG A NH2 1 
ATOM   410  N N   . PRO A 1 53  ? -9.993  -7.864  9.326   1.00 8.77  ?  53  PRO A N   1 
ATOM   411  C CA  . PRO A 1 53  ? -9.097  -8.544  8.381   1.00 8.77  ?  53  PRO A CA  1 
ATOM   412  C C   . PRO A 1 53  ? -9.543  -8.314  6.963   1.00 8.84  ?  53  PRO A C   1 
ATOM   413  O O   . PRO A 1 53  ? -10.752 -8.404  6.674   1.00 11.47 ?  53  PRO A O   1 
ATOM   414  C CB  . PRO A 1 53  ? -9.158  -9.992  8.836   1.00 9.33  ?  53  PRO A CB  1 
ATOM   415  C CG  . PRO A 1 53  ? -9.534  -9.876  10.285  1.00 9.81  ?  53  PRO A CG  1 
ATOM   416  C CD  . PRO A 1 53  ? -10.473 -8.744  10.400  1.00 8.99  ?  53  PRO A CD  1 
ATOM   417  N N   . LEU A 1 54  ? -8.603  -8.240  6.029   1.00 9.09  ?  54  LEU A N   1 
ATOM   418  C CA  . LEU A 1 54  ? -8.862  -8.225  4.599   1.00 8.86  ?  54  LEU A CA  1 
ATOM   419  C C   . LEU A 1 54  ? -9.135  -9.650  4.237   1.00 9.63  ?  54  LEU A C   1 
ATOM   420  O O   . LEU A 1 54  ? -8.296  -10.526 4.382   1.00 9.33  ?  54  LEU A O   1 
ATOM   421  C CB  . LEU A 1 54  ? -7.666  -7.588  3.857   1.00 8.66  ?  54  LEU A CB  1 
ATOM   422  C CG  . LEU A 1 54  ? -7.433  -6.125  4.133   1.00 9.79  ?  54  LEU A CG  1 
ATOM   423  C CD1 . LEU A 1 54  ? -6.053  -5.718  3.582   1.00 11.47 ?  54  LEU A CD1 1 
ATOM   424  C CD2 . LEU A 1 54  ? -8.458  -5.205  3.592   1.00 12.20 ?  54  LEU A CD2 1 
ATOM   425  N N   . PRO A 1 55  ? -10.353 -9.896  3.663   1.00 10.64 ?  55  PRO A N   1 
ATOM   426  C CA  . PRO A 1 55  ? -10.689 -11.265 3.389   1.00 11.77 ?  55  PRO A CA  1 
ATOM   427  C C   . PRO A 1 55  ? -9.884  -11.916 2.224   1.00 10.48 ?  55  PRO A C   1 
ATOM   428  O O   . PRO A 1 55  ? -9.491  -11.200 1.317   1.00 10.77 ?  55  PRO A O   1 
ATOM   429  C CB  . PRO A 1 55  ? -12.201 -11.164 3.031   1.00 13.53 ?  55  PRO A CB  1 
ATOM   430  C CG  . PRO A 1 55  ? -12.377 -9.803  2.497   1.00 15.66 ?  55  PRO A CG  1 
ATOM   431  C CD  . PRO A 1 55  ? -11.455 -8.965  3.374   1.00 11.51 ?  55  PRO A CD  1 
ATOM   432  N N   . GLY A 1 56  ? -9.624  -13.219 2.278   1.00 11.09 ?  56  GLY A N   1 
ATOM   433  C CA  . GLY A 1 56  ? -8.979  -13.881 1.149   1.00 10.83 ?  56  GLY A CA  1 
ATOM   434  C C   . GLY A 1 56  ? -7.514  -13.557 0.985   1.00 11.13 ?  56  GLY A C   1 
ATOM   435  O O   . GLY A 1 56  ? -6.911  -13.842 -0.069  1.00 12.00 ?  56  GLY A O   1 
ATOM   436  N N   . ARG A 1 57  ? -6.948  -13.097 2.090   1.00 10.64 ?  57  ARG A N   1 
ATOM   437  C CA  . ARG A 1 57  ? -5.530  -12.860 2.189   1.00 10.23 ?  57  ARG A CA  1 
ATOM   438  C C   . ARG A 1 57  ? -5.017  -13.203 3.563   1.00 9.38  ?  57  ARG A C   1 
ATOM   439  O O   . ARG A 1 57  ? -5.718  -12.914 4.559   1.00 9.64  ?  57  ARG A O   1 
ATOM   440  C CB  . ARG A 1 57  ? -5.235  -11.310 2.033   1.00 11.51 ?  57  ARG A CB  1 
ATOM   441  C CG  . ARG A 1 57  ? -5.363  -10.856 0.600   1.00 12.45 ?  57  ARG A CG  1 
ATOM   442  C CD  . ARG A 1 57  ? -5.865  -9.430  0.502   1.00 12.50 ?  57  ARG A CD  1 
ATOM   443  N NE  . ARG A 1 57  ? -7.312  -9.366  0.536   1.00 10.78 ?  57  ARG A NE  1 
ATOM   444  C CZ  . ARG A 1 57  ? -8.030  -8.328  0.229   1.00 10.39 ?  57  ARG A CZ  1 
ATOM   445  N NH1 . ARG A 1 57  ? -7.562  -7.195  -0.082  1.00 11.21 ?  57  ARG A NH1 1 
ATOM   446  N NH2 . ARG A 1 57  ? -9.323  -8.428  0.440   1.00 10.50 ?  57  ARG A NH2 1 
ATOM   447  N N   . LYS A 1 58  ? -3.760  -13.675 3.678   1.00 10.34 ?  58  LYS A N   1 
ATOM   448  C CA  . LYS A 1 58  ? -3.105  -13.830 4.962   1.00 9.90  ?  58  LYS A CA  1 
ATOM   449  C C   . LYS A 1 58  ? -2.747  -12.412 5.499   1.00 10.27 ?  58  LYS A C   1 
ATOM   450  O O   . LYS A 1 58  ? -2.058  -11.672 4.785   1.00 10.42 ?  58  LYS A O   1 
ATOM   451  C CB  . LYS A 1 58  ? -1.836  -14.658 4.850   1.00 12.02 ?  58  LYS A CB  1 
ATOM   452  C CG  . LYS A 1 58  ? -1.159  -14.857 6.194   1.00 14.16 ?  58  LYS A CG  1 
ATOM   453  C CD  . LYS A 1 58  ? -0.083  -15.962 6.080   1.00 17.41 ?  58  LYS A CD  1 
ATOM   454  C CE  . LYS A 1 58  ? 0.322   -16.455 7.401   1.00 21.60 ?  58  LYS A CE  1 
ATOM   455  N NZ  . LYS A 1 58  ? 1.286   -17.584 7.241   1.00 23.44 ?  58  LYS A NZ  1 
ATOM   456  N N   . ASN A 1 59  ? -3.254  -11.984 6.621   1.00 7.79  ?  59  ASN A N   1 
ATOM   457  C CA  . ASN A 1 59  ? -3.009  -10.615 7.148   1.00 7.52  ?  59  ASN A CA  1 
ATOM   458  C C   . ASN A 1 59  ? -1.924  -10.753 8.240   1.00 8.31  ?  59  ASN A C   1 
ATOM   459  O O   . ASN A 1 59  ? -2.093  -11.414 9.252   1.00 8.11  ?  59  ASN A O   1 
ATOM   460  C CB  . ASN A 1 59  ? -4.239  -10.065 7.841   1.00 9.03  ?  59  ASN A CB  1 
ATOM   461  C CG  . ASN A 1 59  ? -5.365  -9.620  6.896   1.00 8.10  ?  59  ASN A CG  1 
ATOM   462  O OD1 . ASN A 1 59  ? -5.891  -8.496  7.027   1.00 7.79  ?  59  ASN A OD1 1 
ATOM   463  N ND2 . ASN A 1 59  ? -5.776  -10.472 5.973   1.00 7.69  ?  59  ASN A ND2 1 
ATOM   464  N N   . ILE A 1 60  ? -0.793  -10.092 8.031   1.00 7.15  ?  60  ILE A N   1 
ATOM   465  C CA  . ILE A 1 60  ? 0.313   -10.078 8.897   1.00 7.42  ?  60  ILE A CA  1 
ATOM   466  C C   . ILE A 1 60  ? 0.563   -8.652  9.383   1.00 7.47  ?  60  ILE A C   1 
ATOM   467  O O   . ILE A 1 60  ? 0.688   -7.714  8.630   1.00 7.99  ?  60  ILE A O   1 
ATOM   468  C CB  . ILE A 1 60  ? 1.556   -10.557 8.186   1.00 8.08  ?  60  ILE A CB  1 
ATOM   469  C CG1 . ILE A 1 60  ? 1.369   -12.015 7.738   1.00 8.23  ?  60  ILE A CG1 1 
ATOM   470  C CG2 . ILE A 1 60  ? 2.812   -10.367 9.034   1.00 8.88  ?  60  ILE A CG2 1 
ATOM   471  C CD1 . ILE A 1 60  ? 2.376   -12.417 6.664   1.00 8.87  ?  60  ILE A CD1 1 
ATOM   472  N N   . ILE A 1 61  ? 0.528   -8.496  10.694  1.00 6.87  ?  61  ILE A N   1 
ATOM   473  C CA  . ILE A 1 61  ? 0.608   -7.210  11.367  1.00 7.11  ?  61  ILE A CA  1 
ATOM   474  C C   . ILE A 1 61  ? 1.943   -7.110  12.109  1.00 7.13  ?  61  ILE A C   1 
ATOM   475  O O   . ILE A 1 61  ? 2.248   -7.909  12.946  1.00 6.96  ?  61  ILE A O   1 
ATOM   476  C CB  . ILE A 1 61  ? -0.505  -6.991  12.428  1.00 8.18  ?  61  ILE A CB  1 
ATOM   477  C CG1 . ILE A 1 61  ? -1.905  -7.566  11.995  1.00 9.98  ?  61  ILE A CG1 1 
ATOM   478  C CG2 . ILE A 1 61  ? -0.630  -5.521  12.784  1.00 8.75  ?  61  ILE A CG2 1 
ATOM   479  C CD1 . ILE A 1 61  ? -2.482  -7.192  10.701  1.00 10.05 ?  61  ILE A CD1 1 
ATOM   480  N N   . LEU A 1 62  ? 2.654   -6.021  11.847  1.00 8.33  ?  62  LEU A N   1 
ATOM   481  C CA  . LEU A 1 62  ? 3.863   -5.686  12.620  1.00 9.11  ?  62  LEU A CA  1 
ATOM   482  C C   . LEU A 1 62  ? 3.542   -4.849  13.839  1.00 7.51  ?  62  LEU A C   1 
ATOM   483  O O   . LEU A 1 62  ? 2.790   -3.885  13.753  1.00 8.57  ?  62  LEU A O   1 
ATOM   484  C CB  . LEU A 1 62  ? 4.781   -4.882  11.733  1.00 10.16 ?  62  LEU A CB  1 
ATOM   485  C CG  . LEU A 1 62  ? 5.581   -5.615  10.765  1.00 11.38 ?  62  LEU A CG  1 
ATOM   486  C CD1 . LEU A 1 62  ? 6.013   -4.725  9.583   1.00 12.57 ?  62  LEU A CD1 1 
ATOM   487  C CD2 . LEU A 1 62  ? 6.878   -6.094  11.477  1.00 12.60 ?  62  LEU A CD2 1 
ATOM   488  N N   . SER A 1 63  ? 4.006   -5.298  15.001  1.00 8.01  ?  63  SER A N   1 
ATOM   489  C CA  . SER A 1 63  ? 3.914   -4.566  16.268  1.00 8.32  ?  63  SER A CA  1 
ATOM   490  C C   . SER A 1 63  ? 4.985   -5.063  17.167  1.00 9.23  ?  63  SER A C   1 
ATOM   491  O O   . SER A 1 63  ? 5.365   -6.208  17.189  1.00 8.96  ?  63  SER A O   1 
ATOM   492  C CB  . SER A 1 63  ? 2.509   -4.748  16.941  1.00 9.43  ?  63  SER A CB  1 
ATOM   493  O OG  . SER A 1 63  ? 2.449   -4.175  18.221  1.00 9.65  ?  63  SER A OG  1 
ATOM   494  N N   . SER A 1 64  ? 5.633   -4.074  17.870  1.00 10.64 ?  64  SER A N   1 
ATOM   495  C CA  . SER A 1 64  ? 6.579   -4.465  18.928  1.00 10.62 ?  64  SER A CA  1 
ATOM   496  C C   . SER A 1 64  ? 6.001   -5.205  20.142  1.00 10.86 ?  64  SER A C   1 
ATOM   497  O O   . SER A 1 64  ? 6.736   -5.761  20.918  1.00 13.20 ?  64  SER A O   1 
ATOM   498  C CB  . SER A 1 64  ? 7.286   -3.192  19.469  1.00 11.05 ?  64  SER A CB  1 
ATOM   499  O OG  . SER A 1 64  ? 6.411   -2.303  20.085  1.00 11.29 ?  64  SER A OG  1 
ATOM   500  N N   . GLN A 1 65  ? 4.652   -5.139  20.290  1.00 10.66 ?  65  GLN A N   1 
ATOM   501  C CA  . GLN A 1 65  ? 3.982   -5.676  21.430  1.00 11.43 ?  65  GLN A CA  1 
ATOM   502  C C   . GLN A 1 65  ? 3.257   -6.900  21.081  1.00 12.65 ?  65  GLN A C   1 
ATOM   503  O O   . GLN A 1 65  ? 2.957   -7.118  19.923  1.00 12.96 ?  65  GLN A O   1 
ATOM   504  C CB  . GLN A 1 65  ? 2.978   -4.634  21.958  1.00 13.96 ?  65  GLN A CB  1 
ATOM   505  C CG  . GLN A 1 65  ? 3.646   -3.308  22.363  1.00 16.79 ?  65  GLN A CG  1 
ATOM   506  C CD  . GLN A 1 65  ? 4.727   -3.482  23.369  1.00 20.49 ?  65  GLN A CD  1 
ATOM   507  O OE1 . GLN A 1 65  ? 4.517   -4.037  24.466  1.00 22.16 ?  65  GLN A OE1 1 
ATOM   508  N NE2 . GLN A 1 65  ? 5.961   -3.038  22.981  1.00 20.98 ?  65  GLN A NE2 1 
ATOM   509  N N   . PRO A 1 66  ? 2.848   -7.657  22.074  1.00 12.56 ?  66  PRO A N   1 
ATOM   510  C CA  . PRO A 1 66  ? 2.127   -8.870  21.693  1.00 12.15 ?  66  PRO A CA  1 
ATOM   511  C C   . PRO A 1 66  ? 0.783   -8.495  20.960  1.00 10.88 ?  66  PRO A C   1 
ATOM   512  O O   . PRO A 1 66  ? 0.119   -7.402  21.152  1.00 10.75 ?  66  PRO A O   1 
ATOM   513  C CB  . PRO A 1 66  ? 1.873   -9.537  23.050  1.00 14.61 ?  66  PRO A CB  1 
ATOM   514  C CG  . PRO A 1 66  ? 2.994   -9.084  23.918  1.00 15.24 ?  66  PRO A CG  1 
ATOM   515  C CD  . PRO A 1 66  ? 3.215   -7.677  23.501  1.00 14.14 ?  66  PRO A CD  1 
ATOM   516  N N   . GLY A 1 67  ? 0.361   -9.458  20.124  1.00 12.08 ?  67  GLY A N   1 
ATOM   517  C CA  . GLY A 1 67  ? -0.853  -9.264  19.414  1.00 10.44 ?  67  GLY A CA  1 
ATOM   518  C C   . GLY A 1 67  ? -2.127  -9.247  20.302  1.00 10.31 ?  67  GLY A C   1 
ATOM   519  O O   . GLY A 1 67  ? -2.107  -9.716  21.448  1.00 11.97 ?  67  GLY A O   1 
ATOM   520  N N   . THR A 1 68  ? -3.169  -8.604  19.776  1.00 9.89  ?  68  THR A N   1 
ATOM   521  C CA  . THR A 1 68  ? -4.378  -8.343  20.478  1.00 10.88 ?  68  THR A CA  1 
ATOM   522  C C   . THR A 1 68  ? -5.597  -8.690  19.628  1.00 12.24 ?  68  THR A C   1 
ATOM   523  O O   . THR A 1 68  ? -6.662  -8.118  19.803  1.00 12.85 ?  68  THR A O   1 
ATOM   524  C CB  . THR A 1 68  ? -4.446  -6.878  20.907  1.00 11.55 ?  68  THR A CB  1 
ATOM   525  O OG1 . THR A 1 68  ? -4.428  -6.037  19.742  1.00 12.47 ?  68  THR A OG1 1 
ATOM   526  C CG2 . THR A 1 68  ? -3.333  -6.505  21.855  1.00 13.59 ?  68  THR A CG2 1 
ATOM   527  N N   . ASP A 1 69  ? -5.452  -9.658  18.687  1.00 10.37 ?  69  ASP A N   1 
ATOM   528  C CA  . ASP A 1 69  ? -6.594  -10.035 17.863  1.00 9.91  ?  69  ASP A CA  1 
ATOM   529  C C   . ASP A 1 69  ? -6.222  -11.333 17.234  1.00 9.83  ?  69  ASP A C   1 
ATOM   530  O O   . ASP A 1 69  ? -5.289  -11.400 16.448  1.00 10.30 ?  69  ASP A O   1 
ATOM   531  C CB  . ASP A 1 69  ? -6.854  -8.960  16.803  1.00 9.09  ?  69  ASP A CB  1 
ATOM   532  C CG  . ASP A 1 69  ? -8.187  -9.119  16.124  1.00 9.21  ?  69  ASP A CG  1 
ATOM   533  O OD1 . ASP A 1 69  ? -8.518  -10.242 15.727  1.00 9.24  ?  69  ASP A OD1 1 
ATOM   534  O OD2 . ASP A 1 69  ? -8.896  -8.121  15.933  1.00 11.34 ?  69  ASP A OD2 1 
ATOM   535  N N   . ASP A 1 70  ? -6.974  -12.422 17.457  1.00 9.58  ?  70  ASP A N   1 
ATOM   536  C CA  . ASP A 1 70  ? -6.578  -13.721 16.976  1.00 10.20 ?  70  ASP A CA  1 
ATOM   537  C C   . ASP A 1 70  ? -6.949  -13.945 15.526  1.00 10.23 ?  70  ASP A C   1 
ATOM   538  O O   . ASP A 1 70  ? -6.647  -14.985 14.961  1.00 12.82 ?  70  ASP A O   1 
ATOM   539  C CB  . ASP A 1 70  ? -7.186  -14.795 17.891  1.00 12.72 ?  70  ASP A CB  1 
ATOM   540  C CG  . ASP A 1 70  ? -6.458  -14.872 19.248  1.00 16.06 ?  70  ASP A CG  1 
ATOM   541  O OD1 . ASP A 1 70  ? -5.349  -14.328 19.459  1.00 20.11 ?  70  ASP A OD1 1 
ATOM   542  O OD2 . ASP A 1 70  ? -6.957  -15.568 20.128  1.00 23.03 ?  70  ASP A OD2 1 
ATOM   543  N N   . ARG A 1 71  ? -7.600  -12.965 14.891  1.00 8.68  ?  71  ARG A N   1 
ATOM   544  C CA  . ARG A 1 71  ? -8.023  -13.077 13.519  1.00 9.24  ?  71  ARG A CA  1 
ATOM   545  C C   . ARG A 1 71  ? -6.905  -12.888 12.470  1.00 9.25  ?  71  ARG A C   1 
ATOM   546  O O   . ARG A 1 71  ? -7.104  -13.071 11.268  1.00 11.10 ?  71  ARG A O   1 
ATOM   547  C CB  . ARG A 1 71  ? -9.193  -12.206 13.200  1.00 9.91  ?  71  ARG A CB  1 
ATOM   548  C CG  . ARG A 1 71  ? -10.380 -12.368 14.150  1.00 10.25 ?  71  ARG A CG  1 
ATOM   549  C CD  . ARG A 1 71  ? -11.436 -11.342 13.807  1.00 10.81 ?  71  ARG A CD  1 
ATOM   550  N NE  . ARG A 1 71  ? -10.949 -9.982  14.140  1.00 10.31 ?  71  ARG A NE  1 
ATOM   551  C CZ  . ARG A 1 71  ? -11.601 -8.836  13.881  1.00 10.48 ?  71  ARG A CZ  1 
ATOM   552  N NH1 . ARG A 1 71  ? -12.704 -8.834  13.162  1.00 12.79 ?  71  ARG A NH1 1 
ATOM   553  N NH2 . ARG A 1 71  ? -11.079 -7.725  14.252  1.00 10.70 ?  71  ARG A NH2 1 
ATOM   554  N N   . VAL A 1 72  ? -5.774  -12.389 12.964  1.00 8.93  ?  72  VAL A N   1 
ATOM   555  C CA  . VAL A 1 72  ? -4.617  -12.014 12.124  1.00 9.27  ?  72  VAL A CA  1 
ATOM   556  C C   . VAL A 1 72  ? -3.387  -12.600 12.741  1.00 7.79  ?  72  VAL A C   1 
ATOM   557  O O   . VAL A 1 72  ? -3.381  -13.024 13.879  1.00 7.93  ?  72  VAL A O   1 
ATOM   558  C CB  . VAL A 1 72  ? -4.486  -10.488 11.978  1.00 9.79  ?  72  VAL A CB  1 
ATOM   559  C CG1 . VAL A 1 72  ? -5.730  -9.924  11.228  1.00 11.68 ?  72  VAL A CG1 1 
ATOM   560  C CG2 . VAL A 1 72  ? -4.262  -9.821  13.303  1.00 10.25 ?  72  VAL A CG2 1 
ATOM   561  N N   . THR A 1 73  ? -2.260  -12.556 11.990  1.00 7.95  ?  73  THR A N   1 
ATOM   562  C CA  . THR A 1 73  ? -0.927  -13.009 12.397  1.00 7.64  ?  73  THR A CA  1 
ATOM   563  C C   . THR A 1 73  ? -0.068  -11.823 12.825  1.00 7.50  ?  73  THR A C   1 
ATOM   564  O O   . THR A 1 73  ? 0.029   -10.884 12.104  1.00 10.49 ?  73  THR A O   1 
ATOM   565  C CB  . THR A 1 73  ? -0.266  -13.755 11.219  1.00 8.94  ?  73  THR A CB  1 
ATOM   566  O OG1 . THR A 1 73  ? -1.048  -14.965 10.998  1.00 9.45  ?  73  THR A OG1 1 
ATOM   567  C CG2 . THR A 1 73  ? 1.076   -14.109 11.536  1.00 9.62  ?  73  THR A CG2 1 
ATOM   568  N N   . TRP A 1 74  ? 0.493   -11.911 13.990  1.00 7.06  ?  74  TRP A N   1 
ATOM   569  C CA  . TRP A 1 74  ? 1.283   -10.775 14.589  1.00 7.08  ?  74  TRP A CA  1 
ATOM   570  C C   . TRP A 1 74  ? 2.756   -11.170 14.555  1.00 7.20  ?  74  TRP A C   1 
ATOM   571  O O   . TRP A 1 74  ? 3.154   -12.251 15.006  1.00 8.74  ?  74  TRP A O   1 
ATOM   572  C CB  . TRP A 1 74  ? 0.811   -10.543 16.032  1.00 7.06  ?  74  TRP A CB  1 
ATOM   573  C CG  . TRP A 1 74  ? -0.532  -10.062 16.120  1.00 7.12  ?  74  TRP A CG  1 
ATOM   574  C CD1 . TRP A 1 74  ? -1.720  -10.835 16.152  1.00 8.32  ?  74  TRP A CD1 1 
ATOM   575  C CD2 . TRP A 1 74  ? -0.971  -8.712  16.184  1.00 7.36  ?  74  TRP A CD2 1 
ATOM   576  N NE1 . TRP A 1 74  ? -2.799  -10.027 16.266  1.00 9.04  ?  74  TRP A NE1 1 
ATOM   577  C CE2 . TRP A 1 74  ? -2.374  -8.703  16.300  1.00 8.67  ?  74  TRP A CE2 1 
ATOM   578  C CE3 . TRP A 1 74  ? -0.292  -7.483  16.149  1.00 8.22  ?  74  TRP A CE3 1 
ATOM   579  C CZ2 . TRP A 1 74  ? -3.101  -7.524  16.359  1.00 8.90  ?  74  TRP A CZ2 1 
ATOM   580  C CZ3 . TRP A 1 74  ? -0.997  -6.297  16.245  1.00 8.56  ?  74  TRP A CZ3 1 
ATOM   581  C CH2 . TRP A 1 74  ? -2.405  -6.315  16.350  1.00 9.02  ?  74  TRP A CH2 1 
ATOM   582  N N   . VAL A 1 75  ? 3.624   -10.242 14.176  1.00 7.54  ?  75  VAL A N   1 
ATOM   583  C CA  . VAL A 1 75  ? 5.067   -10.414 14.095  1.00 7.51  ?  75  VAL A CA  1 
ATOM   584  C C   . VAL A 1 75  ? 5.732   -9.146  14.621  1.00 7.96  ?  75  VAL A C   1 
ATOM   585  O O   . VAL A 1 75  ? 5.154   -8.092  14.703  1.00 8.12  ?  75  VAL A O   1 
ATOM   586  C CB  . VAL A 1 75  ? 5.529   -10.777 12.677  1.00 8.05  ?  75  VAL A CB  1 
ATOM   587  C CG1 . VAL A 1 75  ? 4.859   -12.093 12.209  1.00 7.97  ?  75  VAL A CG1 1 
ATOM   588  C CG2 . VAL A 1 75  ? 5.183   -9.646  11.709  1.00 10.07 ?  75  VAL A CG2 1 
ATOM   589  N N   . LYS A 1 76  ? 6.995   -9.324  15.090  1.00 8.98  ?  76  LYS A N   1 
ATOM   590  C CA  . LYS A 1 76  ? 7.738   -8.268  15.826  1.00 10.10 ?  76  LYS A CA  1 
ATOM   591  C C   . LYS A 1 76  ? 8.896   -7.788  15.048  1.00 10.66 ?  76  LYS A C   1 
ATOM   592  O O   . LYS A 1 76  ? 9.601   -6.926  15.641  1.00 12.09 ?  76  LYS A O   1 
ATOM   593  C CB  . LYS A 1 76  ? 8.137   -8.755  17.246  1.00 10.57 ?  76  LYS A CB  1 
ATOM   594  C CG  . LYS A 1 76  ? 6.892   -9.104  18.113  1.00 12.44 ?  76  LYS A CG  1 
ATOM   595  C CD  . LYS A 1 76  ? 7.243   -9.352  19.570  1.00 15.54 ?  76  LYS A CD  1 
ATOM   596  C CE  . LYS A 1 76  ? 6.073   -9.931  20.301  1.00 18.28 ?  76  LYS A CE  1 
ATOM   597  N NZ  . LYS A 1 76  ? 6.396   -10.206 21.692  1.00 22.70 ?  76  LYS A NZ  1 
ATOM   598  N N   . SER A 1 77  ? 9.076   -8.190  13.792  1.00 9.37  ?  77  SER A N   1 
ATOM   599  C CA  . SER A 1 77  ? 10.190  -7.586  13.001  1.00 9.55  ?  77  SER A CA  1 
ATOM   600  C C   . SER A 1 77  ? 9.931   -7.756  11.534  1.00 9.94  ?  77  SER A C   1 
ATOM   601  O O   . SER A 1 77  ? 9.154   -8.665  11.134  1.00 9.43  ?  77  SER A O   1 
ATOM   602  C CB  . SER A 1 77  ? 11.526  -8.271  13.295  1.00 10.96 ?  77  SER A CB  1 
ATOM   603  O OG  . SER A 1 77  ? 11.557  -9.644  12.931  1.00 11.80 ?  77  SER A OG  1 
ATOM   604  N N   . VAL A 1 78  ? 10.643  -7.084  10.674  1.00 9.06  ?  78  VAL A N   1 
ATOM   605  C CA  . VAL A 1 78  ? 10.537  -7.214  9.277   1.00 9.33  ?  78  VAL A CA  1 
ATOM   606  C C   . VAL A 1 78  ? 10.907  -8.637  8.841   1.00 10.20 ?  78  VAL A C   1 
ATOM   607  O O   . VAL A 1 78  ? 10.184  -9.260  8.032   1.00 9.36  ?  78  VAL A O   1 
ATOM   608  C CB  . VAL A 1 78  ? 11.473  -6.153  8.547   1.00 10.57 ?  78  VAL A CB  1 
ATOM   609  C CG1 . VAL A 1 78  ? 11.750  -6.487  7.111   1.00 12.08 ?  78  VAL A CG1 1 
ATOM   610  C CG2 . VAL A 1 78  ? 10.879  -4.796  8.740   1.00 11.94 ?  78  VAL A CG2 1 
ATOM   611  N N   . ASP A 1 79  ? 11.977  -9.237  9.391   1.00 10.75 ?  79  ASP A N   1 
ATOM   612  C CA  . ASP A 1 79  ? 12.395  -10.517 8.950   1.00 11.10 ?  79  ASP A CA  1 
ATOM   613  C C   . ASP A 1 79  ? 11.308  -11.561 9.337   1.00 9.62  ?  79  ASP A C   1 
ATOM   614  O O   . ASP A 1 79  ? 11.143  -12.516 8.618   1.00 10.07 ?  79  ASP A O   1 
ATOM   615  C CB  . ASP A 1 79  ? 13.748  -10.893 9.529   1.00 13.34 ?  79  ASP A CB  1 
ATOM   616  C CG  . ASP A 1 79  ? 14.887  -10.132 8.790   1.00 16.09 ?  79  ASP A CG  1 
ATOM   617  O OD1 . ASP A 1 79  ? 14.641  -9.478  7.721   1.00 19.05 ?  79  ASP A OD1 1 
ATOM   618  O OD2 . ASP A 1 79  ? 16.023  -10.199 9.338   1.00 19.66 ?  79  ASP A OD2 1 
ATOM   619  N N   . GLU A 1 80  ? 10.781  -11.393 10.518  1.00 9.12  ?  80  GLU A N   1 
ATOM   620  C CA  . GLU A 1 80  ? 9.723   -12.333 10.954  1.00 8.14  ?  80  GLU A CA  1 
ATOM   621  C C   . GLU A 1 80  ? 8.479   -12.198 10.083  1.00 8.16  ?  80  GLU A C   1 
ATOM   622  O O   . GLU A 1 80  ? 7.852   -13.186 9.709   1.00 8.07  ?  80  GLU A O   1 
ATOM   623  C CB  . GLU A 1 80  ? 9.368   -12.118 12.422  1.00 10.02 ?  80  GLU A CB  1 
ATOM   624  C CG  . GLU A 1 80  ? 8.454   -13.172 12.940  1.00 12.02 ?  80  GLU A CG  1 
ATOM   625  C CD  . GLU A 1 80  ? 7.947   -12.945 14.376  1.00 12.98 ?  80  GLU A CD  1 
ATOM   626  O OE1 . GLU A 1 80  ? 8.267   -11.939 15.055  1.00 12.08 ?  80  GLU A OE1 1 
ATOM   627  O OE2 . GLU A 1 80  ? 7.187   -13.779 14.845  1.00 14.69 ?  80  GLU A OE2 1 
ATOM   628  N N   . ALA A 1 81  ? 8.145   -11.001 9.655   1.00 8.53  ?  81  ALA A N   1 
ATOM   629  C CA  . ALA A 1 81  ? 7.000   -10.822 8.746   1.00 7.05  ?  81  ALA A CA  1 
ATOM   630  C C   . ALA A 1 81  ? 7.182   -11.529 7.480   1.00 7.18  ?  81  ALA A C   1 
ATOM   631  O O   . ALA A 1 81  ? 6.290   -12.208 6.906   1.00 7.14  ?  81  ALA A O   1 
ATOM   632  C CB  . ALA A 1 81  ? 6.854   -9.296  8.470   1.00 7.47  ?  81  ALA A CB  1 
ATOM   633  N N   . ILE A 1 82  ? 8.401   -11.457 6.897   1.00 8.24  ?  82  ILE A N   1 
ATOM   634  C CA  . ILE A 1 82  ? 8.719   -12.110 5.618   1.00 8.67  ?  82  ILE A CA  1 
ATOM   635  C C   . ILE A 1 82  ? 8.661   -13.636 5.837   1.00 8.98  ?  82  ILE A C   1 
ATOM   636  O O   . ILE A 1 82  ? 8.068   -14.322 5.019   1.00 9.45  ?  82  ILE A O   1 
ATOM   637  C CB  . ILE A 1 82  ? 10.085  -11.642 5.025   1.00 9.79  ?  82  ILE A CB  1 
ATOM   638  C CG1 . ILE A 1 82  ? 9.956   -10.160 4.646   1.00 9.64  ?  82  ILE A CG1 1 
ATOM   639  C CG2 . ILE A 1 82  ? 10.507  -12.460 3.849   1.00 10.94 ?  82  ILE A CG2 1 
ATOM   640  C CD1 . ILE A 1 82  ? 11.363  -9.496  4.407   1.00 9.98  ?  82  ILE A CD1 1 
ATOM   641  N N   . ALA A 1 83  ? 9.243   -14.126 6.903   1.00 8.89  ?  83  ALA A N   1 
ATOM   642  C CA  . ALA A 1 83  ? 9.303   -15.592 7.150   1.00 8.36  ?  83  ALA A CA  1 
ATOM   643  C C   . ALA A 1 83  ? 7.877   -16.118 7.310   1.00 9.39  ?  83  ALA A C   1 
ATOM   644  O O   . ALA A 1 83  ? 7.594   -17.191 6.798   1.00 9.25  ?  83  ALA A O   1 
ATOM   645  C CB  . ALA A 1 83  ? 10.051  -15.867 8.396   1.00 8.18  ?  83  ALA A CB  1 
ATOM   646  N N   . ALA A 1 84  ? 6.967   -15.312 7.938   1.00 8.17  ?  84  ALA A N   1 
ATOM   647  C CA  . ALA A 1 84  ? 5.528   -15.717 8.121   1.00 8.55  ?  84  ALA A CA  1 
ATOM   648  C C   . ALA A 1 84  ? 4.795   -15.908 6.886   1.00 9.91  ?  84  ALA A C   1 
ATOM   649  O O   . ALA A 1 84  ? 3.681   -16.539 6.854   1.00 11.27 ?  84  ALA A O   1 
ATOM   650  C CB  . ALA A 1 84  ? 4.846   -14.773 9.026   1.00 8.91  ?  84  ALA A CB  1 
ATOM   651  N N   . CYS A 1 85  ? 5.257   -15.329 5.792   1.00 9.38  ?  85  CYS A N   1 
ATOM   652  C CA  . CYS A 1 85  ? 4.648   -15.454 4.501   1.00 9.56  ?  85  CYS A CA  1 
ATOM   653  C C   . CYS A 1 85  ? 4.968   -16.792 3.841   1.00 11.70 ?  85  CYS A C   1 
ATOM   654  O O   . CYS A 1 85  ? 4.177   -17.252 2.964   1.00 13.88 ?  85  CYS A O   1 
ATOM   655  C CB  . CYS A 1 85  ? 5.098   -14.333 3.534   1.00 9.95  ?  85  CYS A CB  1 
ATOM   656  S SG  . CYS A 1 85  ? 4.606   -12.682 4.002   1.00 10.90 ?  85  CYS A SG  1 
ATOM   657  N N   . GLY A 1 86  ? 6.071   -17.452 4.213   1.00 12.58 ?  86  GLY A N   1 
ATOM   658  C CA  . GLY A 1 86  ? 6.420   -18.720 3.590   1.00 15.44 ?  86  GLY A CA  1 
ATOM   659  C C   . GLY A 1 86  ? 6.821   -18.516 2.156   1.00 14.44 ?  86  GLY A C   1 
ATOM   660  O O   . GLY A 1 86  ? 7.101   -17.402 1.746   1.00 15.61 ?  86  GLY A O   1 
ATOM   661  N N   . ASP A 1 87  ? 6.755   -19.571 1.348   1.00 15.67 ?  87  ASP A N   1 
ATOM   662  C CA  . ASP A 1 87  ? 7.150   -19.599 -0.011  1.00 16.54 ?  87  ASP A CA  1 
ATOM   663  C C   . ASP A 1 87  ? 6.005   -19.262 -0.903  1.00 15.46 ?  87  ASP A C   1 
ATOM   664  O O   . ASP A 1 87  ? 5.147   -20.138 -1.237  1.00 18.28 ?  87  ASP A O   1 
ATOM   665  C CB  . ASP A 1 87  ? 7.646   -21.023 -0.370  1.00 20.79 ?  87  ASP A CB  1 
ATOM   666  C CG  . ASP A 1 87  ? 8.252   -21.115 -1.805  1.00 28.04 ?  87  ASP A CG  1 
ATOM   667  O OD1 . ASP A 1 87  ? 8.393   -20.084 -2.479  1.00 29.63 ?  87  ASP A OD1 1 
ATOM   668  O OD2 . ASP A 1 87  ? 8.575   -22.247 -2.273  1.00 37.94 ?  87  ASP A OD2 1 
ATOM   669  N N   . VAL A 1 88  ? 5.845   -17.981 -1.230  1.00 12.28 ?  88  VAL A N   1 
ATOM   670  C CA  . VAL A 1 88  ? 4.925   -17.518 -2.149  1.00 11.25 ?  88  VAL A CA  1 
ATOM   671  C C   . VAL A 1 88  ? 5.536   -16.693 -3.287  1.00 10.38 ?  88  VAL A C   1 
ATOM   672  O O   . VAL A 1 88  ? 6.612   -16.146 -3.096  1.00 12.58 ?  88  VAL A O   1 
ATOM   673  C CB  . VAL A 1 88  ? 3.825   -16.665 -1.438  1.00 11.74 ?  88  VAL A CB  1 
ATOM   674  C CG1 . VAL A 1 88  ? 3.123   -17.432 -0.317  1.00 12.27 ?  88  VAL A CG1 1 
ATOM   675  C CG2 . VAL A 1 88  ? 4.418   -15.441 -0.816  1.00 12.68 ?  88  VAL A CG2 1 
ATOM   676  N N   . PRO A 1 89  ? 4.813   -16.449 -4.354  1.00 10.84 ?  89  PRO A N   1 
ATOM   677  C CA  . PRO A 1 89  ? 5.364   -15.699 -5.459  1.00 11.05 ?  89  PRO A CA  1 
ATOM   678  C C   . PRO A 1 89  ? 5.524   -14.218 -5.158  1.00 11.76 ?  89  PRO A C   1 
ATOM   679  O O   . PRO A 1 89  ? 6.409   -13.529 -5.685  1.00 13.28 ?  89  PRO A O   1 
ATOM   680  C CB  . PRO A 1 89  ? 4.357   -15.879 -6.537  1.00 12.69 ?  89  PRO A CB  1 
ATOM   681  C CG  . PRO A 1 89  ? 3.683   -17.195 -6.287  1.00 12.79 ?  89  PRO A CG  1 
ATOM   682  C CD  . PRO A 1 89  ? 3.629   -17.236 -4.775  1.00 11.36 ?  89  PRO A CD  1 
ATOM   683  N N   . GLU A 1 90  ? 4.653   -13.686 -4.293  1.00 10.98 ?  90  GLU A N   1 
ATOM   684  C CA  . GLU A 1 90  ? 4.544   -12.253 -4.149  1.00 10.00 ?  90  GLU A CA  1 
ATOM   685  C C   . GLU A 1 90  ? 3.970   -11.891 -2.776  1.00 8.88  ?  90  GLU A C   1 
ATOM   686  O O   . GLU A 1 90  ? 2.866   -12.352 -2.445  1.00 9.41  ?  90  GLU A O   1 
ATOM   687  C CB  . GLU A 1 90  ? 3.684   -11.603 -5.229  1.00 10.23 ?  90  GLU A CB  1 
ATOM   688  C CG  . GLU A 1 90  ? 3.813   -10.089 -5.292  1.00 10.11 ?  90  GLU A CG  1 
ATOM   689  C CD  . GLU A 1 90  ? 3.079   -9.430  -6.437  1.00 9.99  ?  90  GLU A CD  1 
ATOM   690  O OE1 . GLU A 1 90  ? 2.179   -10.053 -7.018  1.00 11.41 ?  90  GLU A OE1 1 
ATOM   691  O OE2 . GLU A 1 90  ? 3.409   -8.228  -6.730  1.00 11.64 ?  90  GLU A OE2 1 
ATOM   692  N N   . ILE A 1 91  ? 4.719   -11.060 -2.046  1.00 8.59  ?  91  ILE A N   1 
ATOM   693  C CA  . ILE A 1 91  ? 4.297   -10.521 -0.757  1.00 8.50  ?  91  ILE A CA  1 
ATOM   694  C C   . ILE A 1 91  ? 3.887   -9.094  -0.994  1.00 9.46  ?  91  ILE A C   1 
ATOM   695  O O   . ILE A 1 91  ? 4.676   -8.323  -1.590  1.00 9.02  ?  91  ILE A O   1 
ATOM   696  C CB  . ILE A 1 91  ? 5.438   -10.600 0.245   1.00 10.10 ?  91  ILE A CB  1 
ATOM   697  C CG1 . ILE A 1 91  ? 5.803   -12.038 0.532   1.00 10.13 ?  91  ILE A CG1 1 
ATOM   698  C CG2 . ILE A 1 91  ? 5.106   -9.901  1.558   1.00 9.84  ?  91  ILE A CG2 1 
ATOM   699  C CD1 . ILE A 1 91  ? 7.127   -12.179 1.248   1.00 9.17  ?  91  ILE A CD1 1 
ATOM   700  N N   . MET A 1 92  ? 2.716   -8.686  -0.516  1.00 7.97  ?  92  MET A N   1 
ATOM   701  C CA  . MET A 1 92  ? 2.252   -7.322  -0.658  1.00 8.64  ?  92  MET A CA  1 
ATOM   702  C C   . MET A 1 92  ? 2.395   -6.502  0.622   1.00 8.49  ?  92  MET A C   1 
ATOM   703  O O   . MET A 1 92  ? 1.763   -6.827  1.618   1.00 10.53 ?  92  MET A O   1 
ATOM   704  C CB  . MET A 1 92  ? 0.723   -7.353  -1.054  1.00 9.49  ?  92  MET A CB  1 
ATOM   705  C CG  . MET A 1 92  ? 0.494   -8.107  -2.369  1.00 9.22  ?  92  MET A CG  1 
ATOM   706  S SD  . MET A 1 92  ? 1.308   -7.383  -3.848  1.00 10.54 ?  92  MET A SD  1 
ATOM   707  C CE  . MET A 1 92  ? 0.438   -5.828  -4.035  1.00 11.20 ?  92  MET A CE  1 
ATOM   708  N N   . VAL A 1 93  ? 3.158   -5.431  0.652   1.00 7.88  ?  93  VAL A N   1 
ATOM   709  C CA  . VAL A 1 93  ? 3.276   -4.596  1.794   1.00 7.80  ?  93  VAL A CA  1 
ATOM   710  C C   . VAL A 1 93  ? 2.357   -3.398  1.593   1.00 7.57  ?  93  VAL A C   1 
ATOM   711  O O   . VAL A 1 93  ? 2.432   -2.690  0.543   1.00 7.45  ?  93  VAL A O   1 
ATOM   712  C CB  . VAL A 1 93  ? 4.710   -4.123  1.909   1.00 8.90  ?  93  VAL A CB  1 
ATOM   713  C CG1 . VAL A 1 93  ? 4.916   -3.117  3.019   1.00 9.99  ?  93  VAL A CG1 1 
ATOM   714  C CG2 . VAL A 1 93  ? 5.660   -5.315  2.036   1.00 8.40  ?  93  VAL A CG2 1 
ATOM   715  N N   . ILE A 1 94  ? 1.433   -3.218  2.491   1.00 7.53  ?  94  ILE A N   1 
ATOM   716  C CA  . ILE A 1 94  ? 0.288   -2.311  2.272   1.00 8.26  ?  94  ILE A CA  1 
ATOM   717  C C   . ILE A 1 94  ? 0.390   -1.049  3.105   1.00 10.41 ?  94  ILE A C   1 
ATOM   718  O O   . ILE A 1 94  ? -0.591  -0.212  3.205   1.00 15.05 ?  94  ILE A O   1 
ATOM   719  C CB  . ILE A 1 94  ? -1.085  -2.996  2.394   1.00 8.03  ?  94  ILE A CB  1 
ATOM   720  C CG1 . ILE A 1 94  ? -1.392  -3.317  3.859   1.00 7.64  ?  94  ILE A CG1 1 
ATOM   721  C CG2 . ILE A 1 94  ? -1.108  -4.187  1.500   1.00 8.39  ?  94  ILE A CG2 1 
ATOM   722  C CD1 . ILE A 1 94  ? -2.853  -3.764  4.030   1.00 8.92  ?  94  ILE A CD1 1 
ATOM   723  N N   . GLY A 1 95  ? 1.393   -0.878  3.921   1.00 9.03  ?  95  GLY A N   1 
ATOM   724  C CA  . GLY A 1 95  ? 1.524   0.382   4.623   1.00 9.90  ?  95  GLY A CA  1 
ATOM   725  C C   . GLY A 1 95  ? 1.674   0.187   6.110   1.00 10.35 ?  95  GLY A C   1 
ATOM   726  O O   . GLY A 1 95  ? 1.695   -0.974  6.578   1.00 8.61  ?  95  GLY A O   1 
ATOM   727  N N   . GLY A 1 96  ? 1.871   1.261   6.877   1.00 8.67  ?  96  GLY A N   1 
ATOM   728  C CA  . GLY A 1 96  ? 1.861   2.614   6.437   1.00 9.61  ?  96  GLY A CA  1 
ATOM   729  C C   . GLY A 1 96  ? 3.249   3.110   6.121   1.00 10.27 ?  96  GLY A C   1 
ATOM   730  O O   . GLY A 1 96  ? 4.176   2.362   5.755   1.00 9.15  ?  96  GLY A O   1 
ATOM   731  N N   . GLY A 1 97  ? 3.440   4.393   6.395   1.00 12.71 ?  97  GLY A N   1 
ATOM   732  C CA  . GLY A 1 97  ? 4.703   5.045   6.053   1.00 12.61 ?  97  GLY A CA  1 
ATOM   733  C C   . GLY A 1 97  ? 5.958   4.402   6.610   1.00 11.97 ?  97  GLY A C   1 
ATOM   734  O O   . GLY A 1 97  ? 6.914   4.236   5.851   1.00 15.13 ?  97  GLY A O   1 
ATOM   735  N N   . ARG A 1 98  ? 5.983   4.097   7.906   1.00 13.44 ?  98  ARG A N   1 
ATOM   736  C CA  . ARG A 1 98  ? 7.153   3.439   8.524   1.00 14.64 ?  98  ARG A CA  1 
ATOM   737  C C   . ARG A 1 98  ? 7.432   2.084   7.936   1.00 12.45 ?  98  ARG A C   1 
ATOM   738  O O   . ARG A 1 98  ? 8.544   1.720   7.727   1.00 12.65 ?  98  ARG A O   1 
ATOM   739  C CB  . ARG A 1 98  ? 6.948   3.314   10.035  1.00 20.00 ?  98  ARG A CB  1 
ATOM   740  N N   . VAL A 1 99  ? 6.344   1.388   7.634   1.00 12.55 ?  99  VAL A N   1 
ATOM   741  C CA  . VAL A 1 99  ? 6.465   0.061   7.025   1.00 10.48 ?  99  VAL A CA  1 
ATOM   742  C C   . VAL A 1 99  ? 6.906   0.137   5.590   1.00 8.97  ?  99  VAL A C   1 
ATOM   743  O O   . VAL A 1 99  ? 7.822   -0.548  5.181   1.00 8.56  ?  99  VAL A O   1 
ATOM   744  C CB  . VAL A 1 99  ? 5.190   -0.740  7.224   1.00 11.65 ?  99  VAL A CB  1 
ATOM   745  C CG1 . VAL A 1 99  ? 5.230   -2.080  6.475   1.00 10.15 ?  99  VAL A CG1 1 
ATOM   746  C CG2 . VAL A 1 99  ? 4.908   -0.866  8.727   1.00 10.98 ?  99  VAL A CG2 1 
ATOM   747  N N   . TYR A 1 100 ? 6.347   0.977   4.776   1.00 8.97  ?  100 TYR A N   1 
ATOM   748  C CA  . TYR A 1 100 ? 6.886   1.198   3.416   1.00 9.11  ?  100 TYR A CA  1 
ATOM   749  C C   . TYR A 1 100 ? 8.393   1.511   3.348   1.00 8.95  ?  100 TYR A C   1 
ATOM   750  O O   . TYR A 1 100 ? 9.106   0.975   2.587   1.00 9.69  ?  100 TYR A O   1 
ATOM   751  C CB  . TYR A 1 100 ? 6.193   2.380   2.770   1.00 9.86  ?  100 TYR A CB  1 
ATOM   752  C CG  . TYR A 1 100 ? 4.712   2.203   2.415   1.00 10.19 ?  100 TYR A CG  1 
ATOM   753  C CD1 . TYR A 1 100 ? 4.211   1.086   1.758   1.00 10.60 ?  100 TYR A CD1 1 
ATOM   754  C CD2 . TYR A 1 100 ? 3.834   3.234   2.701   1.00 9.90  ?  100 TYR A CD2 1 
ATOM   755  C CE1 . TYR A 1 100 ? 2.893   1.032   1.365   1.00 9.57  ?  100 TYR A CE1 1 
ATOM   756  C CE2 . TYR A 1 100 ? 2.529   3.191   2.297   1.00 11.03 ?  100 TYR A CE2 1 
ATOM   757  C CZ  . TYR A 1 100 ? 2.051   2.080   1.670   1.00 10.20 ?  100 TYR A CZ  1 
ATOM   758  O OH  . TYR A 1 100 ? 0.702   1.984   1.282   1.00 11.37 ?  100 TYR A OH  1 
ATOM   759  N N   . GLU A 1 101 ? 8.796   2.409   4.283   1.00 10.08 ?  101 GLU A N   1 
ATOM   760  C CA  . GLU A 1 101 ? 10.230  2.746   4.383   1.00 13.52 ?  101 GLU A CA  1 
ATOM   761  C C   . GLU A 1 101 ? 11.121  1.557   4.593   1.00 12.18 ?  101 GLU A C   1 
ATOM   762  O O   . GLU A 1 101 ? 12.191  1.443   4.017   1.00 10.91 ?  101 GLU A O   1 
ATOM   763  C CB  . GLU A 1 101 ? 10.410  3.742   5.514   1.00 19.15 ?  101 GLU A CB  1 
ATOM   764  C CG  . GLU A 1 101 ? 11.635  4.534   5.442   1.00 31.51 ?  101 GLU A CG  1 
ATOM   765  C CD  . GLU A 1 101 ? 11.505  5.778   6.343   1.00 42.10 ?  101 GLU A CD  1 
ATOM   766  O OE1 . GLU A 1 101 ? 10.611  5.781   7.282   1.00 41.96 ?  101 GLU A OE1 1 
ATOM   767  O OE2 . GLU A 1 101 ? 12.284  6.755   6.098   1.00 61.65 ?  101 GLU A OE2 1 
ATOM   768  N N   . GLN A 1 102 ? 10.729  0.643   5.477   1.00 9.63  ?  102 GLN A N   1 
ATOM   769  C CA  . GLN A 1 102 ? 11.555  -0.480  5.768   1.00 9.81  ?  102 GLN A CA  1 
ATOM   770  C C   . GLN A 1 102 ? 11.626  -1.479  4.679   1.00 9.96  ?  102 GLN A C   1 
ATOM   771  O O   . GLN A 1 102 ? 12.642  -2.148  4.486   1.00 11.17 ?  102 GLN A O   1 
ATOM   772  C CB  . GLN A 1 102 ? 11.088  -1.128  7.060   1.00 10.35 ?  102 GLN A CB  1 
ATOM   773  C CG  . GLN A 1 102 ? 11.213  -0.305  8.322   1.00 11.03 ?  102 GLN A CG  1 
ATOM   774  C CD  . GLN A 1 102 ? 10.445  -0.900  9.482   1.00 12.73 ?  102 GLN A CD  1 
ATOM   775  O OE1 . GLN A 1 102 ? 10.985  -1.716  10.214  1.00 13.68 ?  102 GLN A OE1 1 
ATOM   776  N NE2 . GLN A 1 102 ? 9.240   -0.424  9.704   1.00 13.14 ?  102 GLN A NE2 1 
ATOM   777  N N   . PHE A 1 103 ? 10.542  -1.604  3.934   1.00 8.31  ?  103 PHE A N   1 
ATOM   778  C CA  . PHE A 1 103 ? 10.452  -2.571  2.834   1.00 8.29  ?  103 PHE A CA  1 
ATOM   779  C C   . PHE A 1 103 ? 10.833  -2.155  1.454   1.00 8.71  ?  103 PHE A C   1 
ATOM   780  O O   . PHE A 1 103 ? 11.199  -2.962  0.641   1.00 9.70  ?  103 PHE A O   1 
ATOM   781  C CB  . PHE A 1 103 ? 8.998   -3.196  2.776   1.00 8.44  ?  103 PHE A CB  1 
ATOM   782  C CG  . PHE A 1 103 ? 8.710   -4.239  3.837   1.00 7.61  ?  103 PHE A CG  1 
ATOM   783  C CD1 . PHE A 1 103 ? 9.014   -5.612  3.584   1.00 7.84  ?  103 PHE A CD1 1 
ATOM   784  C CD2 . PHE A 1 103 ? 8.197   -3.898  5.062   1.00 7.81  ?  103 PHE A CD2 1 
ATOM   785  C CE1 . PHE A 1 103 ? 8.778   -6.561  4.553   1.00 8.68  ?  103 PHE A CE1 1 
ATOM   786  C CE2 . PHE A 1 103 ? 7.981   -4.840  6.034   1.00 8.95  ?  103 PHE A CE2 1 
ATOM   787  C CZ  . PHE A 1 103 ? 8.242   -6.184  5.762   1.00 8.64  ?  103 PHE A CZ  1 
ATOM   788  N N   . LEU A 1 104 ? 10.961  -0.823  1.282   1.00 10.35 ?  104 LEU A N   1 
ATOM   789  C CA  . LEU A 1 104 ? 11.282  -0.353  -0.048  1.00 11.68 ?  104 LEU A CA  1 
ATOM   790  C C   . LEU A 1 104 ? 12.636  -0.862  -0.569  1.00 10.79 ?  104 LEU A C   1 
ATOM   791  O O   . LEU A 1 104 ? 12.695  -1.294  -1.732  1.00 11.76 ?  104 LEU A O   1 
ATOM   792  C CB  . LEU A 1 104 ? 11.220  1.185   -0.062  1.00 13.07 ?  104 LEU A CB  1 
ATOM   793  C CG  . LEU A 1 104 ? 11.638  1.778   -1.420  1.00 14.24 ?  104 LEU A CG  1 
ATOM   794  C CD1 . LEU A 1 104 ? 10.722  1.404   -2.536  1.00 14.06 ?  104 LEU A CD1 1 
ATOM   795  C CD2 . LEU A 1 104 ? 11.676  3.264   -1.262  1.00 15.52 ?  104 LEU A CD2 1 
ATOM   796  N N   . PRO A 1 105 ? 13.704  -0.839  0.233   1.00 10.95 ?  105 PRO A N   1 
ATOM   797  C CA  . PRO A 1 105 ? 14.915  -1.410  -0.299  1.00 11.60 ?  105 PRO A CA  1 
ATOM   798  C C   . PRO A 1 105 ? 14.946  -2.867  -0.666  1.00 12.11 ?  105 PRO A C   1 
ATOM   799  O O   . PRO A 1 105 ? 15.783  -3.314  -1.459  1.00 13.42 ?  105 PRO A O   1 
ATOM   800  C CB  . PRO A 1 105 ? 15.896  -1.184  0.841   1.00 13.19 ?  105 PRO A CB  1 
ATOM   801  C CG  . PRO A 1 105 ? 15.287  -0.203  1.729   1.00 15.14 ?  105 PRO A CG  1 
ATOM   802  C CD  . PRO A 1 105 ? 13.845  -0.424  1.618   1.00 11.40 ?  105 PRO A CD  1 
ATOM   803  N N   . LYS A 1 106 ? 13.958  -3.608  -0.149  1.00 11.66 ?  106 LYS A N   1 
ATOM   804  C CA  . LYS A 1 106 ? 13.765  -5.006  -0.457  1.00 12.33 ?  106 LYS A CA  1 
ATOM   805  C C   . LYS A 1 106 ? 12.817  -5.276  -1.669  1.00 12.09 ?  106 LYS A C   1 
ATOM   806  O O   . LYS A 1 106 ? 12.745  -6.423  -2.150  1.00 14.77 ?  106 LYS A O   1 
ATOM   807  C CB  . LYS A 1 106 ? 13.190  -5.731  0.741   1.00 13.86 ?  106 LYS A CB  1 
ATOM   808  C CG  . LYS A 1 106 ? 14.133  -5.819  1.909   1.00 17.65 ?  106 LYS A CG  1 
ATOM   809  C CD  . LYS A 1 106 ? 13.474  -6.518  3.059   1.00 19.57 ?  106 LYS A CD  1 
ATOM   810  C CE  . LYS A 1 106 ? 14.509  -7.169  3.964   1.00 22.84 ?  106 LYS A CE  1 
ATOM   811  N NZ  . LYS A 1 106 ? 15.324  -6.190  4.719   1.00 23.30 ?  106 LYS A NZ  1 
ATOM   812  N N   . ALA A 1 107 ? 12.089  -4.251  -2.091  1.00 9.46  ?  107 ALA A N   1 
ATOM   813  C CA  . ALA A 1 107 ? 10.973  -4.428  -3.048  1.00 9.79  ?  107 ALA A CA  1 
ATOM   814  C C   . ALA A 1 107 ? 11.444  -4.485  -4.478  1.00 10.19 ?  107 ALA A C   1 
ATOM   815  O O   . ALA A 1 107 ? 12.315  -3.732  -4.879  1.00 11.33 ?  107 ALA A O   1 
ATOM   816  C CB  . ALA A 1 107 ? 10.018  -3.311  -2.868  1.00 9.66  ?  107 ALA A CB  1 
ATOM   817  N N   . GLN A 1 108 ? 10.767  -5.306  -5.245  1.00 10.07 ?  108 GLN A N   1 
ATOM   818  C CA  . GLN A 1 108 ? 10.995  -5.425  -6.660  1.00 11.36 ?  108 GLN A CA  1 
ATOM   819  C C   . GLN A 1 108 ? 9.947   -4.655  -7.452  1.00 11.89 ?  108 GLN A C   1 
ATOM   820  O O   . GLN A 1 108 ? 10.196  -4.407  -8.639  1.00 11.30 ?  108 GLN A O   1 
ATOM   821  C CB  . GLN A 1 108 ? 10.927  -6.906  -7.044  1.00 12.75 ?  108 GLN A CB  1 
ATOM   822  C CG  . GLN A 1 108 ? 11.271  -7.242  -8.463  1.00 17.31 ?  108 GLN A CG  1 
ATOM   823  C CD  . GLN A 1 108 ? 10.101  -7.335  -9.447  1.00 17.11 ?  108 GLN A CD  1 
ATOM   824  O OE1 . GLN A 1 108 ? 8.934   -7.790  -9.096  1.00 25.27 ?  108 GLN A OE1 1 
ATOM   825  N NE2 . GLN A 1 108 ? 10.405  -7.004  -10.714 1.00 17.72 ?  108 GLN A NE2 1 
ATOM   826  N N   . LYS A 1 109 ? 8.731   -4.456  -6.901  1.00 9.74  ?  109 LYS A N   1 
ATOM   827  C CA  . LYS A 1 109 ? 7.615   -3.891  -7.630  1.00 10.20 ?  109 LYS A CA  1 
ATOM   828  C C   . LYS A 1 109 ? 6.879   -2.930  -6.765  1.00 9.27  ?  109 LYS A C   1 
ATOM   829  O O   . LYS A 1 109 ? 6.775   -3.122  -5.540  1.00 9.07  ?  109 LYS A O   1 
ATOM   830  C CB  . LYS A 1 109 ? 6.681   -4.984  -7.984  1.00 12.46 ?  109 LYS A CB  1 
ATOM   831  C CG  . LYS A 1 109 ? 5.737   -4.762  -9.091  1.00 17.34 ?  109 LYS A CG  1 
ATOM   832  C CD  . LYS A 1 109 ? 5.468   -6.205  -9.552  1.00 20.67 ?  109 LYS A CD  1 
ATOM   833  C CE  . LYS A 1 109 ? 4.327   -6.208  -10.497 1.00 27.75 ?  109 LYS A CE  1 
ATOM   834  N NZ  . LYS A 1 109 ? 4.136   -7.538  -11.109 1.00 27.41 ?  109 LYS A NZ  1 
ATOM   835  N N   . LEU A 1 110 ? 6.333   -1.872  -7.391  1.00 9.17  ?  110 LEU A N   1 
ATOM   836  C CA  . LEU A 1 110 ? 5.484   -0.797  -6.758  1.00 9.09  ?  110 LEU A CA  1 
ATOM   837  C C   . LEU A 1 110 ? 4.192   -0.757  -7.530  1.00 9.29  ?  110 LEU A C   1 
ATOM   838  O O   . LEU A 1 110 ? 4.240   -0.635  -8.773  1.00 9.92  ?  110 LEU A O   1 
ATOM   839  C CB  . LEU A 1 110 ? 6.143   0.550   -6.770  1.00 9.51  ?  110 LEU A CB  1 
ATOM   840  C CG  . LEU A 1 110 ? 7.549   0.613   -6.259  1.00 9.38  ?  110 LEU A CG  1 
ATOM   841  C CD1 . LEU A 1 110 ? 8.085   2.067   -6.378  1.00 10.60 ?  110 LEU A CD1 1 
ATOM   842  C CD2 . LEU A 1 110 ? 7.625   0.179   -4.772  1.00 10.29 ?  110 LEU A CD2 1 
ATOM   843  N N   . TYR A 1 111 ? 3.074   -0.865  -6.846  1.00 8.30  ?  111 TYR A N   1 
ATOM   844  C CA  . TYR A 1 111 ? 1.762   -0.603  -7.383  1.00 7.99  ?  111 TYR A CA  1 
ATOM   845  C C   . TYR A 1 111 ? 1.285   0.716   -6.804  1.00 8.67  ?  111 TYR A C   1 
ATOM   846  O O   . TYR A 1 111 ? 0.987   0.860   -5.610  1.00 8.72  ?  111 TYR A O   1 
ATOM   847  C CB  . TYR A 1 111 ? 0.780   -1.738  -6.955  1.00 8.25  ?  111 TYR A CB  1 
ATOM   848  C CG  . TYR A 1 111 ? 1.067   -3.155  -7.405  1.00 8.39  ?  111 TYR A CG  1 
ATOM   849  C CD1 . TYR A 1 111 ? 2.089   -3.906  -6.843  1.00 9.55  ?  111 TYR A CD1 1 
ATOM   850  C CD2 . TYR A 1 111 ? 0.319   -3.763  -8.383  1.00 9.24  ?  111 TYR A CD2 1 
ATOM   851  C CE1 . TYR A 1 111 ? 2.325   -5.219  -7.204  1.00 10.72 ?  111 TYR A CE1 1 
ATOM   852  C CE2 . TYR A 1 111 ? 0.522   -5.073  -8.768  1.00 9.42  ?  111 TYR A CE2 1 
ATOM   853  C CZ  . TYR A 1 111 ? 1.527   -5.832  -8.196  1.00 10.36 ?  111 TYR A CZ  1 
ATOM   854  O OH  . TYR A 1 111 ? 1.766   -7.149  -8.494  1.00 11.88 ?  111 TYR A OH  1 
ATOM   855  N N   . LEU A 1 112 ? 1.185   1.733   -7.666  1.00 8.28  ?  112 LEU A N   1 
ATOM   856  C CA  . LEU A 1 112 ? 0.924   3.077   -7.211  1.00 9.27  ?  112 LEU A CA  1 
ATOM   857  C C   . LEU A 1 112 ? -0.278  3.651   -7.860  1.00 9.73  ?  112 LEU A C   1 
ATOM   858  O O   . LEU A 1 112 ? -0.487  3.453   -9.029  1.00 11.15 ?  112 LEU A O   1 
ATOM   859  C CB  . LEU A 1 112 ? 2.068   4.081   -7.511  1.00 11.31 ?  112 LEU A CB  1 
ATOM   860  C CG  . LEU A 1 112 ? 3.422   3.586   -6.962  1.00 11.57 ?  112 LEU A CG  1 
ATOM   861  C CD1 . LEU A 1 112 ? 4.584   4.560   -7.380  1.00 12.29 ?  112 LEU A CD1 1 
ATOM   862  C CD2 . LEU A 1 112 ? 3.398   3.388   -5.497  1.00 11.95 ?  112 LEU A CD2 1 
ATOM   863  N N   . THR A 1 113 ? -1.063  4.351   -7.091  1.00 9.23  ?  113 THR A N   1 
ATOM   864  C CA  . THR A 1 113 ? -2.226  5.083   -7.592  1.00 11.12 ?  113 THR A CA  1 
ATOM   865  C C   . THR A 1 113 ? -1.850  6.565   -7.395  1.00 10.91 ?  113 THR A C   1 
ATOM   866  O O   . THR A 1 113 ? -1.768  7.022   -6.258  1.00 11.27 ?  113 THR A O   1 
ATOM   867  C CB  . THR A 1 113 ? -3.541  4.643   -6.902  1.00 10.70 ?  113 THR A CB  1 
ATOM   868  O OG1 . THR A 1 113 ? -3.755  3.255   -6.998  1.00 11.29 ?  113 THR A OG1 1 
ATOM   869  C CG2 . THR A 1 113 ? -4.714  5.398   -7.582  1.00 11.81 ?  113 THR A CG2 1 
ATOM   870  N N   . HIS A 1 114 ? -1.698  7.283   -8.517  1.00 12.00 ?  114 HIS A N   1 
ATOM   871  C CA  . HIS A 1 114 ? -1.370  8.712   -8.492  1.00 12.90 ?  114 HIS A CA  1 
ATOM   872  C C   . HIS A 1 114 ? -2.657  9.493   -8.624  1.00 16.47 ?  114 HIS A C   1 
ATOM   873  O O   . HIS A 1 114 ? -3.351  9.422   -9.667  1.00 16.00 ?  114 HIS A O   1 
ATOM   874  C CB  . HIS A 1 114 ? -0.442  9.067   -9.610  1.00 14.39 ?  114 HIS A CB  1 
ATOM   875  C CG  . HIS A 1 114 ? 0.758   8.204   -9.654  1.00 16.49 ?  114 HIS A CG  1 
ATOM   876  N ND1 . HIS A 1 114 ? 1.881   8.437   -8.889  1.00 18.52 ?  114 HIS A ND1 1 
ATOM   877  C CD2 . HIS A 1 114 ? 1.077   7.205   -10.499 1.00 19.38 ?  114 HIS A CD2 1 
ATOM   878  C CE1 . HIS A 1 114 ? 2.814   7.558   -9.220  1.00 18.54 ?  114 HIS A CE1 1 
ATOM   879  N NE2 . HIS A 1 114 ? 2.344   6.808   -10.190 1.00 18.35 ?  114 HIS A NE2 1 
ATOM   880  N N   . ILE A 1 115 ? -3.078  10.105  -7.521  1.00 15.13 ?  115 ILE A N   1 
ATOM   881  C CA  . ILE A 1 115 ? -4.383  10.736  -7.421  1.00 16.51 ?  115 ILE A CA  1 
ATOM   882  C C   . ILE A 1 115 ? -4.171  12.240  -7.639  1.00 16.88 ?  115 ILE A C   1 
ATOM   883  O O   . ILE A 1 115 ? -3.241  12.890  -7.052  1.00 16.46 ?  115 ILE A O   1 
ATOM   884  C CB  . ILE A 1 115 ? -5.060  10.418  -6.092  1.00 16.79 ?  115 ILE A CB  1 
ATOM   885  C CG1 . ILE A 1 115 ? -5.265  8.896   -5.970  1.00 19.86 ?  115 ILE A CG1 1 
ATOM   886  C CG2 . ILE A 1 115 ? -6.381  11.163  -5.985  1.00 17.91 ?  115 ILE A CG2 1 
ATOM   887  C CD1 . ILE A 1 115 ? -5.506  8.416   -4.538  1.00 20.07 ?  115 ILE A CD1 1 
ATOM   888  N N   A ASP A 1 116 ? -4.993  12.775  -8.555  1.00 17.58 ?  116 ASP A N   1 
ATOM   889  C CA  A ASP A 1 116 ? -4.916  14.226  -8.879  1.00 19.97 ?  116 ASP A CA  1 
ATOM   890  C C   A ASP A 1 116 ? -5.651  15.058  -7.849  1.00 21.16 ?  116 ASP A C   1 
ATOM   891  O O   A ASP A 1 116 ? -6.764  15.615  -8.109  1.00 20.93 ?  116 ASP A O   1 
ATOM   892  C CB  A ASP A 1 116 ? -5.435  14.478  -10.313 1.00 21.82 ?  116 ASP A CB  1 
ATOM   893  C CG  A ASP A 1 116 ? -4.584  13.801  -11.377 1.00 26.79 ?  116 ASP A CG  1 
ATOM   894  O OD1 A ASP A 1 116 ? -3.348  13.997  -11.431 1.00 27.69 ?  116 ASP A OD1 1 
ATOM   895  O OD2 A ASP A 1 116 ? -5.144  13.103  -12.237 1.00 27.50 ?  116 ASP A OD2 1 
ATOM   896  N N   . ALA A 1 117 ? -5.065  15.059  -6.625  1.00 19.66 ?  117 ALA A N   1 
ATOM   897  C CA  . ALA A 1 117 ? -5.450  15.911  -5.490  1.00 21.47 ?  117 ALA A CA  1 
ATOM   898  C C   . ALA A 1 117 ? -4.158  16.479  -4.872  1.00 26.43 ?  117 ALA A C   1 
ATOM   899  O O   . ALA A 1 117 ? -3.134  15.798  -4.805  1.00 29.64 ?  117 ALA A O   1 
ATOM   900  C CB  . ALA A 1 117 ? -6.218  15.088  -4.494  1.00 23.21 ?  117 ALA A CB  1 
ATOM   901  N N   . GLU A 1 118 ? -4.190  17.770  -4.552  1.00 27.93 ?  118 GLU A N   1 
ATOM   902  C CA  . GLU A 1 118 ? -3.071  18.470  -3.874  1.00 31.47 ?  118 GLU A CA  1 
ATOM   903  C C   . GLU A 1 118 ? -3.310  18.438  -2.360  1.00 27.25 ?  118 GLU A C   1 
ATOM   904  O O   . GLU A 1 118 ? -4.393  18.814  -1.875  1.00 27.16 ?  118 GLU A O   1 
ATOM   905  C CB  . GLU A 1 118 ? -2.925  19.918  -4.355  1.00 32.51 ?  118 GLU A CB  1 
ATOM   906  C CG  . GLU A 1 118 ? -2.695  19.972  -5.878  1.00 40.05 ?  118 GLU A CG  1 
ATOM   907  C CD  . GLU A 1 118 ? -2.777  21.378  -6.448  1.00 49.62 ?  118 GLU A CD  1 
ATOM   908  O OE1 . GLU A 1 118 ? -3.216  22.316  -5.711  1.00 55.73 ?  118 GLU A OE1 1 
ATOM   909  O OE2 . GLU A 1 118 ? -2.408  21.535  -7.646  1.00 54.53 ?  118 GLU A OE2 1 
ATOM   910  N N   . VAL A 1 119 ? -2.307  17.908  -1.650  1.00 29.42 ?  119 VAL A N   1 
ATOM   911  C CA  . VAL A 1 119 ? -2.352  17.768  -0.199  1.00 32.08 ?  119 VAL A CA  1 
ATOM   912  C C   . VAL A 1 119 ? -1.080  18.431  0.322   1.00 34.49 ?  119 VAL A C   1 
ATOM   913  O O   . VAL A 1 119 ? 0.008   18.272  -0.269  1.00 29.74 ?  119 VAL A O   1 
ATOM   914  C CB  . VAL A 1 119 ? -2.490  16.261  0.183   1.00 34.91 ?  119 VAL A CB  1 
ATOM   915  C CG1 . VAL A 1 119 ? -2.601  16.069  1.703   1.00 38.18 ?  119 VAL A CG1 1 
ATOM   916  C CG2 . VAL A 1 119 ? -3.721  15.662  -0.472  1.00 35.43 ?  119 VAL A CG2 1 
ATOM   917  N N   . GLU A 1 120 ? -1.182  19.198  1.402   1.00 34.62 ?  120 GLU A N   1 
ATOM   918  C CA  . GLU A 1 120 ? 0.039   19.787  1.981   1.00 41.69 ?  120 GLU A CA  1 
ATOM   919  C C   . GLU A 1 120 ? 0.621   18.755  2.977   1.00 47.42 ?  120 GLU A C   1 
ATOM   920  O O   . GLU A 1 120 ? -0.005  18.490  4.011   1.00 45.03 ?  120 GLU A O   1 
ATOM   921  C CB  . GLU A 1 120 ? -0.296  21.148  2.645   1.00 48.52 ?  120 GLU A CB  1 
ATOM   922  C CG  . GLU A 1 120 ? 0.896   21.915  3.245   1.00 54.92 ?  120 GLU A CG  1 
ATOM   923  C CD  . GLU A 1 120 ? 0.565   23.382  3.550   1.00 60.28 ?  120 GLU A CD  1 
ATOM   924  O OE1 . GLU A 1 120 ? -0.594  23.811  3.318   1.00 67.71 ?  120 GLU A OE1 1 
ATOM   925  O OE2 . GLU A 1 120 ? 1.463   24.124  4.005   1.00 68.79 ?  120 GLU A OE2 1 
ATOM   926  N N   . GLY A 1 121 ? 1.784   18.166  2.657   1.00 47.56 ?  121 GLY A N   1 
ATOM   927  C CA  . GLY A 1 121 ? 2.320   16.978  3.403   1.00 53.95 ?  121 GLY A CA  1 
ATOM   928  C C   . GLY A 1 121 ? 1.941   15.621  2.763   1.00 57.99 ?  121 GLY A C   1 
ATOM   929  O O   . GLY A 1 121 ? 2.330   14.515  3.224   1.00 63.28 ?  121 GLY A O   1 
ATOM   930  N N   . HIS A 1 124 ? 3.447   10.046  3.194   1.00 43.50 ?  124 HIS A N   1 
ATOM   931  C CA  . HIS A 1 124 ? 3.323   8.746   3.827   1.00 42.97 ?  124 HIS A CA  1 
ATOM   932  C C   . HIS A 1 124 ? 4.199   7.722   3.100   1.00 35.75 ?  124 HIS A C   1 
ATOM   933  O O   . HIS A 1 124 ? 4.956   6.960   3.694   1.00 38.01 ?  124 HIS A O   1 
ATOM   934  C CB  . HIS A 1 124 ? 1.860   8.310   3.869   1.00 55.62 ?  124 HIS A CB  1 
ATOM   935  C CG  . HIS A 1 124 ? 1.233   8.519   5.218   1.00 71.34 ?  124 HIS A CG  1 
ATOM   936  N ND1 . HIS A 1 124 ? 1.141   7.515   6.163   1.00 78.89 ?  124 HIS A ND1 1 
ATOM   937  C CD2 . HIS A 1 124 ? 0.732   9.635   5.806   1.00 75.80 ?  124 HIS A CD2 1 
ATOM   938  C CE1 . HIS A 1 124 ? 0.571   7.993   7.256   1.00 84.07 ?  124 HIS A CE1 1 
ATOM   939  N NE2 . HIS A 1 124 ? 0.314   9.276   7.066   1.00 82.39 ?  124 HIS A NE2 1 
ATOM   940  N N   . PHE A 1 125 ? 4.141   7.777   1.787   1.00 28.00 ?  125 PHE A N   1 
ATOM   941  C CA  . PHE A 1 125 ? 5.002   6.949   0.927   1.00 20.10 ?  125 PHE A CA  1 
ATOM   942  C C   . PHE A 1 125 ? 6.412   7.563   0.731   1.00 19.63 ?  125 PHE A C   1 
ATOM   943  O O   . PHE A 1 125 ? 6.579   8.749   0.437   1.00 20.43 ?  125 PHE A O   1 
ATOM   944  C CB  . PHE A 1 125 ? 4.325   6.791   -0.405  1.00 19.24 ?  125 PHE A CB  1 
ATOM   945  C CG  . PHE A 1 125 ? 4.833   5.657   -1.197  1.00 14.91 ?  125 PHE A CG  1 
ATOM   946  C CD1 . PHE A 1 125 ? 4.489   4.359   -0.833  1.00 13.45 ?  125 PHE A CD1 1 
ATOM   947  C CD2 . PHE A 1 125 ? 5.760   5.796   -2.203  1.00 13.77 ?  125 PHE A CD2 1 
ATOM   948  C CE1 . PHE A 1 125 ? 4.967   3.293   -1.477  1.00 14.48 ?  125 PHE A CE1 1 
ATOM   949  C CE2 . PHE A 1 125 ? 6.293   4.712   -2.848  1.00 14.29 ?  125 PHE A CE2 1 
ATOM   950  C CZ  . PHE A 1 125 ? 5.918   3.429   -2.480  1.00 16.50 ?  125 PHE A CZ  1 
ATOM   951  N N   . PRO A 1 126 ? 7.447   6.740   0.856   1.00 15.61 ?  126 PRO A N   1 
ATOM   952  C CA  . PRO A 1 126 ? 8.844   7.166   0.649   1.00 17.76 ?  126 PRO A CA  1 
ATOM   953  C C   . PRO A 1 126 ? 9.093   7.690   -0.754  1.00 19.76 ?  126 PRO A C   1 
ATOM   954  O O   . PRO A 1 126 ? 8.469   7.286   -1.731  1.00 20.61 ?  126 PRO A O   1 
ATOM   955  C CB  . PRO A 1 126 ? 9.633   5.890   0.903   1.00 18.18 ?  126 PRO A CB  1 
ATOM   956  C CG  . PRO A 1 126 ? 8.671   4.785   0.989   1.00 19.38 ?  126 PRO A CG  1 
ATOM   957  C CD  . PRO A 1 126 ? 7.337   5.283   1.093   1.00 16.79 ?  126 PRO A CD  1 
ATOM   958  N N   . ASP A 1 127 ? 10.058  8.596   -0.853  1.00 21.38 ?  127 ASP A N   1 
ATOM   959  C CA  . ASP A 1 127 ? 10.514  9.013   -2.176  1.00 24.12 ?  127 ASP A CA  1 
ATOM   960  C C   . ASP A 1 127 ? 11.299  7.882   -2.812  1.00 25.72 ?  127 ASP A C   1 
ATOM   961  O O   . ASP A 1 127 ? 12.030  7.163   -2.127  1.00 26.40 ?  127 ASP A O   1 
ATOM   962  C CB  . ASP A 1 127 ? 11.411  10.243  -2.047  1.00 29.77 ?  127 ASP A CB  1 
ATOM   963  C CG  . ASP A 1 127 ? 10.768  11.349  -1.263  1.00 28.57 ?  127 ASP A CG  1 
ATOM   964  O OD1 . ASP A 1 127 ? 9.927   12.059  -1.872  1.00 34.22 ?  127 ASP A OD1 1 
ATOM   965  O OD2 . ASP A 1 127 ? 11.084  11.543  -0.040  1.00 28.42 ?  127 ASP A OD2 1 
ATOM   966  N N   . TYR A 1 128 ? 11.122  7.671   -4.103  1.00 27.46 ?  128 TYR A N   1 
ATOM   967  C CA  . TYR A 1 128 ? 11.786  6.542   -4.781  1.00 28.85 ?  128 TYR A CA  1 
ATOM   968  C C   . TYR A 1 128 ? 12.565  7.238   -5.917  1.00 32.80 ?  128 TYR A C   1 
ATOM   969  O O   . TYR A 1 128 ? 12.134  8.278   -6.402  1.00 31.74 ?  128 TYR A O   1 
ATOM   970  C CB  . TYR A 1 128 ? 10.827  5.422   -5.312  1.00 30.36 ?  128 TYR A CB  1 
ATOM   971  C CG  . TYR A 1 128 ? 9.669   5.878   -6.180  1.00 30.09 ?  128 TYR A CG  1 
ATOM   972  C CD1 . TYR A 1 128 ? 8.531   6.392   -5.588  1.00 28.21 ?  128 TYR A CD1 1 
ATOM   973  C CD2 . TYR A 1 128 ? 9.700   5.789   -7.588  1.00 28.44 ?  128 TYR A CD2 1 
ATOM   974  C CE1 . TYR A 1 128 ? 7.476   6.866   -6.334  1.00 28.42 ?  128 TYR A CE1 1 
ATOM   975  C CE2 . TYR A 1 128 ? 8.640   6.269   -8.336  1.00 29.48 ?  128 TYR A CE2 1 
ATOM   976  C CZ  . TYR A 1 128 ? 7.531   6.786   -7.698  1.00 28.95 ?  128 TYR A CZ  1 
ATOM   977  O OH  . TYR A 1 128 ? 6.413   7.247   -8.366  1.00 34.11 ?  128 TYR A OH  1 
ATOM   978  N N   . GLU A 1 129 ? 13.704  6.668   -6.277  1.00 36.05 ?  129 GLU A N   1 
ATOM   979  C CA  . GLU A 1 129 ? 14.522  7.195   -7.361  1.00 38.69 ?  129 GLU A CA  1 
ATOM   980  C C   . GLU A 1 129 ? 13.934  6.760   -8.677  1.00 33.37 ?  129 GLU A C   1 
ATOM   981  O O   . GLU A 1 129 ? 13.968  5.573   -9.005  1.00 31.16 ?  129 GLU A O   1 
ATOM   982  C CB  . GLU A 1 129 ? 15.938  6.657   -7.219  1.00 43.51 ?  129 GLU A CB  1 
ATOM   983  C CG  . GLU A 1 129 ? 16.921  7.065   -8.323  1.00 50.17 ?  129 GLU A CG  1 
ATOM   984  C CD  . GLU A 1 129 ? 17.025  8.568   -8.525  1.00 51.30 ?  129 GLU A CD  1 
ATOM   985  O OE1 . GLU A 1 129 ? 17.131  9.308   -7.515  1.00 52.36 ?  129 GLU A OE1 1 
ATOM   986  O OE2 . GLU A 1 129 ? 17.010  8.994   -9.704  1.00 54.57 ?  129 GLU A OE2 1 
ATOM   987  N N   . PRO A 1 130 ? 13.395  7.704   -9.459  1.00 36.68 ?  130 PRO A N   1 
ATOM   988  C CA  . PRO A 1 130 ? 12.795  7.289   -10.719 1.00 37.44 ?  130 PRO A CA  1 
ATOM   989  C C   . PRO A 1 130 ? 13.750  6.533   -11.636 1.00 34.32 ?  130 PRO A C   1 
ATOM   990  O O   . PRO A 1 130 ? 13.275  5.680   -12.376 1.00 29.50 ?  130 PRO A O   1 
ATOM   991  C CB  . PRO A 1 130 ? 12.365  8.607   -11.367 1.00 39.39 ?  130 PRO A CB  1 
ATOM   992  C CG  . PRO A 1 130 ? 12.244  9.558   -10.219 1.00 41.59 ?  130 PRO A CG  1 
ATOM   993  C CD  . PRO A 1 130 ? 13.356  9.170   -9.295  1.00 39.09 ?  130 PRO A CD  1 
ATOM   994  N N   . ASP A 1 131 ? 15.057  6.825   -11.578 1.00 36.58 ?  131 ASP A N   1 
ATOM   995  C CA  . ASP A 1 131 ? 16.009  6.083   -12.403 1.00 38.62 ?  131 ASP A CA  1 
ATOM   996  C C   . ASP A 1 131 ? 16.155  4.630   -12.009 1.00 35.14 ?  131 ASP A C   1 
ATOM   997  O O   . ASP A 1 131 ? 16.618  3.852   -12.826 1.00 35.55 ?  131 ASP A O   1 
ATOM   998  C CB  . ASP A 1 131 ? 17.404  6.736   -12.419 1.00 44.91 ?  131 ASP A CB  1 
ATOM   999  C CG  . ASP A 1 131 ? 17.442  8.050   -13.211 1.00 48.84 ?  131 ASP A CG  1 
ATOM   1000 O OD1 . ASP A 1 131 ? 16.495  8.336   -13.987 1.00 48.42 ?  131 ASP A OD1 1 
ATOM   1001 O OD2 . ASP A 1 131 ? 18.422  8.802   -13.025 1.00 50.64 ?  131 ASP A OD2 1 
ATOM   1002 N N   . ASP A 1 132 ? 15.723  4.256   -10.801 1.00 29.68 ?  132 ASP A N   1 
ATOM   1003 C CA  . ASP A 1 132 ? 15.899  2.875   -10.316 1.00 30.39 ?  132 ASP A CA  1 
ATOM   1004 C C   . ASP A 1 132 ? 14.665  2.005   -10.572 1.00 23.29 ?  132 ASP A C   1 
ATOM   1005 O O   . ASP A 1 132 ? 14.679  0.794   -10.317 1.00 24.55 ?  132 ASP A O   1 
ATOM   1006 C CB  . ASP A 1 132 ? 16.233  2.891   -8.843  1.00 37.14 ?  132 ASP A CB  1 
ATOM   1007 C CG  . ASP A 1 132 ? 17.729  3.190   -8.581  1.00 43.63 ?  132 ASP A CG  1 
ATOM   1008 O OD1 . ASP A 1 132 ? 18.499  3.399   -9.553  1.00 49.59 ?  132 ASP A OD1 1 
ATOM   1009 O OD2 . ASP A 1 132 ? 18.125  3.197   -7.401  1.00 50.93 ?  132 ASP A OD2 1 
ATOM   1010 N N   . TRP A 1 133 ? 13.636  2.621   -11.141 1.00 20.69 ?  133 TRP A N   1 
ATOM   1011 C CA  . TRP A 1 133 ? 12.368  1.968   -11.374 1.00 20.98 ?  133 TRP A CA  1 
ATOM   1012 C C   . TRP A 1 133 ? 11.935  2.170   -12.811 1.00 22.19 ?  133 TRP A C   1 
ATOM   1013 O O   . TRP A 1 133 ? 12.156  3.249   -13.361 1.00 25.50 ?  133 TRP A O   1 
ATOM   1014 C CB  . TRP A 1 133 ? 11.399  2.595   -10.396 1.00 20.09 ?  133 TRP A CB  1 
ATOM   1015 C CG  . TRP A 1 133 ? 11.736  2.200   -9.006  1.00 18.83 ?  133 TRP A CG  1 
ATOM   1016 C CD1 . TRP A 1 133 ? 12.432  2.895   -8.056  1.00 22.66 ?  133 TRP A CD1 1 
ATOM   1017 C CD2 . TRP A 1 133 ? 11.289  1.009   -8.347  1.00 17.46 ?  133 TRP A CD2 1 
ATOM   1018 N NE1 . TRP A 1 133 ? 12.518  2.178   -6.871  1.00 22.13 ?  133 TRP A NE1 1 
ATOM   1019 C CE2 . TRP A 1 133 ? 11.822  1.005   -7.026  1.00 19.11 ?  133 TRP A CE2 1 
ATOM   1020 C CE3 . TRP A 1 133 ? 10.555  -0.080  -8.744  1.00 15.80 ?  133 TRP A CE3 1 
ATOM   1021 C CZ2 . TRP A 1 133 ? 11.549  -0.091  -6.120  1.00 16.76 ?  133 TRP A CZ2 1 
ATOM   1022 C CZ3 . TRP A 1 133 ? 10.329  -1.160  -7.833  1.00 13.79 ?  133 TRP A CZ3 1 
ATOM   1023 C CH2 . TRP A 1 133 ? 10.832  -1.127  -6.580  1.00 15.56 ?  133 TRP A CH2 1 
ATOM   1024 N N   . GLU A 1 134 ? 11.338  1.156   -13.414 1.00 19.64 ?  134 GLU A N   1 
ATOM   1025 C CA  . GLU A 1 134 ? 10.876  1.223   -14.791 1.00 21.96 ?  134 GLU A CA  1 
ATOM   1026 C C   . GLU A 1 134 ? 9.362   1.063   -14.782 1.00 19.71 ?  134 GLU A C   1 
ATOM   1027 O O   . GLU A 1 134 ? 8.810   0.053   -14.303 1.00 16.24 ?  134 GLU A O   1 
ATOM   1028 C CB  . GLU A 1 134 ? 11.542  0.094   -15.578 1.00 25.81 ?  134 GLU A CB  1 
ATOM   1029 C CG  . GLU A 1 134 ? 10.745  -0.542  -16.705 1.00 33.84 ?  134 GLU A CG  1 
ATOM   1030 C CD  . GLU A 1 134 ? 11.579  -1.509  -17.573 1.00 44.51 ?  134 GLU A CD  1 
ATOM   1031 O OE1 . GLU A 1 134 ? 12.831  -1.576  -17.304 1.00 44.23 ?  134 GLU A OE1 1 
ATOM   1032 O OE2 . GLU A 1 134 ? 10.973  -2.172  -18.501 1.00 49.47 ?  134 GLU A OE2 1 
ATOM   1033 N N   . SER A 1 135 ? 8.649   2.032   -15.302 1.00 17.30 ?  135 SER A N   1 
ATOM   1034 C CA  . SER A 1 135 ? 7.205   1.845   -15.462 1.00 15.99 ?  135 SER A CA  1 
ATOM   1035 C C   . SER A 1 135 ? 6.878   0.706   -16.462 1.00 16.93 ?  135 SER A C   1 
ATOM   1036 O O   . SER A 1 135 ? 7.417   0.643   -17.604 1.00 17.57 ?  135 SER A O   1 
ATOM   1037 C CB  . SER A 1 135 ? 6.514   3.098   -15.918 1.00 17.34 ?  135 SER A CB  1 
ATOM   1038 O OG  . SER A 1 135 ? 5.144   2.886   -15.882 1.00 18.88 ?  135 SER A OG  1 
ATOM   1039 N N   . VAL A 1 136 ? 6.038   -0.220  -16.092 1.00 13.43 ?  136 VAL A N   1 
ATOM   1040 C CA  . VAL A 1 136 ? 5.597   -1.346  -16.899 1.00 13.78 ?  136 VAL A CA  1 
ATOM   1041 C C   . VAL A 1 136 ? 4.081   -1.421  -17.171 1.00 12.46 ?  136 VAL A C   1 
ATOM   1042 O O   . VAL A 1 136 ? 3.611   -2.269  -17.936 1.00 11.79 ?  136 VAL A O   1 
ATOM   1043 C CB  . VAL A 1 136 ? 6.111   -2.758  -16.397 1.00 14.20 ?  136 VAL A CB  1 
ATOM   1044 C CG1 . VAL A 1 136 ? 7.610   -2.749  -16.256 1.00 16.85 ?  136 VAL A CG1 1 
ATOM   1045 C CG2 . VAL A 1 136 ? 5.511   -3.094  -15.032 1.00 14.94 ?  136 VAL A CG2 1 
ATOM   1046 N N   . PHE A 1 137 ? 3.325   -0.590  -16.493 1.00 11.43 ?  137 PHE A N   1 
ATOM   1047 C CA  . PHE A 1 137 ? 1.874   -0.515  -16.713 1.00 12.36 ?  137 PHE A CA  1 
ATOM   1048 C C   . PHE A 1 137 ? 1.480   0.849   -16.192 1.00 12.30 ?  137 PHE A C   1 
ATOM   1049 O O   . PHE A 1 137 ? 1.906   1.270   -15.150 1.00 11.99 ?  137 PHE A O   1 
ATOM   1050 C CB  . PHE A 1 137 ? 1.080   -1.565  -15.997 1.00 12.44 ?  137 PHE A CB  1 
ATOM   1051 C CG  . PHE A 1 137 ? -0.385  -1.369  -16.120 1.00 13.41 ?  137 PHE A CG  1 
ATOM   1052 C CD1 . PHE A 1 137 ? -1.053  -1.772  -17.262 1.00 15.60 ?  137 PHE A CD1 1 
ATOM   1053 C CD2 . PHE A 1 137 ? -1.128  -0.781  -15.097 1.00 11.94 ?  137 PHE A CD2 1 
ATOM   1054 C CE1 . PHE A 1 137 ? -2.443  -1.624  -17.376 1.00 16.96 ?  137 PHE A CE1 1 
ATOM   1055 C CE2 . PHE A 1 137 ? -2.526  -0.579  -15.260 1.00 12.89 ?  137 PHE A CE2 1 
ATOM   1056 C CZ  . PHE A 1 137 ? -3.181  -1.020  -16.380 1.00 14.80 ?  137 PHE A CZ  1 
ATOM   1057 N N   . SER A 1 138 ? 0.583   1.539   -16.930 1.00 12.43 ?  138 SER A N   1 
ATOM   1058 C CA  . SER A 1 138 ? -0.036  2.713   -16.389 1.00 12.42 ?  138 SER A CA  1 
ATOM   1059 C C   . SER A 1 138 ? -1.361  2.924   -17.075 1.00 11.46 ?  138 SER A C   1 
ATOM   1060 O O   . SER A 1 138 ? -1.518  2.580   -18.234 1.00 11.46 ?  138 SER A O   1 
ATOM   1061 C CB  . SER A 1 138 ? 0.902   3.843   -16.618 1.00 15.95 ?  138 SER A CB  1 
ATOM   1062 O OG  . SER A 1 138 ? 0.511   5.064   -16.095 1.00 24.89 ?  138 SER A OG  1 
ATOM   1063 N N   . GLU A 1 139 ? -2.333  3.479   -16.368 1.00 10.46 ?  139 GLU A N   1 
ATOM   1064 C CA  . GLU A 1 139 ? -3.601  3.765   -16.970 1.00 11.05 ?  139 GLU A CA  1 
ATOM   1065 C C   . GLU A 1 139 ? -4.287  4.859   -16.205 1.00 11.67 ?  139 GLU A C   1 
ATOM   1066 O O   . GLU A 1 139 ? -4.539  4.750   -15.007 1.00 11.97 ?  139 GLU A O   1 
ATOM   1067 C CB  . GLU A 1 139 ? -4.501  2.513   -17.030 1.00 12.86 ?  139 GLU A CB  1 
ATOM   1068 C CG  . GLU A 1 139 ? -5.768  2.781   -17.839 1.00 15.89 ?  139 GLU A CG  1 
ATOM   1069 C CD  . GLU A 1 139 ? -6.581  1.567   -18.223 1.00 20.00 ?  139 GLU A CD  1 
ATOM   1070 O OE1 . GLU A 1 139 ? -6.287  0.429   -17.805 1.00 19.61 ?  139 GLU A OE1 1 
ATOM   1071 O OE2 . GLU A 1 139 ? -7.557  1.762   -19.066 1.00 24.34 ?  139 GLU A OE2 1 
ATOM   1072 N N   . PHE A 1 140 ? -4.677  5.868   -16.944 1.00 11.82 ?  140 PHE A N   1 
ATOM   1073 C CA  . PHE A 1 140 ? -5.385  7.037   -16.435 1.00 12.57 ?  140 PHE A CA  1 
ATOM   1074 C C   . PHE A 1 140 ? -6.846  6.828   -16.435 1.00 13.70 ?  140 PHE A C   1 
ATOM   1075 O O   . PHE A 1 140 ? -7.436  6.268   -17.384 1.00 13.02 ?  140 PHE A O   1 
ATOM   1076 C CB  . PHE A 1 140 ? -5.033  8.283   -17.227 1.00 12.89 ?  140 PHE A CB  1 
ATOM   1077 C CG  . PHE A 1 140 ? -5.825  9.494   -16.826 1.00 16.17 ?  140 PHE A CG  1 
ATOM   1078 C CD1 . PHE A 1 140 ? -5.396  10.307  -15.796 1.00 16.81 ?  140 PHE A CD1 1 
ATOM   1079 C CD2 . PHE A 1 140 ? -6.942  9.814   -17.524 1.00 17.22 ?  140 PHE A CD2 1 
ATOM   1080 C CE1 . PHE A 1 140 ? -6.130  11.391  -15.412 1.00 17.81 ?  140 PHE A CE1 1 
ATOM   1081 C CE2 . PHE A 1 140 ? -7.689  10.942  -17.159 1.00 20.27 ?  140 PHE A CE2 1 
ATOM   1082 C CZ  . PHE A 1 140 ? -7.277  11.695  -16.092 1.00 18.53 ?  140 PHE A CZ  1 
ATOM   1083 N N   . HIS A 1 141 ? -7.497  7.278   -15.366 1.00 12.58 ?  141 HIS A N   1 
ATOM   1084 C CA  . HIS A 1 141 ? -8.969  7.260   -15.344 1.00 13.40 ?  141 HIS A CA  1 
ATOM   1085 C C   . HIS A 1 141 ? -9.540  8.570   -14.848 1.00 12.57 ?  141 HIS A C   1 
ATOM   1086 O O   . HIS A 1 141 ? -9.068  9.148   -13.892 1.00 13.26 ?  141 HIS A O   1 
ATOM   1087 C CB  . HIS A 1 141 ? -9.482  6.198   -14.326 1.00 14.40 ?  141 HIS A CB  1 
ATOM   1088 C CG  . HIS A 1 141 ? -9.100  4.816   -14.706 1.00 14.45 ?  141 HIS A CG  1 
ATOM   1089 N ND1 . HIS A 1 141 ? -7.876  4.232   -14.388 1.00 16.57 ?  141 HIS A ND1 1 
ATOM   1090 C CD2 . HIS A 1 141 ? -9.793  3.889   -15.394 1.00 15.88 ?  141 HIS A CD2 1 
ATOM   1091 C CE1 . HIS A 1 141 ? -7.875  2.992   -14.877 1.00 14.03 ?  141 HIS A CE1 1 
ATOM   1092 N NE2 . HIS A 1 141 ? -8.993  2.783   -15.503 1.00 18.97 ?  141 HIS A NE2 1 
ATOM   1093 N N   . ASP A 1 142 ? -10.552 9.097   -15.573 1.00 12.89 ?  142 ASP A N   1 
ATOM   1094 C CA  . ASP A 1 142 ? -11.281 10.301  -15.131 1.00 14.92 ?  142 ASP A CA  1 
ATOM   1095 C C   . ASP A 1 142 ? -12.133 10.000  -13.904 1.00 13.35 ?  142 ASP A C   1 
ATOM   1096 O O   . ASP A 1 142 ? -12.580 8.850   -13.679 1.00 14.40 ?  142 ASP A O   1 
ATOM   1097 C CB  . ASP A 1 142 ? -12.199 10.860  -16.258 1.00 16.08 ?  142 ASP A CB  1 
ATOM   1098 C CG  . ASP A 1 142 ? -11.426 11.428  -17.448 1.00 17.84 ?  142 ASP A CG  1 
ATOM   1099 O OD1 . ASP A 1 142 ? -10.785 12.502  -17.337 1.00 21.09 ?  142 ASP A OD1 1 
ATOM   1100 O OD2 . ASP A 1 142 ? -11.370 10.691  -18.445 1.00 21.64 ?  142 ASP A OD2 1 
ATOM   1101 N N   . ALA A 1 143 ? -12.275 11.070  -13.134 1.00 15.40 ?  143 ALA A N   1 
ATOM   1102 C CA  . ALA A 1 143 ? -13.300 11.096  -12.089 1.00 14.29 ?  143 ALA A CA  1 
ATOM   1103 C C   . ALA A 1 143 ? -14.606 10.800  -12.705 1.00 16.98 ?  143 ALA A C   1 
ATOM   1104 O O   . ALA A 1 143 ? -14.833 11.091  -13.925 1.00 17.70 ?  143 ALA A O   1 
ATOM   1105 C CB  . ALA A 1 143 ? -13.368 12.431  -11.420 1.00 14.15 ?  143 ALA A CB  1 
ATOM   1106 N N   . ASP A 1 144 ? -15.497 10.311  -11.869 1.00 16.81 ?  144 ASP A N   1 
ATOM   1107 C CA  . ASP A 1 144 ? -16.824 9.952   -12.264 1.00 17.23 ?  144 ASP A CA  1 
ATOM   1108 C C   . ASP A 1 144 ? -17.777 10.173  -11.055 1.00 19.41 ?  144 ASP A C   1 
ATOM   1109 O O   . ASP A 1 144 ? -17.355 10.759  -10.031 1.00 18.82 ?  144 ASP A O   1 
ATOM   1110 C CB  . ASP A 1 144 ? -16.945 8.565   -12.948 1.00 19.23 ?  144 ASP A CB  1 
ATOM   1111 C CG  . ASP A 1 144 ? -16.536 7.376   -12.031 1.00 18.54 ?  144 ASP A CG  1 
ATOM   1112 O OD1 . ASP A 1 144 ? -16.708 7.560   -10.814 1.00 18.10 ?  144 ASP A OD1 1 
ATOM   1113 O OD2 . ASP A 1 144 ? -16.171 6.287   -12.555 1.00 20.90 ?  144 ASP A OD2 1 
ATOM   1114 N N   . ALA A 1 145 ? -19.022 9.729   -11.226 1.00 23.09 ?  145 ALA A N   1 
ATOM   1115 C CA  . ALA A 1 145 ? -20.051 9.874   -10.187 1.00 25.35 ?  145 ALA A CA  1 
ATOM   1116 C C   . ALA A 1 145 ? -19.656 9.231   -8.876  1.00 25.41 ?  145 ALA A C   1 
ATOM   1117 O O   . ALA A 1 145 ? -20.030 9.746   -7.807  1.00 28.27 ?  145 ALA A O   1 
ATOM   1118 C CB  . ALA A 1 145 ? -21.377 9.289   -10.645 1.00 28.94 ?  145 ALA A CB  1 
ATOM   1119 N N   . GLN A 1 146 ? -18.877 8.146   -8.955  1.00 21.09 ?  146 GLN A N   1 
ATOM   1120 C CA  . GLN A 1 146 ? -18.466 7.416   -7.756  1.00 22.08 ?  146 GLN A CA  1 
ATOM   1121 C C   . GLN A 1 146 ? -17.062 7.729   -7.267  1.00 19.01 ?  146 GLN A C   1 
ATOM   1122 O O   . GLN A 1 146 ? -16.766 7.393   -6.111  1.00 18.10 ?  146 GLN A O   1 
ATOM   1123 C CB  . GLN A 1 146 ? -18.525 5.913   -8.018  1.00 24.59 ?  146 GLN A CB  1 
ATOM   1124 C CG  . GLN A 1 146 ? -19.924 5.326   -8.105  1.00 31.86 ?  146 GLN A CG  1 
ATOM   1125 C CD  . GLN A 1 146 ? -20.596 5.768   -9.382  1.00 37.58 ?  146 GLN A CD  1 
ATOM   1126 O OE1 . GLN A 1 146 ? -20.079 5.517   -10.466 1.00 41.47 ?  146 GLN A OE1 1 
ATOM   1127 N NE2 . GLN A 1 146 ? -21.723 6.465   -9.261  1.00 41.64 ?  146 GLN A NE2 1 
ATOM   1128 N N   . ASN A 1 147 ? -16.232 8.329   -8.099  1.00 17.22 ?  147 ASN A N   1 
ATOM   1129 C CA  . ASN A 1 147 ? -14.846 8.557   -7.762  1.00 16.33 ?  147 ASN A CA  1 
ATOM   1130 C C   . ASN A 1 147 ? -14.564 10.005  -7.861  1.00 18.85 ?  147 ASN A C   1 
ATOM   1131 O O   . ASN A 1 147 ? -14.683 10.581  -8.950  1.00 18.53 ?  147 ASN A O   1 
ATOM   1132 C CB  . ASN A 1 147 ? -13.900 7.762   -8.652  1.00 14.38 ?  147 ASN A CB  1 
ATOM   1133 C CG  . ASN A 1 147 ? -14.085 6.286   -8.487  1.00 15.70 ?  147 ASN A CG  1 
ATOM   1134 O OD1 . ASN A 1 147 ? -13.469 5.669   -7.611  1.00 14.36 ?  147 ASN A OD1 1 
ATOM   1135 N ND2 . ASN A 1 147 ? -14.937 5.722   -9.226  1.00 15.00 ?  147 ASN A ND2 1 
ATOM   1136 N N   . SER A 1 148 ? -14.204 10.620  -6.756  1.00 20.89 ?  148 SER A N   1 
ATOM   1137 C CA  . SER A 1 148 ? -14.078 12.084  -6.633  1.00 20.36 ?  148 SER A CA  1 
ATOM   1138 C C   . SER A 1 148 ? -13.020 12.785  -7.434  1.00 19.43 ?  148 SER A C   1 
ATOM   1139 O O   . SER A 1 148 ? -13.115 14.033  -7.674  1.00 21.23 ?  148 SER A O   1 
ATOM   1140 C CB  . SER A 1 148 ? -13.828 12.413  -5.136  1.00 25.08 ?  148 SER A CB  1 
ATOM   1141 O OG  . SER A 1 148 ? -12.537 11.908  -4.694  1.00 25.81 ?  148 SER A OG  1 
ATOM   1142 N N   . HIS A 1 149 ? -11.967 12.041  -7.818  1.00 15.48 ?  149 HIS A N   1 
ATOM   1143 C CA  . HIS A 1 149 ? -10.799 12.584  -8.416  1.00 17.26 ?  149 HIS A CA  1 
ATOM   1144 C C   . HIS A 1 149 ? -10.428 11.654  -9.564  1.00 15.02 ?  149 HIS A C   1 
ATOM   1145 O O   . HIS A 1 149 ? -10.765 10.524  -9.559  1.00 14.40 ?  149 HIS A O   1 
ATOM   1146 C CB  . HIS A 1 149 ? -9.539  12.744  -7.512  1.00 19.75 ?  149 HIS A CB  1 
ATOM   1147 C CG  . HIS A 1 149 ? -9.680  13.775  -6.439  1.00 22.00 ?  149 HIS A CG  1 
ATOM   1148 N ND1 . HIS A 1 149 ? -10.503 13.577  -5.362  1.00 22.98 ?  149 HIS A ND1 1 
ATOM   1149 C CD2 . HIS A 1 149 ? -9.107  14.984  -6.267  1.00 25.04 ?  149 HIS A CD2 1 
ATOM   1150 C CE1 . HIS A 1 149 ? -10.447 14.629  -4.568  1.00 26.48 ?  149 HIS A CE1 1 
ATOM   1151 N NE2 . HIS A 1 149 ? -9.602  15.497  -5.091  1.00 26.67 ?  149 HIS A NE2 1 
ATOM   1152 N N   . SER A 1 150 ? -9.681  12.204  -10.499 1.00 14.96 ?  150 SER A N   1 
ATOM   1153 C CA  . SER A 1 150 ? -8.962  11.418  -11.494 1.00 16.61 ?  150 SER A CA  1 
ATOM   1154 C C   . SER A 1 150 ? -7.736  10.804  -10.827 1.00 15.18 ?  150 SER A C   1 
ATOM   1155 O O   . SER A 1 150 ? -7.231  11.244  -9.789  1.00 15.95 ?  150 SER A O   1 
ATOM   1156 C CB  . SER A 1 150 ? -8.559  12.217  -12.736 1.00 15.30 ?  150 SER A CB  1 
ATOM   1157 O OG  . SER A 1 150 ? -7.683  13.311  -12.487 1.00 18.42 ?  150 SER A OG  1 
ATOM   1158 N N   . TYR A 1 151 ? -7.334  9.695   -11.444 1.00 14.63 ?  151 TYR A N   1 
ATOM   1159 C CA  . TYR A 1 151 ? -6.266  8.852   -10.876 1.00 16.11 ?  151 TYR A CA  1 
ATOM   1160 C C   . TYR A 1 151 ? -5.617  8.057   -11.988 1.00 15.17 ?  151 TYR A C   1 
ATOM   1161 O O   . TYR A 1 151 ? -6.180  7.788   -13.075 1.00 15.02 ?  151 TYR A O   1 
ATOM   1162 C CB  . TYR A 1 151 ? -6.828  7.975   -9.739  1.00 14.36 ?  151 TYR A CB  1 
ATOM   1163 C CG  . TYR A 1 151 ? -8.009  7.167   -10.136 1.00 14.19 ?  151 TYR A CG  1 
ATOM   1164 C CD1 . TYR A 1 151 ? -9.339  7.724   -10.199 1.00 14.52 ?  151 TYR A CD1 1 
ATOM   1165 C CD2 . TYR A 1 151 ? -7.888  5.868   -10.559 1.00 14.37 ?  151 TYR A CD2 1 
ATOM   1166 C CE1 . TYR A 1 151 ? -10.381 6.983   -10.650 1.00 15.51 ?  151 TYR A CE1 1 
ATOM   1167 C CE2 . TYR A 1 151 ? -8.988  5.139   -10.992 1.00 14.04 ?  151 TYR A CE2 1 
ATOM   1168 C CZ  . TYR A 1 151 ? -10.244 5.743   -11.101 1.00 14.87 ?  151 TYR A CZ  1 
ATOM   1169 O OH  . TYR A 1 151 ? -11.354 5.110   -11.539 1.00 15.58 ?  151 TYR A OH  1 
ATOM   1170 N N   . CYS A 1 152 ? -4.402  7.635   -11.713 1.00 14.41 ?  152 CYS A N   1 
ATOM   1171 C CA  . CYS A 1 152 ? -3.652  6.862   -12.661 1.00 13.83 ?  152 CYS A CA  1 
ATOM   1172 C C   . CYS A 1 152 ? -3.030  5.697   -11.891 1.00 12.71 ?  152 CYS A C   1 
ATOM   1173 O O   . CYS A 1 152 ? -2.194  5.952   -10.970 1.00 13.69 ?  152 CYS A O   1 
ATOM   1174 C CB  . CYS A 1 152 ? -2.503  7.665   -13.205 1.00 16.11 ?  152 CYS A CB  1 
ATOM   1175 S SG  . CYS A 1 152 ? -1.614  6.922   -14.569 1.00 22.77 ?  152 CYS A SG  1 
ATOM   1176 N N   . PHE A 1 153 ? -3.345  4.492   -12.297 1.00 10.40 ?  153 PHE A N   1 
ATOM   1177 C CA  . PHE A 1 153 ? -2.689  3.277   -11.753 1.00 10.20 ?  153 PHE A CA  1 
ATOM   1178 C C   . PHE A 1 153 ? -1.361  3.144   -12.410 1.00 10.60 ?  153 PHE A C   1 
ATOM   1179 O O   . PHE A 1 153 ? -1.268  3.326   -13.660 1.00 12.08 ?  153 PHE A O   1 
ATOM   1180 C CB  . PHE A 1 153 ? -3.547  2.072   -12.032 1.00 9.08  ?  153 PHE A CB  1 
ATOM   1181 C CG  . PHE A 1 153 ? -4.865  2.119   -11.387 1.00 10.56 ?  153 PHE A CG  1 
ATOM   1182 C CD1 . PHE A 1 153 ? -5.005  2.418   -10.040 1.00 9.87  ?  153 PHE A CD1 1 
ATOM   1183 C CD2 . PHE A 1 153 ? -6.031  1.765   -12.098 1.00 11.78 ?  153 PHE A CD2 1 
ATOM   1184 C CE1 . PHE A 1 153 ? -6.288  2.427   -9.435  1.00 11.71 ?  153 PHE A CE1 1 
ATOM   1185 C CE2 . PHE A 1 153 ? -7.291  1.781   -11.484 1.00 11.82 ?  153 PHE A CE2 1 
ATOM   1186 C CZ  . PHE A 1 153 ? -7.389  2.139   -10.175 1.00 12.76 ?  153 PHE A CZ  1 
ATOM   1187 N N   . GLU A 1 154 ? -0.338  2.717   -11.717 1.00 10.54 ?  154 GLU A N   1 
ATOM   1188 C CA  . GLU A 1 154 ? 0.986   2.498   -12.282 1.00 11.15 ?  154 GLU A CA  1 
ATOM   1189 C C   . GLU A 1 154 ? 1.629   1.316   -11.577 1.00 11.29 ?  154 GLU A C   1 
ATOM   1190 O O   . GLU A 1 154 ? 1.524   1.162   -10.357 1.00 11.60 ?  154 GLU A O   1 
ATOM   1191 C CB  . GLU A 1 154 ? 1.929   3.712   -12.157 1.00 12.69 ?  154 GLU A CB  1 
ATOM   1192 C CG  . GLU A 1 154 ? 3.204   3.550   -12.933 1.00 15.35 ?  154 GLU A CG  1 
ATOM   1193 C CD  . GLU A 1 154 ? 4.084   4.773   -12.927 1.00 18.72 ?  154 GLU A CD  1 
ATOM   1194 O OE1 . GLU A 1 154 ? 4.073   5.517   -11.960 1.00 18.55 ?  154 GLU A OE1 1 
ATOM   1195 O OE2 . GLU A 1 154 ? 4.871   4.935   -13.905 1.00 24.67 ?  154 GLU A OE2 1 
ATOM   1196 N N   . ILE A 1 155 ? 2.290   0.515   -12.345 1.00 10.39 ?  155 ILE A N   1 
ATOM   1197 C CA  . ILE A 1 155 ? 3.132   -0.594  -11.820 1.00 9.77  ?  155 ILE A CA  1 
ATOM   1198 C C   . ILE A 1 155 ? 4.567   -0.309  -12.270 1.00 11.29 ?  155 ILE A C   1 
ATOM   1199 O O   . ILE A 1 155 ? 4.820   -0.133  -13.471 1.00 10.34 ?  155 ILE A O   1 
ATOM   1200 C CB  . ILE A 1 155 ? 2.670   -2.002  -12.238 1.00 10.22 ?  155 ILE A CB  1 
ATOM   1201 C CG1 . ILE A 1 155 ? 1.227   -2.240  -11.836 1.00 11.41 ?  155 ILE A CG1 1 
ATOM   1202 C CG2 . ILE A 1 155 ? 3.572   -3.035  -11.675 1.00 11.56 ?  155 ILE A CG2 1 
ATOM   1203 C CD1 . ILE A 1 155 ? 0.680   -3.507  -12.335 1.00 12.74 ?  155 ILE A CD1 1 
ATOM   1204 N N   . LEU A 1 156 ? 5.480   -0.222  -11.336 1.00 11.43 ?  156 LEU A N   1 
ATOM   1205 C CA  . LEU A 1 156 ? 6.903   -0.019  -11.557 1.00 12.72 ?  156 LEU A CA  1 
ATOM   1206 C C   . LEU A 1 156 ? 7.648   -1.226  -11.103 1.00 12.88 ?  156 LEU A C   1 
ATOM   1207 O O   . LEU A 1 156 ? 7.337   -1.843  -10.072 1.00 12.33 ?  156 LEU A O   1 
ATOM   1208 C CB  . LEU A 1 156 ? 7.459   1.195   -10.916 1.00 15.39 ?  156 LEU A CB  1 
ATOM   1209 C CG  . LEU A 1 156 ? 6.711   2.463   -11.328 1.00 17.59 ?  156 LEU A CG  1 
ATOM   1210 C CD1 . LEU A 1 156 ? 5.862   2.900   -10.210 1.00 18.81 ?  156 LEU A CD1 1 
ATOM   1211 C CD2 . LEU A 1 156 ? 7.701   3.539   -11.806 1.00 20.38 ?  156 LEU A CD2 1 
ATOM   1212 N N   . GLU A 1 157 ? 8.667   -1.631  -11.887 1.00 12.37 ?  157 GLU A N   1 
ATOM   1213 C CA  . GLU A 1 157 ? 9.568   -2.742  -11.507 1.00 12.56 ?  157 GLU A CA  1 
ATOM   1214 C C   . GLU A 1 157 ? 10.978  -2.216  -11.396 1.00 13.18 ?  157 GLU A C   1 
ATOM   1215 O O   . GLU A 1 157 ? 11.405  -1.279  -12.074 1.00 15.71 ?  157 GLU A O   1 
ATOM   1216 C CB  . GLU A 1 157 ? 9.528   -3.849  -12.486 1.00 15.81 ?  157 GLU A CB  1 
ATOM   1217 C CG  . GLU A 1 157 ? 8.206   -4.542  -12.469 1.00 17.53 ?  157 GLU A CG  1 
ATOM   1218 C CD  . GLU A 1 157 ? 8.083   -5.685  -13.456 1.00 25.18 ?  157 GLU A CD  1 
ATOM   1219 O OE1 . GLU A 1 157 ? 9.071   -5.916  -14.185 1.00 33.18 ?  157 GLU A OE1 1 
ATOM   1220 O OE2 . GLU A 1 157 ? 6.944   -6.244  -13.574 1.00 28.95 ?  157 GLU A OE2 1 
ATOM   1221 N N   . ARG A 1 158 ? 11.750  -2.825  -10.529 1.00 15.72 ?  158 ARG A N   1 
ATOM   1222 C CA  . ARG A 1 158 ? 13.150  -2.396  -10.463 1.00 20.90 ?  158 ARG A CA  1 
ATOM   1223 C C   . ARG A 1 158 ? 13.905  -2.469  -11.771 1.00 26.16 ?  158 ARG A C   1 
ATOM   1224 O O   . ARG A 1 158 ? 13.858  -3.500  -12.423 1.00 32.69 ?  158 ARG A O   1 
ATOM   1225 C CB  . ARG A 1 158 ? 13.873  -3.348  -9.578  1.00 24.61 ?  158 ARG A CB  1 
ATOM   1226 C CG  . ARG A 1 158 ? 13.596  -2.993  -8.250  1.00 22.16 ?  158 ARG A CG  1 
ATOM   1227 C CD  . ARG A 1 158 ? 14.640  -2.085  -7.701  1.00 24.32 ?  158 ARG A CD  1 
ATOM   1228 N NE  . ARG A 1 158 ? 14.271  -2.105  -6.297  1.00 26.77 ?  158 ARG A NE  1 
ATOM   1229 C CZ  . ARG A 1 158 ? 14.747  -1.322  -5.352  1.00 23.28 ?  158 ARG A CZ  1 
ATOM   1230 N NH1 . ARG A 1 158 ? 15.714  -0.434  -5.616  1.00 22.15 ?  158 ARG A NH1 1 
ATOM   1231 N NH2 . ARG A 1 158 ? 14.186  -1.431  -4.142  1.00 23.68 ?  158 ARG A NH2 1 
ATOM   1232 N N   . ARG A 1 159 ? 14.637  -1.404  -12.104 1.00 31.98 ?  159 ARG A N   1 
ATOM   1233 C CA  . ARG A 1 159 ? 15.332  -1.257  -13.419 1.00 40.02 ?  159 ARG A CA  1 
ATOM   1234 C C   . ARG A 1 159 ? 16.406  -2.310  -13.565 1.00 45.30 ?  159 ARG A C   1 
ATOM   1235 O O   . ARG A 1 159 ? 16.491  -2.860  -14.675 1.00 56.58 ?  159 ARG A O   1 
ATOM   1236 C CB  . ARG A 1 159 ? 15.975  0.130   -13.566 1.00 43.28 ?  159 ARG A CB  1 
ATOM   1237 C CG  . ARG A 1 159 ? 16.474  0.486   -14.964 1.00 50.22 ?  159 ARG A CG  1 
ATOM   1238 C CD  . ARG A 1 159 ? 15.419  1.207   -15.811 1.00 57.99 ?  159 ARG A CD  1 
ATOM   1239 N NE  . ARG A 1 159 ? 15.019  2.547   -15.315 1.00 63.70 ?  159 ARG A NE  1 
ATOM   1240 C CZ  . ARG A 1 159 ? 14.137  3.367   -15.926 1.00 66.66 ?  159 ARG A CZ  1 
ATOM   1241 N NH1 . ARG A 1 159 ? 13.557  2.998   -17.071 1.00 70.28 ?  159 ARG A NH1 1 
ATOM   1242 N NH2 . ARG A 1 159 ? 13.822  4.571   -15.403 1.00 56.50 ?  159 ARG A NH2 1 
ATOM   1243 O OXT . ARG A 1 159 ? 17.178  -2.620  -12.632 1.00 46.59 ?  159 ARG A OXT 1 
HETATM 1244 N N1  . FOL B 2 .   ? -3.145  1.237   -1.769  1.00 11.11 ?  201 FOL A N1  1 
HETATM 1245 C C2  . FOL B 2 .   ? -4.012  1.841   -2.558  1.00 14.11 ?  201 FOL A C2  1 
HETATM 1246 N NA2 . FOL B 2 .   ? -3.910  1.875   -3.831  1.00 14.00 ?  201 FOL A NA2 1 
HETATM 1247 N N3  . FOL B 2 .   ? -5.225  2.279   -2.095  1.00 15.65 ?  201 FOL A N3  1 
HETATM 1248 C C4  . FOL B 2 .   ? -5.519  2.272   -0.800  1.00 17.89 ?  201 FOL A C4  1 
HETATM 1249 O O4  . FOL B 2 .   ? -6.620  2.857   -0.421  1.00 22.73 ?  201 FOL A O4  1 
HETATM 1250 C C4A . FOL B 2 .   ? -4.614  1.714   0.091   1.00 13.16 ?  201 FOL A C4A 1 
HETATM 1251 N N5  . FOL B 2 .   ? -4.907  1.708   1.411   1.00 15.38 ?  201 FOL A N5  1 
HETATM 1252 C C6  . FOL B 2 .   ? -4.104  1.096   2.147   1.00 15.59 ?  201 FOL A C6  1 
HETATM 1253 C C7  . FOL B 2 .   ? -2.861  0.635   1.643   1.00 17.29 ?  201 FOL A C7  1 
HETATM 1254 N N8  . FOL B 2 .   ? -2.485  0.787   0.368   1.00 13.14 ?  201 FOL A N8  1 
HETATM 1255 C C8A . FOL B 2 .   ? -3.343  1.241   -0.458  1.00 12.85 ?  201 FOL A C8A 1 
HETATM 1256 C C9  . FOL B 2 .   ? -4.517  1.100   3.633   1.00 18.50 ?  201 FOL A C9  1 
HETATM 1257 N N10 . FOL B 2 .   ? -5.955  1.238   3.827   1.00 17.99 ?  201 FOL A N10 1 
HETATM 1258 C C11 . FOL B 2 .   ? -9.282  -1.258  2.687   1.00 20.61 ?  201 FOL A C11 1 
HETATM 1259 C C12 . FOL B 2 .   ? -9.422  -0.092  3.600   1.00 17.50 ?  201 FOL A C12 1 
HETATM 1260 C C13 . FOL B 2 .   ? -8.259  0.683   3.869   1.00 16.36 ?  201 FOL A C13 1 
HETATM 1261 C C14 . FOL B 2 .   ? -6.998  0.440   3.437   1.00 19.84 ?  201 FOL A C14 1 
HETATM 1262 C C15 . FOL B 2 .   ? -6.895  -0.655  2.590   1.00 16.74 ?  201 FOL A C15 1 
HETATM 1263 C C16 . FOL B 2 .   ? -8.001  -1.492  2.239   1.00 18.59 ?  201 FOL A C16 1 
HETATM 1264 C C   . FOL B 2 .   ? -10.401 -2.133  2.228   1.00 20.85 ?  201 FOL A C   1 
HETATM 1265 O O   . FOL B 2 .   ? -11.463 -2.093  2.792   1.00 30.65 ?  201 FOL A O   1 
HETATM 1266 N N   . FOL B 2 .   ? -10.325 -2.978  1.140   1.00 18.74 ?  201 FOL A N   1 
HETATM 1267 C CA  . FOL B 2 .   ? -11.310 -3.910  0.645   1.00 21.16 ?  201 FOL A CA  1 
HETATM 1268 C CB  . FOL B 2 .   ? -11.921 -3.419  -0.736  1.00 27.88 ?  201 FOL A CB  1 
HETATM 1269 C CG  . FOL B 2 .   ? -13.284 -2.767  -1.066  1.00 36.45 ?  201 FOL A CG  1 
HETATM 1270 C CD  . FOL B 2 .   ? -13.844 -3.312  -2.439  1.00 40.77 ?  201 FOL A CD  1 
HETATM 1271 O OE1 . FOL B 2 .   ? -13.358 -3.093  -3.636  1.00 30.76 ?  201 FOL A OE1 1 
HETATM 1272 O OE2 . FOL B 2 .   ? -14.864 -4.084  -2.352  1.00 50.23 ?  201 FOL A OE2 1 
HETATM 1273 C CT  . FOL B 2 .   ? -10.568 -5.188  0.277   1.00 18.12 ?  201 FOL A CT  1 
HETATM 1274 O O1  . FOL B 2 .   ? -9.381  -5.066  -0.132  1.00 14.52 ?  201 FOL A O1  1 
HETATM 1275 O O2  . FOL B 2 .   ? -11.109 -6.312  0.245   1.00 18.12 ?  201 FOL A O2  1 
HETATM 1276 P PA  . NAP C 3 .   ? 2.015   2.034   10.272  1.00 11.33 ?  202 NAP A PA  1 
HETATM 1277 O O1A . NAP C 3 .   ? 3.258   1.977   9.491   1.00 11.46 -1 202 NAP A O1A 1 
HETATM 1278 O O2A . NAP C 3 .   ? 0.730   1.490   9.770   1.00 10.52 ?  202 NAP A O2A 1 
HETATM 1279 O O5B . NAP C 3 .   ? 2.204   1.428   11.720  1.00 11.11 ?  202 NAP A O5B 1 
HETATM 1280 C C5B . NAP C 3 .   ? 3.466   1.607   12.437  1.00 11.39 ?  202 NAP A C5B 1 
HETATM 1281 C C4B . NAP C 3 .   ? 3.417   0.680   13.616  1.00 11.67 ?  202 NAP A C4B 1 
HETATM 1282 O O4B . NAP C 3 .   ? 3.748   -0.662  13.155  1.00 9.43  ?  202 NAP A O4B 1 
HETATM 1283 C C3B . NAP C 3 .   ? 4.502   0.947   14.633  1.00 10.66 ?  202 NAP A C3B 1 
HETATM 1284 O O3B . NAP C 3 .   ? 4.115   1.918   15.571  1.00 12.97 ?  202 NAP A O3B 1 
HETATM 1285 C C2B . NAP C 3 .   ? 4.782   -0.343  15.279  1.00 10.77 ?  202 NAP A C2B 1 
HETATM 1286 O O2B . NAP C 3 .   ? 3.665   -0.770  16.103  1.00 10.97 ?  202 NAP A O2B 1 
HETATM 1287 C C1B . NAP C 3 .   ? 4.618   -1.295  14.090  1.00 10.10 ?  202 NAP A C1B 1 
HETATM 1288 N N9A . NAP C 3 .   ? 5.925   -1.534  13.436  1.00 9.37  ?  202 NAP A N9A 1 
HETATM 1289 C C8A . NAP C 3 .   ? 6.409   -0.993  12.268  1.00 10.25 ?  202 NAP A C8A 1 
HETATM 1290 N N7A . NAP C 3 .   ? 7.583   -1.480  11.897  1.00 10.68 ?  202 NAP A N7A 1 
HETATM 1291 C C5A . NAP C 3 .   ? 7.926   -2.344  12.883  1.00 11.20 ?  202 NAP A C5A 1 
HETATM 1292 C C6A . NAP C 3 .   ? 9.018   -3.239  13.147  1.00 11.85 ?  202 NAP A C6A 1 
HETATM 1293 N N6A . NAP C 3 .   ? 10.020  -3.332  12.318  1.00 11.22 ?  202 NAP A N6A 1 
HETATM 1294 N N1A . NAP C 3 .   ? 8.937   -4.065  14.237  1.00 11.98 ?  202 NAP A N1A 1 
HETATM 1295 C C2A . NAP C 3 .   ? 7.928   -3.948  15.070  1.00 11.78 ?  202 NAP A C2A 1 
HETATM 1296 N N3A . NAP C 3 .   ? 6.833   -3.206  14.911  1.00 10.99 ?  202 NAP A N3A 1 
HETATM 1297 C C4A . NAP C 3 .   ? 6.771   -2.421  13.817  1.00 10.30 ?  202 NAP A C4A 1 
HETATM 1298 O O3  . NAP C 3 .   ? 1.879   3.581   10.785  1.00 16.56 ?  202 NAP A O3  1 
HETATM 1299 P PN  . NAP C 3 .   ? 2.162   5.043   10.022  1.00 20.34 ?  202 NAP A PN  1 
HETATM 1300 O O1N . NAP C 3 .   ? 3.742   5.035   9.765   1.00 19.47 -1 202 NAP A O1N 1 
HETATM 1301 O O2N . NAP C 3 .   ? 1.637   5.875   11.179  1.00 21.72 ?  202 NAP A O2N 1 
HETATM 1302 O O5D . NAP C 3 .   ? 1.242   4.993   8.868   1.00 19.33 ?  202 NAP A O5D 1 
HETATM 1303 P P2B . NAP C 3 .   ? 3.801   -0.721  17.701  1.00 11.78 ?  202 NAP A P2B 1 
HETATM 1304 O O1X . NAP C 3 .   ? 5.046   -1.267  18.065  1.00 11.11 -1 202 NAP A O1X 1 
HETATM 1305 O O2X . NAP C 3 .   ? 2.654   -1.718  18.140  1.00 13.82 -1 202 NAP A O2X 1 
HETATM 1306 O O3X . NAP C 3 .   ? 3.505   0.707   18.147  1.00 15.08 ?  202 NAP A O3X 1 
HETATM 1307 O O   . HOH D 4 .   ? 3.933   5.337   16.899  1.00 13.58 ?  301 HOH A O   1 
HETATM 1308 O O   . HOH D 4 .   ? -1.929  1.308   -6.038  1.00 10.46 ?  302 HOH A O   1 
HETATM 1309 O O   . HOH D 4 .   ? 1.356   7.057   16.666  1.00 8.13  ?  303 HOH A O   1 
HETATM 1310 O O   . HOH D 4 .   ? -3.744  -12.065 19.095  1.00 18.56 ?  304 HOH A O   1 
HETATM 1311 O O   . HOH D 4 .   ? 1.789   -14.510 -3.580  1.00 11.89 ?  305 HOH A O   1 
HETATM 1312 O O   . HOH D 4 .   ? -3.833  -3.236  17.330  1.00 13.70 ?  306 HOH A O   1 
HETATM 1313 O O   . HOH D 4 .   ? 11.632  -8.405  -3.734  1.00 13.09 ?  307 HOH A O   1 
HETATM 1314 O O   . HOH D 4 .   ? -2.416  -4.344  19.396  1.00 11.97 ?  308 HOH A O   1 
HETATM 1315 O O   . HOH D 4 .   ? 11.783  9.468   1.512   1.00 24.38 ?  309 HOH A O   1 
HETATM 1316 O O   . HOH D 4 .   ? -13.409 6.974   -12.001 1.00 29.87 ?  310 HOH A O   1 
HETATM 1317 O O   . HOH D 4 .   ? -5.860  -5.403  17.347  1.00 12.76 ?  311 HOH A O   1 
HETATM 1318 O O   . HOH D 4 .   ? 0.252   -5.049  19.530  1.00 11.47 ?  312 HOH A O   1 
HETATM 1319 O O   . HOH D 4 .   ? -6.542  -18.561 19.031  1.00 26.46 ?  313 HOH A O   1 
HETATM 1320 O O   . HOH D 4 .   ? 3.443   -8.406  17.464  1.00 10.70 ?  314 HOH A O   1 
HETATM 1321 O O   . HOH D 4 .   ? 1.917   -11.899 19.600  1.00 14.75 ?  315 HOH A O   1 
HETATM 1322 O O   . HOH D 4 .   ? 8.860   -15.579 2.695   1.00 18.30 ?  316 HOH A O   1 
HETATM 1323 O O   . HOH D 4 .   ? 8.657   -15.851 16.173  1.00 19.43 ?  317 HOH A O   1 
HETATM 1324 O O   . HOH D 4 .   ? -6.607  0.423   -15.145 1.00 19.60 ?  318 HOH A O   1 
HETATM 1325 O O   . HOH D 4 .   ? 0.744   -14.519 -6.179  1.00 14.23 ?  319 HOH A O   1 
HETATM 1326 O O   . HOH D 4 .   ? -4.626  -14.093 8.110   1.00 17.18 ?  320 HOH A O   1 
HETATM 1327 O O   . HOH D 4 .   ? -16.036 2.840   -9.033  1.00 20.81 ?  321 HOH A O   1 
HETATM 1328 O O   . HOH D 4 .   ? -8.492  -12.663 6.211   1.00 18.58 ?  322 HOH A O   1 
HETATM 1329 O O   . HOH D 4 .   ? 0.040   -16.253 -2.302  1.00 13.80 ?  323 HOH A O   1 
HETATM 1330 O O   . HOH D 4 .   ? 7.161   0.544   17.936  1.00 20.60 ?  324 HOH A O   1 
HETATM 1331 O O   . HOH D 4 .   ? -20.539 8.542   -13.640 1.00 27.86 ?  325 HOH A O   1 
HETATM 1332 O O   . HOH D 4 .   ? -11.572 -5.805  -7.132  1.00 21.05 ?  326 HOH A O   1 
HETATM 1333 O O   . HOH D 4 .   ? 0.526   -13.728 18.423  1.00 23.27 ?  327 HOH A O   1 
HETATM 1334 O O   . HOH D 4 .   ? 1.763   -1.227  20.857  1.00 20.64 ?  328 HOH A O   1 
HETATM 1335 O O   . HOH D 4 .   ? -10.614 -0.290  -10.414 1.00 20.25 ?  329 HOH A O   1 
HETATM 1336 O O   . HOH D 4 .   ? 3.961   -11.088 17.908  1.00 13.94 ?  330 HOH A O   1 
HETATM 1337 O O   . HOH D 4 .   ? 14.253  3.609   -4.673  1.00 21.68 ?  331 HOH A O   1 
HETATM 1338 O O   . HOH D 4 .   ? -12.662 -10.230 7.303   1.00 18.28 ?  332 HOH A O   1 
HETATM 1339 O O   . HOH D 4 .   ? 0.265   -17.477 12.165  1.00 28.15 ?  333 HOH A O   1 
HETATM 1340 O O   . HOH D 4 .   ? 16.607  -7.911  6.795   1.00 25.92 ?  334 HOH A O   1 
HETATM 1341 O O   . HOH D 4 .   ? 1.699   -12.661 -7.873  1.00 18.10 ?  335 HOH A O   1 
HETATM 1342 O O   . HOH D 4 .   ? -3.710  10.723  -12.212 1.00 27.67 ?  336 HOH A O   1 
HETATM 1343 O O   . HOH D 4 .   ? -8.374  -3.840  12.601  1.00 19.95 ?  337 HOH A O   1 
HETATM 1344 O O   . HOH D 4 .   ? -0.555  6.011   18.737  1.00 18.66 ?  338 HOH A O   1 
HETATM 1345 O O   . HOH D 4 .   ? 10.801  -11.027 15.252  1.00 19.55 ?  339 HOH A O   1 
HETATM 1346 O O   . HOH D 4 .   ? -6.579  5.729   -20.239 1.00 26.55 ?  340 HOH A O   1 
HETATM 1347 O O   . HOH D 4 .   ? -6.681  -4.366  20.317  1.00 19.23 ?  341 HOH A O   1 
HETATM 1348 O O   . HOH D 4 .   ? -18.709 10.476  -15.637 1.00 31.08 ?  342 HOH A O   1 
HETATM 1349 O O   . HOH D 4 .   ? 12.937  -13.556 6.772   1.00 18.51 ?  343 HOH A O   1 
HETATM 1350 O O   . HOH D 4 .   ? 4.117   -11.846 22.273  1.00 27.83 ?  344 HOH A O   1 
HETATM 1351 O O   . HOH D 4 .   ? -3.743  -15.191 10.352  1.00 15.54 ?  345 HOH A O   1 
HETATM 1352 O O   . HOH D 4 .   ? -4.135  -10.787 -6.524  1.00 16.72 ?  346 HOH A O   1 
HETATM 1353 O O   . HOH D 4 .   ? -17.433 4.221   -11.232 1.00 35.78 ?  347 HOH A O   1 
HETATM 1354 O O   . HOH D 4 .   ? -12.814 -0.607  13.450  1.00 27.59 ?  348 HOH A O   1 
HETATM 1355 O O   . HOH D 4 .   ? -5.048  -15.929 12.582  1.00 21.72 ?  349 HOH A O   1 
HETATM 1356 O O   . HOH D 4 .   ? -18.396 6.842   -4.032  1.00 26.98 ?  350 HOH A O   1 
HETATM 1357 O O   . HOH D 4 .   ? -9.321  -14.047 10.060  1.00 33.99 ?  351 HOH A O   1 
HETATM 1358 O O   . HOH D 4 .   ? -1.241  -8.369  -9.097  1.00 21.16 ?  352 HOH A O   1 
HETATM 1359 O O   . HOH D 4 .   ? -6.728  -12.558 8.463   1.00 20.05 ?  353 HOH A O   1 
HETATM 1360 O O   . HOH D 4 .   ? -13.495 -0.904  -10.457 1.00 28.71 ?  354 HOH A O   1 
HETATM 1361 O O   . HOH D 4 .   ? -13.947 -4.944  -5.926  1.00 27.90 ?  355 HOH A O   1 
HETATM 1362 O O   . HOH D 4 .   ? -0.266  -5.855  23.415  1.00 24.74 ?  356 HOH A O   1 
HETATM 1363 O O   . HOH D 4 .   ? 10.963  -16.898 3.998   1.00 26.36 ?  357 HOH A O   1 
HETATM 1364 O O   . HOH D 4 .   ? -17.267 11.903  -7.157  1.00 36.56 ?  358 HOH A O   1 
HETATM 1365 O O   . HOH D 4 .   ? -8.571  -5.808  17.122  1.00 17.45 ?  359 HOH A O   1 
HETATM 1366 O O   . HOH D 4 .   ? -0.854  -11.839 -9.292  1.00 33.44 ?  360 HOH A O   1 
HETATM 1367 O O   . HOH D 4 .   ? -6.875  -2.304  -13.729 1.00 32.79 ?  361 HOH A O   1 
HETATM 1368 O O   . HOH D 4 .   ? 4.350   0.465   -19.393 1.00 32.89 ?  362 HOH A O   1 
HETATM 1369 O O   . HOH D 4 .   ? -11.400 13.439  -14.529 1.00 23.64 ?  363 HOH A O   1 
HETATM 1370 O O   . HOH D 4 .   ? 13.428  3.360   2.410   1.00 28.04 ?  364 HOH A O   1 
HETATM 1371 O O   . HOH D 4 .   ? -1.944  -5.880  -12.138 1.00 36.79 ?  365 HOH A O   1 
HETATM 1372 O O   . HOH D 4 .   ? 15.047  1.476   -2.718  1.00 27.88 ?  366 HOH A O   1 
HETATM 1373 O O   . HOH D 4 .   ? 2.859   -19.656 2.268   1.00 22.96 ?  367 HOH A O   1 
HETATM 1374 O O   . HOH D 4 .   ? -2.706  -2.538  21.338  1.00 23.10 ?  368 HOH A O   1 
HETATM 1375 O O   . HOH D 4 .   ? -9.152  13.384  -19.544 1.00 46.04 ?  369 HOH A O   1 
HETATM 1376 O O   . HOH D 4 .   ? 9.971   4.300   -16.597 1.00 26.62 ?  370 HOH A O   1 
HETATM 1377 O O   . HOH D 4 .   ? -11.245 -12.845 6.849   1.00 26.40 ?  371 HOH A O   1 
HETATM 1378 O O   . HOH D 4 .   ? 12.748  6.015   2.705   1.00 33.85 ?  372 HOH A O   1 
HETATM 1379 O O   . HOH D 4 .   ? 7.770   -6.339  -16.726 1.00 33.78 ?  373 HOH A O   1 
HETATM 1380 O O   . HOH D 4 .   ? -1.948  -14.624 -5.800  1.00 26.31 ?  374 HOH A O   1 
HETATM 1381 O O   . HOH D 4 .   ? 2.873   -10.065 -9.788  1.00 24.75 ?  375 HOH A O   1 
HETATM 1382 O O   . HOH D 4 .   ? -14.569 -0.623  -4.529  1.00 23.96 ?  376 HOH A O   1 
HETATM 1383 O O   . HOH D 4 .   ? -7.565  -10.918 -8.018  1.00 24.85 ?  377 HOH A O   1 
HETATM 1384 O O   . HOH D 4 .   ? -3.440  -15.627 20.687  1.00 40.47 ?  378 HOH A O   1 
HETATM 1385 O O   . HOH D 4 .   ? -0.572  -16.776 0.574   1.00 27.42 ?  379 HOH A O   1 
HETATM 1386 O O   . HOH D 4 .   ? -10.563 0.714   -12.917 1.00 29.93 ?  380 HOH A O   1 
HETATM 1387 O O   . HOH D 4 .   ? -12.009 2.828   -12.874 1.00 32.25 ?  381 HOH A O   1 
HETATM 1388 O O   . HOH D 4 .   ? 11.920  -3.334  -15.197 1.00 40.03 ?  382 HOH A O   1 
HETATM 1389 O O   . HOH D 4 .   ? 14.523  5.891   -3.043  1.00 34.00 ?  383 HOH A O   1 
HETATM 1390 O O   . HOH D 4 .   ? 10.121  -5.102  -17.504 1.00 31.53 ?  384 HOH A O   1 
HETATM 1391 O O   . HOH D 4 .   ? 5.984   -19.603 -4.494  1.00 24.88 ?  385 HOH A O   1 
HETATM 1392 O O   . HOH D 4 .   ? -6.462  -3.995  23.069  1.00 28.54 ?  386 HOH A O   1 
HETATM 1393 O O   . HOH D 4 .   ? -11.208 -8.524  -6.645  1.00 29.25 ?  387 HOH A O   1 
HETATM 1394 O O   . HOH D 4 .   ? 2.072   10.815  -7.673  1.00 31.15 ?  388 HOH A O   1 
HETATM 1395 O O   . HOH D 4 .   ? -10.191 -10.229 -8.279  1.00 26.01 ?  389 HOH A O   1 
HETATM 1396 O O   . HOH D 4 .   ? 9.840   -5.075  17.870  1.00 28.20 ?  390 HOH A O   1 
HETATM 1397 O O   . HOH D 4 .   ? 3.570   11.419  -4.870  1.00 50.84 ?  391 HOH A O   1 
HETATM 1398 O O   . HOH D 4 .   ? -0.944  13.004  -9.989  1.00 34.81 ?  392 HOH A O   1 
HETATM 1399 O O   . HOH D 4 .   ? -4.734  -0.492  20.156  1.00 29.02 ?  393 HOH A O   1 
HETATM 1400 O O   . HOH D 4 .   ? 4.106   -21.208 -3.508  1.00 45.20 ?  394 HOH A O   1 
HETATM 1401 O O   . HOH D 4 .   ? -3.764  -10.077 23.956  1.00 34.61 ?  395 HOH A O   1 
HETATM 1402 O O   . HOH D 4 .   ? 1.509   -16.515 3.041   1.00 27.06 ?  396 HOH A O   1 
HETATM 1403 O O   . HOH D 4 .   ? -9.262  4.533   -18.603 1.00 40.21 ?  397 HOH A O   1 
HETATM 1404 O O   . HOH D 4 .   ? -4.104  2.505   19.183  1.00 38.52 ?  398 HOH A O   1 
HETATM 1405 O O   . HOH D 4 .   ? -12.141 15.737  -9.481  1.00 27.36 ?  399 HOH A O   1 
HETATM 1406 O O   . HOH D 4 .   ? 8.848   6.901   6.522   1.00 36.02 ?  400 HOH A O   1 
HETATM 1407 O O   . HOH D 4 .   ? -7.502  2.642   16.789  1.00 39.71 ?  401 HOH A O   1 
HETATM 1408 O O   . HOH D 4 .   ? 13.337  7.265   0.236   1.00 31.27 ?  402 HOH A O   1 
HETATM 1409 O O   . HOH D 4 .   ? 12.199  1.594   -18.320 1.00 57.67 ?  403 HOH A O   1 
HETATM 1410 O O   . HOH D 4 .   ? 0.261   -19.286 1.535   1.00 26.47 ?  404 HOH A O   1 
HETATM 1411 O O   . HOH D 4 .   ? -9.144  15.173  -14.068 1.00 38.87 ?  405 HOH A O   1 
HETATM 1412 O O   . HOH D 4 .   ? -8.783  -16.929 -0.946  1.00 43.97 ?  406 HOH A O   1 
HETATM 1413 O O   . HOH D 4 .   ? -15.812 0.246   -2.471  1.00 31.82 ?  407 HOH A O   1 
HETATM 1414 O O   . HOH D 4 .   ? -10.046 -0.467  14.665  1.00 23.09 ?  408 HOH A O   1 
HETATM 1415 O O   . HOH D 4 .   ? -7.754  -15.082 5.157   1.00 29.18 ?  409 HOH A O   1 
HETATM 1416 O O   . HOH D 4 .   ? -11.655 -5.568  5.776   1.00 34.71 ?  410 HOH A O   1 
HETATM 1417 O O   . HOH D 4 .   ? 12.383  10.855  -5.909  1.00 38.81 ?  411 HOH A O   1 
HETATM 1418 O O   . HOH D 4 .   ? -9.153  15.226  -9.961  1.00 27.71 ?  412 HOH A O   1 
HETATM 1419 O O   . HOH D 4 .   ? -18.404 2.597   -7.175  1.00 32.07 ?  413 HOH A O   1 
HETATM 1420 O O   . HOH D 4 .   ? -15.501 -3.246  -8.423  1.00 41.82 ?  414 HOH A O   1 
HETATM 1421 O O   . HOH D 4 .   ? 8.711   -0.470  -19.675 1.00 36.21 ?  415 HOH A O   1 
HETATM 1422 O O   . HOH D 4 .   ? 10.866  3.530   9.008   1.00 38.52 ?  416 HOH A O   1 
HETATM 1423 O O   . HOH D 4 .   ? -6.859  -9.930  -11.401 1.00 45.34 ?  417 HOH A O   1 
HETATM 1424 O O   . HOH D 4 .   ? 6.790   6.733   -14.446 1.00 35.67 ?  418 HOH A O   1 
HETATM 1425 O O   . HOH D 4 .   ? -4.392  -17.998 -1.080  1.00 52.34 ?  419 HOH A O   1 
HETATM 1426 O O   . HOH D 4 .   ? 1.998   -20.759 -2.757  1.00 42.06 ?  420 HOH A O   1 
HETATM 1427 O O   . HOH D 4 .   ? -8.505  7.710   -20.193 1.00 36.21 ?  421 HOH A O   1 
HETATM 1428 O O   . HOH D 4 .   ? 5.895   7.105   -11.041 1.00 29.94 ?  422 HOH A O   1 
HETATM 1429 O O   . HOH D 4 .   ? 17.562  -0.760  -7.821  1.00 34.79 ?  423 HOH A O   1 
HETATM 1430 O O   . HOH D 4 .   ? 14.991  1.518   4.856   1.00 39.90 ?  424 HOH A O   1 
HETATM 1431 O O   . HOH D 4 .   ? 7.214   -19.321 -7.071  1.00 29.44 ?  425 HOH A O   1 
HETATM 1432 O O   . HOH D 4 .   ? -0.050  -2.959  21.898  1.00 25.12 ?  426 HOH A O   1 
HETATM 1433 O O   . HOH D 4 .   ? 0.420   -18.745 -3.532  1.00 29.62 ?  427 HOH A O   1 
HETATM 1434 O O   . HOH D 4 .   ? -2.508  -4.142  -14.445 1.00 33.03 ?  428 HOH A O   1 
HETATM 1435 O O   . HOH D 4 .   ? 4.951   7.333   8.866   1.00 34.04 ?  429 HOH A O   1 
HETATM 1436 O O   . HOH D 4 .   ? 10.130  -17.986 -2.258  1.00 46.86 ?  430 HOH A O   1 
HETATM 1437 O O   . HOH D 4 .   ? 3.802   2.942   -18.057 1.00 51.89 ?  431 HOH A O   1 
HETATM 1438 O O   . HOH D 4 .   ? 18.064  -1.523  -2.019  1.00 30.33 ?  432 HOH A O   1 
HETATM 1439 O O   . HOH D 4 .   ? -8.976  -2.868  -10.953 1.00 17.89 ?  433 HOH A O   1 
HETATM 1440 O O   . HOH D 4 .   ? -2.810  -15.356 1.162   1.00 14.57 ?  434 HOH A O   1 
HETATM 1441 O O   . HOH D 4 .   ? -20.773 8.160   -4.049  1.00 26.07 ?  435 HOH A O   1 
HETATM 1442 O O   . HOH D 4 .   ? 11.820  -9.623  17.421  1.00 30.40 ?  436 HOH A O   1 
HETATM 1443 O O   . HOH D 4 .   ? 7.098   8.926   -3.551  1.00 32.23 ?  437 HOH A O   1 
HETATM 1444 O O   . HOH D 4 .   ? -16.183 -1.010  -6.582  1.00 30.52 ?  438 HOH A O   1 
HETATM 1445 O O   . HOH D 4 .   ? 9.007   6.984   -12.213 1.00 36.20 ?  439 HOH A O   1 
HETATM 1446 O O   . HOH D 4 .   ? 9.772   1.778   12.338  1.00 45.64 ?  440 HOH A O   1 
HETATM 1447 O O   . HOH D 4 .   ? 13.460  2.320   7.847   1.00 34.78 ?  441 HOH A O   1 
HETATM 1448 O O   . HOH D 4 .   ? 10.626  -19.713 1.157   1.00 27.89 ?  442 HOH A O   1 
HETATM 1449 O O   . HOH D 4 .   ? -8.288  1.921   20.019  1.00 38.25 ?  443 HOH A O   1 
HETATM 1450 O O   . HOH D 4 .   ? 19.091  0.498   0.214   1.00 38.14 ?  444 HOH A O   1 
HETATM 1451 O O   . HOH D 4 .   ? 5.009   5.003   -19.830 1.00 52.93 ?  445 HOH A O   1 
HETATM 1452 O O   . HOH D 4 .   ? -3.901  -17.318 3.446   1.00 36.17 ?  446 HOH A O   1 
HETATM 1453 O O   . HOH D 4 .   ? -5.129  -16.393 6.312   1.00 32.91 ?  447 HOH A O   1 
HETATM 1454 O O   . HOH D 4 .   ? -0.061  -14.291 15.730  1.00 11.57 ?  448 HOH A O   1 
HETATM 1455 O O   . HOH D 4 .   ? 2.954   -14.890 14.420  1.00 12.31 ?  449 HOH A O   1 
HETATM 1456 O O   . HOH D 4 .   ? -16.097 10.088  -16.185 0.50 19.55 ?  450 HOH A O   1 
HETATM 1457 O O   . HOH D 4 .   ? -4.845  3.920   13.103  1.00 19.37 ?  451 HOH A O   1 
HETATM 1458 O O   . HOH D 4 .   ? -10.917 5.777   -1.420  1.00 28.13 ?  452 HOH A O   1 
HETATM 1459 O O   . HOH D 4 .   ? -3.825  -12.094 21.762  1.00 25.91 ?  453 HOH A O   1 
HETATM 1460 O O   . HOH D 4 .   ? -3.798  3.490   15.586  1.00 19.37 ?  454 HOH A O   1 
HETATM 1461 O O   . HOH D 4 .   ? 11.499  -4.639  15.514  1.00 29.53 ?  455 HOH A O   1 
# 
loop_
_pdbx_poly_seq_scheme.asym_id 
_pdbx_poly_seq_scheme.entity_id 
_pdbx_poly_seq_scheme.seq_id 
_pdbx_poly_seq_scheme.mon_id 
_pdbx_poly_seq_scheme.ndb_seq_num 
_pdbx_poly_seq_scheme.pdb_seq_num 
_pdbx_poly_seq_scheme.auth_seq_num 
_pdbx_poly_seq_scheme.pdb_mon_id 
_pdbx_poly_seq_scheme.auth_mon_id 
_pdbx_poly_seq_scheme.pdb_strand_id 
_pdbx_poly_seq_scheme.pdb_ins_code 
_pdbx_poly_seq_scheme.hetero 
A 1 1   MET 1   1   1   MET MET A . n 
A 1 2   ILE 2   2   2   ILE ILE A . n 
A 1 3   SER 3   3   3   SER SER A . n 
A 1 4   LEU 4   4   4   LEU LEU A . n 
A 1 5   ILE 5   5   5   ILE ILE A . n 
A 1 6   ALA 6   6   6   ALA ALA A . n 
A 1 7   ALA 7   7   7   ALA ALA A . n 
A 1 8   LEU 8   8   8   LEU LEU A . n 
A 1 9   ALA 9   9   9   ALA ALA A . n 
A 1 10  VAL 10  10  10  VAL VAL A . n 
A 1 11  ASP 11  11  11  ASP ASP A . n 
A 1 12  ARG 12  12  12  ARG ARG A . n 
A 1 13  VAL 13  13  13  VAL VAL A . n 
A 1 14  GLY 14  14  14  GLY GLY A . n 
A 1 15  GLY 15  15  15  GLY GLY A . n 
A 1 16  MET 16  16  16  MET MET A . n 
A 1 17  GLU 17  17  17  GLU GLU A . n 
A 1 18  ASN 18  18  18  ASN ASN A . n 
A 1 19  ALA 19  19  19  ALA ALA A . n 
A 1 20  MET 20  20  20  MET MET A . n 
A 1 21  PRO 21  21  21  PRO PRO A . n 
A 1 22  TRP 22  22  22  TRP TRP A . n 
A 1 23  ASN 23  23  23  ASN ASN A . n 
A 1 24  LEU 24  24  24  LEU LEU A . n 
A 1 25  PRO 25  25  25  PRO PRO A . n 
A 1 26  ALA 26  26  26  ALA ALA A . n 
A 1 27  ASP 27  27  27  ASP ASP A . n 
A 1 28  LEU 28  28  28  LEU LEU A . n 
A 1 29  ALA 29  29  29  ALA ALA A . n 
A 1 30  TRP 30  30  30  TRP TRP A . n 
A 1 31  PHE 31  31  31  PHE PHE A . n 
A 1 32  LYS 32  32  32  LYS LYS A . n 
A 1 33  ARG 33  33  33  ARG ARG A . n 
A 1 34  ASN 34  34  34  ASN ASN A . n 
A 1 35  THR 35  35  35  THR THR A . n 
A 1 36  LEU 36  36  36  LEU LEU A . n 
A 1 37  ASN 37  37  37  ASN ASN A . n 
A 1 38  LYS 38  38  38  LYS LYS A . n 
A 1 39  PRO 39  39  39  PRO PRO A . n 
A 1 40  VAL 40  40  40  VAL VAL A . n 
A 1 41  ILE 41  41  41  ILE ILE A . n 
A 1 42  MET 42  42  42  MET MET A . n 
A 1 43  GLY 43  43  43  GLY GLY A . n 
A 1 44  ARG 44  44  44  ARG ARG A . n 
A 1 45  HIS 45  45  45  HIS HIS A . n 
A 1 46  THR 46  46  46  THR THR A . n 
A 1 47  TRP 47  47  47  TRP TRP A . n 
A 1 48  GLU 48  48  48  GLU GLU A . n 
A 1 49  SER 49  49  49  SER SER A . n 
A 1 50  ILE 50  50  50  ILE ILE A . n 
A 1 51  GLY 51  51  51  GLY GLY A . n 
A 1 52  ARG 52  52  52  ARG ARG A . n 
A 1 53  PRO 53  53  53  PRO PRO A . n 
A 1 54  LEU 54  54  54  LEU LEU A . n 
A 1 55  PRO 55  55  55  PRO PRO A . n 
A 1 56  GLY 56  56  56  GLY GLY A . n 
A 1 57  ARG 57  57  57  ARG ARG A . n 
A 1 58  LYS 58  58  58  LYS LYS A . n 
A 1 59  ASN 59  59  59  ASN ASN A . n 
A 1 60  ILE 60  60  60  ILE ILE A . n 
A 1 61  ILE 61  61  61  ILE ILE A . n 
A 1 62  LEU 62  62  62  LEU LEU A . n 
A 1 63  SER 63  63  63  SER SER A . n 
A 1 64  SER 64  64  64  SER SER A . n 
A 1 65  GLN 65  65  65  GLN GLN A . n 
A 1 66  PRO 66  66  66  PRO PRO A . n 
A 1 67  GLY 67  67  67  GLY GLY A . n 
A 1 68  THR 68  68  68  THR THR A . n 
A 1 69  ASP 69  69  69  ASP ASP A . n 
A 1 70  ASP 70  70  70  ASP ASP A . n 
A 1 71  ARG 71  71  71  ARG ARG A . n 
A 1 72  VAL 72  72  72  VAL VAL A . n 
A 1 73  THR 73  73  73  THR THR A . n 
A 1 74  TRP 74  74  74  TRP TRP A . n 
A 1 75  VAL 75  75  75  VAL VAL A . n 
A 1 76  LYS 76  76  76  LYS LYS A . n 
A 1 77  SER 77  77  77  SER SER A . n 
A 1 78  VAL 78  78  78  VAL VAL A . n 
A 1 79  ASP 79  79  79  ASP ASP A . n 
A 1 80  GLU 80  80  80  GLU GLU A . n 
A 1 81  ALA 81  81  81  ALA ALA A . n 
A 1 82  ILE 82  82  82  ILE ILE A . n 
A 1 83  ALA 83  83  83  ALA ALA A . n 
A 1 84  ALA 84  84  84  ALA ALA A . n 
A 1 85  CYS 85  85  85  CYS CYS A . n 
A 1 86  GLY 86  86  86  GLY GLY A . n 
A 1 87  ASP 87  87  87  ASP ASP A . n 
A 1 88  VAL 88  88  88  VAL VAL A . n 
A 1 89  PRO 89  89  89  PRO PRO A . n 
A 1 90  GLU 90  90  90  GLU GLU A . n 
A 1 91  ILE 91  91  91  ILE ILE A . n 
A 1 92  MET 92  92  92  MET MET A . n 
A 1 93  VAL 93  93  93  VAL VAL A . n 
A 1 94  ILE 94  94  94  ILE ILE A . n 
A 1 95  GLY 95  95  95  GLY GLY A . n 
A 1 96  GLY 96  96  96  GLY GLY A . n 
A 1 97  GLY 97  97  97  GLY GLY A . n 
A 1 98  ARG 98  98  98  ARG ARG A . n 
A 1 99  VAL 99  99  99  VAL VAL A . n 
A 1 100 TYR 100 100 100 TYR TYR A . n 
A 1 101 GLU 101 101 101 GLU GLU A . n 
A 1 102 GLN 102 102 102 GLN GLN A . n 
A 1 103 PHE 103 103 103 PHE PHE A . n 
A 1 104 LEU 104 104 104 LEU LEU A . n 
A 1 105 PRO 105 105 105 PRO PRO A . n 
A 1 106 LYS 106 106 106 LYS LYS A . n 
A 1 107 ALA 107 107 107 ALA ALA A . n 
A 1 108 GLN 108 108 108 GLN GLN A . n 
A 1 109 LYS 109 109 109 LYS LYS A . n 
A 1 110 LEU 110 110 110 LEU LEU A . n 
A 1 111 TYR 111 111 111 TYR TYR A . n 
A 1 112 LEU 112 112 112 LEU LEU A . n 
A 1 113 THR 113 113 113 THR THR A . n 
A 1 114 HIS 114 114 114 HIS HIS A . n 
A 1 115 ILE 115 115 115 ILE ILE A . n 
A 1 116 ASP 116 116 116 ASP ASP A . n 
A 1 117 ALA 117 117 117 ALA ALA A . n 
A 1 118 GLU 118 118 118 GLU GLU A . n 
A 1 119 VAL 119 119 119 VAL VAL A . n 
A 1 120 GLU 120 120 120 GLU GLU A . n 
A 1 121 GLY 121 121 121 GLY GLY A . n 
A 1 122 ASP 122 122 ?   ?   ?   A . n 
A 1 123 THR 123 123 ?   ?   ?   A . n 
A 1 124 HIS 124 124 124 HIS HIS A . n 
A 1 125 PHE 125 125 125 PHE PHE A . n 
A 1 126 PRO 126 126 126 PRO PRO A . n 
A 1 127 ASP 127 127 127 ASP ASP A . n 
A 1 128 TYR 128 128 128 TYR TYR A . n 
A 1 129 GLU 129 129 129 GLU GLU A . n 
A 1 130 PRO 130 130 130 PRO PRO A . n 
A 1 131 ASP 131 131 131 ASP ASP A . n 
A 1 132 ASP 132 132 132 ASP ASP A . n 
A 1 133 TRP 133 133 133 TRP TRP A . n 
A 1 134 GLU 134 134 134 GLU GLU A . n 
A 1 135 SER 135 135 135 SER SER A . n 
A 1 136 VAL 136 136 136 VAL VAL A . n 
A 1 137 PHE 137 137 137 PHE PHE A . n 
A 1 138 SER 138 138 138 SER SER A . n 
A 1 139 GLU 139 139 139 GLU GLU A . n 
A 1 140 PHE 140 140 140 PHE PHE A . n 
A 1 141 HIS 141 141 141 HIS HIS A . n 
A 1 142 ASP 142 142 142 ASP ASP A . n 
A 1 143 ALA 143 143 143 ALA ALA A . n 
A 1 144 ASP 144 144 144 ASP ASP A . n 
A 1 145 ALA 145 145 145 ALA ALA A . n 
A 1 146 GLN 146 146 146 GLN GLN A . n 
A 1 147 ASN 147 147 147 ASN ASN A . n 
A 1 148 SER 148 148 148 SER SER A . n 
A 1 149 HIS 149 149 149 HIS HIS A . n 
A 1 150 SER 150 150 150 SER SER A . n 
A 1 151 TYR 151 151 151 TYR TYR A . n 
A 1 152 CYS 152 152 152 CYS CYS A . n 
A 1 153 PHE 153 153 153 PHE PHE A . n 
A 1 154 GLU 154 154 154 GLU GLU A . n 
A 1 155 ILE 155 155 155 ILE ILE A . n 
A 1 156 LEU 156 156 156 LEU LEU A . n 
A 1 157 GLU 157 157 157 GLU GLU A . n 
A 1 158 ARG 158 158 158 ARG ARG A . n 
A 1 159 ARG 159 159 159 ARG ARG A . n 
# 
loop_
_pdbx_nonpoly_scheme.asym_id 
_pdbx_nonpoly_scheme.entity_id 
_pdbx_nonpoly_scheme.mon_id 
_pdbx_nonpoly_scheme.ndb_seq_num 
_pdbx_nonpoly_scheme.pdb_seq_num 
_pdbx_nonpoly_scheme.auth_seq_num 
_pdbx_nonpoly_scheme.pdb_mon_id 
_pdbx_nonpoly_scheme.auth_mon_id 
_pdbx_nonpoly_scheme.pdb_strand_id 
_pdbx_nonpoly_scheme.pdb_ins_code 
B 2 FOL 1   201 201 FOL FOL A . 
C 3 NAP 1   202 202 NAP NAP A . 
D 4 HOH 1   301 301 HOH HOH A . 
D 4 HOH 2   302 302 HOH HOH A . 
D 4 HOH 3   303 303 HOH HOH A . 
D 4 HOH 4   304 304 HOH HOH A . 
D 4 HOH 5   305 305 HOH HOH A . 
D 4 HOH 6   306 306 HOH HOH A . 
D 4 HOH 7   307 307 HOH HOH A . 
D 4 HOH 8   308 308 HOH HOH A . 
D 4 HOH 9   309 309 HOH HOH A . 
D 4 HOH 10  310 310 HOH HOH A . 
D 4 HOH 11  311 311 HOH HOH A . 
D 4 HOH 12  312 312 HOH HOH A . 
D 4 HOH 13  313 313 HOH HOH A . 
D 4 HOH 14  314 314 HOH HOH A . 
D 4 HOH 15  315 315 HOH HOH A . 
D 4 HOH 16  316 316 HOH HOH A . 
D 4 HOH 17  317 317 HOH HOH A . 
D 4 HOH 18  318 318 HOH HOH A . 
D 4 HOH 19  319 319 HOH HOH A . 
D 4 HOH 20  320 320 HOH HOH A . 
D 4 HOH 21  321 321 HOH HOH A . 
D 4 HOH 22  322 322 HOH HOH A . 
D 4 HOH 23  323 323 HOH HOH A . 
D 4 HOH 24  324 324 HOH HOH A . 
D 4 HOH 25  325 325 HOH HOH A . 
D 4 HOH 26  326 326 HOH HOH A . 
D 4 HOH 27  327 327 HOH HOH A . 
D 4 HOH 28  328 328 HOH HOH A . 
D 4 HOH 29  329 329 HOH HOH A . 
D 4 HOH 30  330 330 HOH HOH A . 
D 4 HOH 31  331 331 HOH HOH A . 
D 4 HOH 32  332 332 HOH HOH A . 
D 4 HOH 33  333 333 HOH HOH A . 
D 4 HOH 34  334 334 HOH HOH A . 
D 4 HOH 35  335 335 HOH HOH A . 
D 4 HOH 36  336 336 HOH HOH A . 
D 4 HOH 37  337 337 HOH HOH A . 
D 4 HOH 38  338 338 HOH HOH A . 
D 4 HOH 39  339 339 HOH HOH A . 
D 4 HOH 40  340 340 HOH HOH A . 
D 4 HOH 41  341 341 HOH HOH A . 
D 4 HOH 42  342 342 HOH HOH A . 
D 4 HOH 43  343 343 HOH HOH A . 
D 4 HOH 44  344 344 HOH HOH A . 
D 4 HOH 45  345 345 HOH HOH A . 
D 4 HOH 46  346 346 HOH HOH A . 
D 4 HOH 47  347 347 HOH HOH A . 
D 4 HOH 48  348 348 HOH HOH A . 
D 4 HOH 49  349 349 HOH HOH A . 
D 4 HOH 50  350 350 HOH HOH A . 
D 4 HOH 51  351 351 HOH HOH A . 
D 4 HOH 52  352 352 HOH HOH A . 
D 4 HOH 53  353 353 HOH HOH A . 
D 4 HOH 54  354 354 HOH HOH A . 
D 4 HOH 55  355 355 HOH HOH A . 
D 4 HOH 56  356 356 HOH HOH A . 
D 4 HOH 57  357 357 HOH HOH A . 
D 4 HOH 58  358 358 HOH HOH A . 
D 4 HOH 59  359 359 HOH HOH A . 
D 4 HOH 60  360 360 HOH HOH A . 
D 4 HOH 61  361 361 HOH HOH A . 
D 4 HOH 62  362 362 HOH HOH A . 
D 4 HOH 63  363 363 HOH HOH A . 
D 4 HOH 64  364 364 HOH HOH A . 
D 4 HOH 65  365 365 HOH HOH A . 
D 4 HOH 66  366 366 HOH HOH A . 
D 4 HOH 67  367 367 HOH HOH A . 
D 4 HOH 68  368 368 HOH HOH A . 
D 4 HOH 69  369 369 HOH HOH A . 
D 4 HOH 70  370 370 HOH HOH A . 
D 4 HOH 71  371 371 HOH HOH A . 
D 4 HOH 72  372 372 HOH HOH A . 
D 4 HOH 73  373 373 HOH HOH A . 
D 4 HOH 74  374 374 HOH HOH A . 
D 4 HOH 75  375 375 HOH HOH A . 
D 4 HOH 76  376 376 HOH HOH A . 
D 4 HOH 77  377 377 HOH HOH A . 
D 4 HOH 78  378 378 HOH HOH A . 
D 4 HOH 79  379 379 HOH HOH A . 
D 4 HOH 80  380 380 HOH HOH A . 
D 4 HOH 81  381 381 HOH HOH A . 
D 4 HOH 82  382 382 HOH HOH A . 
D 4 HOH 83  383 383 HOH HOH A . 
D 4 HOH 84  384 384 HOH HOH A . 
D 4 HOH 85  385 385 HOH HOH A . 
D 4 HOH 86  386 386 HOH HOH A . 
D 4 HOH 87  387 387 HOH HOH A . 
D 4 HOH 88  388 388 HOH HOH A . 
D 4 HOH 89  389 389 HOH HOH A . 
D 4 HOH 90  390 390 HOH HOH A . 
D 4 HOH 91  391 391 HOH HOH A . 
D 4 HOH 92  392 392 HOH HOH A . 
D 4 HOH 93  393 393 HOH HOH A . 
D 4 HOH 94  394 394 HOH HOH A . 
D 4 HOH 95  395 395 HOH HOH A . 
D 4 HOH 96  396 396 HOH HOH A . 
D 4 HOH 97  397 397 HOH HOH A . 
D 4 HOH 98  398 398 HOH HOH A . 
D 4 HOH 99  399 399 HOH HOH A . 
D 4 HOH 100 400 400 HOH HOH A . 
D 4 HOH 101 401 401 HOH HOH A . 
D 4 HOH 102 402 402 HOH HOH A . 
D 4 HOH 103 403 403 HOH HOH A . 
D 4 HOH 104 404 404 HOH HOH A . 
D 4 HOH 105 405 405 HOH HOH A . 
D 4 HOH 106 406 406 HOH HOH A . 
D 4 HOH 107 407 407 HOH HOH A . 
D 4 HOH 108 408 408 HOH HOH A . 
D 4 HOH 109 409 409 HOH HOH A . 
D 4 HOH 110 410 410 HOH HOH A . 
D 4 HOH 111 411 411 HOH HOH A . 
D 4 HOH 112 412 412 HOH HOH A . 
D 4 HOH 113 413 413 HOH HOH A . 
D 4 HOH 114 414 414 HOH HOH A . 
D 4 HOH 115 415 415 HOH HOH A . 
D 4 HOH 116 416 416 HOH HOH A . 
D 4 HOH 117 417 417 HOH HOH A . 
D 4 HOH 118 418 418 HOH HOH A . 
D 4 HOH 119 419 419 HOH HOH A . 
D 4 HOH 120 420 420 HOH HOH A . 
D 4 HOH 121 421 421 HOH HOH A . 
D 4 HOH 122 422 422 HOH HOH A . 
D 4 HOH 123 423 423 HOH HOH A . 
D 4 HOH 124 424 424 HOH HOH A . 
D 4 HOH 125 425 425 HOH HOH A . 
D 4 HOH 126 426 426 HOH HOH A . 
D 4 HOH 127 427 427 HOH HOH A . 
D 4 HOH 128 428 428 HOH HOH A . 
D 4 HOH 129 429 429 HOH HOH A . 
D 4 HOH 130 430 430 HOH HOH A . 
D 4 HOH 131 431 431 HOH HOH A . 
D 4 HOH 132 432 432 HOH HOH A . 
D 4 HOH 133 433 433 HOH HOH A . 
D 4 HOH 134 434 434 HOH HOH A . 
D 4 HOH 135 435 435 HOH HOH A . 
D 4 HOH 136 436 436 HOH HOH A . 
D 4 HOH 137 437 437 HOH HOH A . 
D 4 HOH 138 438 438 HOH HOH A . 
D 4 HOH 139 439 439 HOH HOH A . 
D 4 HOH 140 440 440 HOH HOH A . 
D 4 HOH 141 441 441 HOH HOH A . 
D 4 HOH 142 442 442 HOH HOH A . 
D 4 HOH 143 443 443 HOH HOH A . 
D 4 HOH 144 444 444 HOH HOH A . 
D 4 HOH 145 445 445 HOH HOH A . 
D 4 HOH 146 446 446 HOH HOH A . 
D 4 HOH 147 447 447 HOH HOH A . 
D 4 HOH 148 448 448 HOH HOH A . 
D 4 HOH 149 449 449 HOH HOH A . 
D 4 HOH 150 450 450 HOH HOH A . 
D 4 HOH 151 451 451 HOH HOH A . 
D 4 HOH 152 452 452 HOH HOH A . 
D 4 HOH 153 453 453 HOH HOH A . 
D 4 HOH 154 454 454 HOH HOH A . 
D 4 HOH 155 455 455 HOH HOH A . 
# 
_pdbx_struct_assembly.id                   1 
_pdbx_struct_assembly.details              author_and_software_defined_assembly 
_pdbx_struct_assembly.method_details       PISA 
_pdbx_struct_assembly.oligomeric_details   monomeric 
_pdbx_struct_assembly.oligomeric_count     1 
# 
_pdbx_struct_assembly_gen.assembly_id       1 
_pdbx_struct_assembly_gen.oper_expression   1 
_pdbx_struct_assembly_gen.asym_id_list      A,B,C,D 
# 
_pdbx_struct_oper_list.id                   1 
_pdbx_struct_oper_list.type                 'identity operation' 
_pdbx_struct_oper_list.name                 1_555 
_pdbx_struct_oper_list.symmetry_operation   x,y,z 
_pdbx_struct_oper_list.matrix[1][1]         1.0000000000 
_pdbx_struct_oper_list.matrix[1][2]         0.0000000000 
_pdbx_struct_oper_list.matrix[1][3]         0.0000000000 
_pdbx_struct_oper_list.vector[1]            0.0000000000 
_pdbx_struct_oper_list.matrix[2][1]         0.0000000000 
_pdbx_struct_oper_list.matrix[2][2]         1.0000000000 
_pdbx_struct_oper_list.matrix[2][3]         0.0000000000 
_pdbx_struct_oper_list.vector[2]            0.0000000000 
_pdbx_struct_oper_list.matrix[3][1]         0.0000000000 
_pdbx_struct_oper_list.matrix[3][2]         0.0000000000 
_pdbx_struct_oper_list.matrix[3][3]         1.0000000000 
_pdbx_struct_oper_list.vector[3]            0.0000000000 
# 
_pdbx_struct_special_symmetry.id              1 
_pdbx_struct_special_symmetry.PDB_model_num   1 
_pdbx_struct_special_symmetry.auth_asym_id    A 
_pdbx_struct_special_symmetry.auth_comp_id    HOH 
_pdbx_struct_special_symmetry.auth_seq_id     450 
_pdbx_struct_special_symmetry.PDB_ins_code    ? 
_pdbx_struct_special_symmetry.label_asym_id   D 
_pdbx_struct_special_symmetry.label_comp_id   HOH 
_pdbx_struct_special_symmetry.label_seq_id    . 
# 
loop_
_pdbx_audit_revision_history.ordinal 
_pdbx_audit_revision_history.data_content_type 
_pdbx_audit_revision_history.major_revision 
_pdbx_audit_revision_history.minor_revision 
_pdbx_audit_revision_history.revision_date 
1 'Structure model' 1 0 2014-11-26 
2 'Structure model' 1 1 2015-02-25 
3 'Structure model' 1 2 2023-09-20 
# 
_pdbx_audit_revision_details.ordinal             1 
_pdbx_audit_revision_details.revision_ordinal    1 
_pdbx_audit_revision_details.data_content_type   'Structure model' 
_pdbx_audit_revision_details.provider            repository 
_pdbx_audit_revision_details.type                'Initial release' 
_pdbx_audit_revision_details.description         ? 
_pdbx_audit_revision_details.details             ? 
# 
loop_
_pdbx_audit_revision_group.ordinal 
_pdbx_audit_revision_group.revision_ordinal 
_pdbx_audit_revision_group.data_content_type 
_pdbx_audit_revision_group.group 
1 2 'Structure model' 'Database references'    
2 3 'Structure model' 'Data collection'        
3 3 'Structure model' 'Database references'    
4 3 'Structure model' 'Derived calculations'   
5 3 'Structure model' 'Refinement description' 
# 
loop_
_pdbx_audit_revision_category.ordinal 
_pdbx_audit_revision_category.revision_ordinal 
_pdbx_audit_revision_category.data_content_type 
_pdbx_audit_revision_category.category 
1 3 'Structure model' chem_comp_atom                
2 3 'Structure model' chem_comp_bond                
3 3 'Structure model' database_2                    
4 3 'Structure model' pdbx_initial_refinement_model 
5 3 'Structure model' struct_ref_seq_dif            
6 3 'Structure model' struct_site                   
# 
loop_
_pdbx_audit_revision_item.ordinal 
_pdbx_audit_revision_item.revision_ordinal 
_pdbx_audit_revision_item.data_content_type 
_pdbx_audit_revision_item.item 
1 3 'Structure model' '_database_2.pdbx_DOI'                
2 3 'Structure model' '_database_2.pdbx_database_accession' 
3 3 'Structure model' '_struct_ref_seq_dif.details'         
4 3 'Structure model' '_struct_site.pdbx_auth_asym_id'      
5 3 'Structure model' '_struct_site.pdbx_auth_comp_id'      
6 3 'Structure model' '_struct_site.pdbx_auth_seq_id'       
# 
loop_
_software.name 
_software.classification 
_software.version 
_software.citation_id 
_software.pdbx_ordinal 
Blu-Ice 'data collection' .        ? 1 
PHASER  phasing           .        ? 2 
REFMAC  refinement        5.8.0071 ? 3 
XDS     'data reduction'  .        ? 4 
SCALA   'data scaling'    .        ? 5 
# 
loop_
_pdbx_validate_rmsd_angle.id 
_pdbx_validate_rmsd_angle.PDB_model_num 
_pdbx_validate_rmsd_angle.auth_atom_id_1 
_pdbx_validate_rmsd_angle.auth_asym_id_1 
_pdbx_validate_rmsd_angle.auth_comp_id_1 
_pdbx_validate_rmsd_angle.auth_seq_id_1 
_pdbx_validate_rmsd_angle.PDB_ins_code_1 
_pdbx_validate_rmsd_angle.label_alt_id_1 
_pdbx_validate_rmsd_angle.auth_atom_id_2 
_pdbx_validate_rmsd_angle.auth_asym_id_2 
_pdbx_validate_rmsd_angle.auth_comp_id_2 
_pdbx_validate_rmsd_angle.auth_seq_id_2 
_pdbx_validate_rmsd_angle.PDB_ins_code_2 
_pdbx_validate_rmsd_angle.label_alt_id_2 
_pdbx_validate_rmsd_angle.auth_atom_id_3 
_pdbx_validate_rmsd_angle.auth_asym_id_3 
_pdbx_validate_rmsd_angle.auth_comp_id_3 
_pdbx_validate_rmsd_angle.auth_seq_id_3 
_pdbx_validate_rmsd_angle.PDB_ins_code_3 
_pdbx_validate_rmsd_angle.label_alt_id_3 
_pdbx_validate_rmsd_angle.angle_value 
_pdbx_validate_rmsd_angle.angle_target_value 
_pdbx_validate_rmsd_angle.angle_deviation 
_pdbx_validate_rmsd_angle.angle_standard_deviation 
_pdbx_validate_rmsd_angle.linker_flag 
1 1 CB A LEU 4   ? ? CG A LEU 4   ? ? CD1 A LEU 4   ? ? 122.82 111.00 11.82 1.70 N 
2 1 NE A ARG 44  ? ? CZ A ARG 44  ? ? NH1 A ARG 44  ? ? 126.81 120.30 6.51  0.50 N 
3 1 NE A ARG 44  ? ? CZ A ARG 44  ? ? NH2 A ARG 44  ? ? 115.05 120.30 -5.25 0.50 N 
4 1 NE A ARG 57  ? ? CZ A ARG 57  ? ? NH1 A ARG 57  ? ? 124.75 120.30 4.45  0.50 N 
5 1 NE A ARG 57  ? ? CZ A ARG 57  ? ? NH2 A ARG 57  ? ? 116.43 120.30 -3.87 0.50 N 
6 1 NE A ARG 158 ? ? CZ A ARG 158 ? ? NH2 A ARG 158 ? ? 116.67 120.30 -3.63 0.50 N 
# 
_pdbx_validate_torsion.id              1 
_pdbx_validate_torsion.PDB_model_num   1 
_pdbx_validate_torsion.auth_comp_id    MET 
_pdbx_validate_torsion.auth_asym_id    A 
_pdbx_validate_torsion.auth_seq_id     20 
_pdbx_validate_torsion.PDB_ins_code    ? 
_pdbx_validate_torsion.label_alt_id    ? 
_pdbx_validate_torsion.phi             -153.52 
_pdbx_validate_torsion.psi             78.45 
# 
loop_
_pdbx_unobs_or_zero_occ_atoms.id 
_pdbx_unobs_or_zero_occ_atoms.PDB_model_num 
_pdbx_unobs_or_zero_occ_atoms.polymer_flag 
_pdbx_unobs_or_zero_occ_atoms.occupancy_flag 
_pdbx_unobs_or_zero_occ_atoms.auth_asym_id 
_pdbx_unobs_or_zero_occ_atoms.auth_comp_id 
_pdbx_unobs_or_zero_occ_atoms.auth_seq_id 
_pdbx_unobs_or_zero_occ_atoms.PDB_ins_code 
_pdbx_unobs_or_zero_occ_atoms.auth_atom_id 
_pdbx_unobs_or_zero_occ_atoms.label_alt_id 
_pdbx_unobs_or_zero_occ_atoms.label_asym_id 
_pdbx_unobs_or_zero_occ_atoms.label_comp_id 
_pdbx_unobs_or_zero_occ_atoms.label_seq_id 
_pdbx_unobs_or_zero_occ_atoms.label_atom_id 
1  1 Y 1 A ARG 98  ? CG  ? A ARG 98 CG  
2  1 Y 1 A ARG 98  ? CD  ? A ARG 98 CD  
3  1 Y 1 A ARG 98  ? NE  ? A ARG 98 NE  
4  1 Y 1 A ARG 98  ? CZ  ? A ARG 98 CZ  
5  1 Y 1 A ARG 98  ? NH1 ? A ARG 98 NH1 
6  1 Y 1 A ARG 98  ? NH2 ? A ARG 98 NH2 
7  1 N 1 A NAP 202 ? C5D ? C NAP 1  C5D 
8  1 N 1 A NAP 202 ? C4D ? C NAP 1  C4D 
9  1 N 1 A NAP 202 ? O4D ? C NAP 1  O4D 
10 1 N 1 A NAP 202 ? C3D ? C NAP 1  C3D 
11 1 N 1 A NAP 202 ? O3D ? C NAP 1  O3D 
12 1 N 1 A NAP 202 ? C2D ? C NAP 1  C2D 
13 1 N 1 A NAP 202 ? O2D ? C NAP 1  O2D 
14 1 N 1 A NAP 202 ? C1D ? C NAP 1  C1D 
15 1 N 1 A NAP 202 ? N1N ? C NAP 1  N1N 
16 1 N 1 A NAP 202 ? C2N ? C NAP 1  C2N 
17 1 N 1 A NAP 202 ? C3N ? C NAP 1  C3N 
18 1 N 1 A NAP 202 ? C7N ? C NAP 1  C7N 
19 1 N 1 A NAP 202 ? O7N ? C NAP 1  O7N 
20 1 N 1 A NAP 202 ? N7N ? C NAP 1  N7N 
21 1 N 1 A NAP 202 ? C4N ? C NAP 1  C4N 
22 1 N 1 A NAP 202 ? C5N ? C NAP 1  C5N 
23 1 N 1 A NAP 202 ? C6N ? C NAP 1  C6N 
# 
loop_
_pdbx_unobs_or_zero_occ_residues.id 
_pdbx_unobs_or_zero_occ_residues.PDB_model_num 
_pdbx_unobs_or_zero_occ_residues.polymer_flag 
_pdbx_unobs_or_zero_occ_residues.occupancy_flag 
_pdbx_unobs_or_zero_occ_residues.auth_asym_id 
_pdbx_unobs_or_zero_occ_residues.auth_comp_id 
_pdbx_unobs_or_zero_occ_residues.auth_seq_id 
_pdbx_unobs_or_zero_occ_residues.PDB_ins_code 
_pdbx_unobs_or_zero_occ_residues.label_asym_id 
_pdbx_unobs_or_zero_occ_residues.label_comp_id 
_pdbx_unobs_or_zero_occ_residues.label_seq_id 
1 1 Y 1 A ASP 122 ? A ASP 122 
2 1 Y 1 A THR 123 ? A THR 123 
# 
loop_
_chem_comp_atom.comp_id 
_chem_comp_atom.atom_id 
_chem_comp_atom.type_symbol 
_chem_comp_atom.pdbx_aromatic_flag 
_chem_comp_atom.pdbx_stereo_config 
_chem_comp_atom.pdbx_ordinal 
ALA N    N N N 1   
ALA CA   C N S 2   
ALA C    C N N 3   
ALA O    O N N 4   
ALA CB   C N N 5   
ALA OXT  O N N 6   
ALA H    H N N 7   
ALA H2   H N N 8   
ALA HA   H N N 9   
ALA HB1  H N N 10  
ALA HB2  H N N 11  
ALA HB3  H N N 12  
ALA HXT  H N N 13  
ARG N    N N N 14  
ARG CA   C N S 15  
ARG C    C N N 16  
ARG O    O N N 17  
ARG CB   C N N 18  
ARG CG   C N N 19  
ARG CD   C N N 20  
ARG NE   N N N 21  
ARG CZ   C N N 22  
ARG NH1  N N N 23  
ARG NH2  N N N 24  
ARG OXT  O N N 25  
ARG H    H N N 26  
ARG H2   H N N 27  
ARG HA   H N N 28  
ARG HB2  H N N 29  
ARG HB3  H N N 30  
ARG HG2  H N N 31  
ARG HG3  H N N 32  
ARG HD2  H N N 33  
ARG HD3  H N N 34  
ARG HE   H N N 35  
ARG HH11 H N N 36  
ARG HH12 H N N 37  
ARG HH21 H N N 38  
ARG HH22 H N N 39  
ARG HXT  H N N 40  
ASN N    N N N 41  
ASN CA   C N S 42  
ASN C    C N N 43  
ASN O    O N N 44  
ASN CB   C N N 45  
ASN CG   C N N 46  
ASN OD1  O N N 47  
ASN ND2  N N N 48  
ASN OXT  O N N 49  
ASN H    H N N 50  
ASN H2   H N N 51  
ASN HA   H N N 52  
ASN HB2  H N N 53  
ASN HB3  H N N 54  
ASN HD21 H N N 55  
ASN HD22 H N N 56  
ASN HXT  H N N 57  
ASP N    N N N 58  
ASP CA   C N S 59  
ASP C    C N N 60  
ASP O    O N N 61  
ASP CB   C N N 62  
ASP CG   C N N 63  
ASP OD1  O N N 64  
ASP OD2  O N N 65  
ASP OXT  O N N 66  
ASP H    H N N 67  
ASP H2   H N N 68  
ASP HA   H N N 69  
ASP HB2  H N N 70  
ASP HB3  H N N 71  
ASP HD2  H N N 72  
ASP HXT  H N N 73  
CYS N    N N N 74  
CYS CA   C N R 75  
CYS C    C N N 76  
CYS O    O N N 77  
CYS CB   C N N 78  
CYS SG   S N N 79  
CYS OXT  O N N 80  
CYS H    H N N 81  
CYS H2   H N N 82  
CYS HA   H N N 83  
CYS HB2  H N N 84  
CYS HB3  H N N 85  
CYS HG   H N N 86  
CYS HXT  H N N 87  
FOL N1   N Y N 88  
FOL C2   C Y N 89  
FOL NA2  N N N 90  
FOL N3   N Y N 91  
FOL C4   C Y N 92  
FOL O4   O N N 93  
FOL C4A  C Y N 94  
FOL N5   N Y N 95  
FOL C6   C Y N 96  
FOL C7   C Y N 97  
FOL N8   N Y N 98  
FOL C8A  C Y N 99  
FOL C9   C N N 100 
FOL N10  N N N 101 
FOL C11  C Y N 102 
FOL C12  C Y N 103 
FOL C13  C Y N 104 
FOL C14  C Y N 105 
FOL C15  C Y N 106 
FOL C16  C Y N 107 
FOL C    C N N 108 
FOL O    O N N 109 
FOL N    N N N 110 
FOL CA   C N S 111 
FOL CB   C N N 112 
FOL CG   C N N 113 
FOL CD   C N N 114 
FOL OE1  O N N 115 
FOL OE2  O N N 116 
FOL CT   C N N 117 
FOL O1   O N N 118 
FOL O2   O N N 119 
FOL HN1  H N N 120 
FOL HN21 H N N 121 
FOL HN22 H N N 122 
FOL H7   H N N 123 
FOL H91  H N N 124 
FOL H92  H N N 125 
FOL HN0  H N N 126 
FOL H12  H N N 127 
FOL H13  H N N 128 
FOL H15  H N N 129 
FOL H16  H N N 130 
FOL HN   H N N 131 
FOL HA   H N N 132 
FOL HB1  H N N 133 
FOL HB2  H N N 134 
FOL HG1  H N N 135 
FOL HG2  H N N 136 
FOL HOE2 H N N 137 
FOL HO2  H N N 138 
GLN N    N N N 139 
GLN CA   C N S 140 
GLN C    C N N 141 
GLN O    O N N 142 
GLN CB   C N N 143 
GLN CG   C N N 144 
GLN CD   C N N 145 
GLN OE1  O N N 146 
GLN NE2  N N N 147 
GLN OXT  O N N 148 
GLN H    H N N 149 
GLN H2   H N N 150 
GLN HA   H N N 151 
GLN HB2  H N N 152 
GLN HB3  H N N 153 
GLN HG2  H N N 154 
GLN HG3  H N N 155 
GLN HE21 H N N 156 
GLN HE22 H N N 157 
GLN HXT  H N N 158 
GLU N    N N N 159 
GLU CA   C N S 160 
GLU C    C N N 161 
GLU O    O N N 162 
GLU CB   C N N 163 
GLU CG   C N N 164 
GLU CD   C N N 165 
GLU OE1  O N N 166 
GLU OE2  O N N 167 
GLU OXT  O N N 168 
GLU H    H N N 169 
GLU H2   H N N 170 
GLU HA   H N N 171 
GLU HB2  H N N 172 
GLU HB3  H N N 173 
GLU HG2  H N N 174 
GLU HG3  H N N 175 
GLU HE2  H N N 176 
GLU HXT  H N N 177 
GLY N    N N N 178 
GLY CA   C N N 179 
GLY C    C N N 180 
GLY O    O N N 181 
GLY OXT  O N N 182 
GLY H    H N N 183 
GLY H2   H N N 184 
GLY HA2  H N N 185 
GLY HA3  H N N 186 
GLY HXT  H N N 187 
HIS N    N N N 188 
HIS CA   C N S 189 
HIS C    C N N 190 
HIS O    O N N 191 
HIS CB   C N N 192 
HIS CG   C Y N 193 
HIS ND1  N Y N 194 
HIS CD2  C Y N 195 
HIS CE1  C Y N 196 
HIS NE2  N Y N 197 
HIS OXT  O N N 198 
HIS H    H N N 199 
HIS H2   H N N 200 
HIS HA   H N N 201 
HIS HB2  H N N 202 
HIS HB3  H N N 203 
HIS HD1  H N N 204 
HIS HD2  H N N 205 
HIS HE1  H N N 206 
HIS HE2  H N N 207 
HIS HXT  H N N 208 
HOH O    O N N 209 
HOH H1   H N N 210 
HOH H2   H N N 211 
ILE N    N N N 212 
ILE CA   C N S 213 
ILE C    C N N 214 
ILE O    O N N 215 
ILE CB   C N S 216 
ILE CG1  C N N 217 
ILE CG2  C N N 218 
ILE CD1  C N N 219 
ILE OXT  O N N 220 
ILE H    H N N 221 
ILE H2   H N N 222 
ILE HA   H N N 223 
ILE HB   H N N 224 
ILE HG12 H N N 225 
ILE HG13 H N N 226 
ILE HG21 H N N 227 
ILE HG22 H N N 228 
ILE HG23 H N N 229 
ILE HD11 H N N 230 
ILE HD12 H N N 231 
ILE HD13 H N N 232 
ILE HXT  H N N 233 
LEU N    N N N 234 
LEU CA   C N S 235 
LEU C    C N N 236 
LEU O    O N N 237 
LEU CB   C N N 238 
LEU CG   C N N 239 
LEU CD1  C N N 240 
LEU CD2  C N N 241 
LEU OXT  O N N 242 
LEU H    H N N 243 
LEU H2   H N N 244 
LEU HA   H N N 245 
LEU HB2  H N N 246 
LEU HB3  H N N 247 
LEU HG   H N N 248 
LEU HD11 H N N 249 
LEU HD12 H N N 250 
LEU HD13 H N N 251 
LEU HD21 H N N 252 
LEU HD22 H N N 253 
LEU HD23 H N N 254 
LEU HXT  H N N 255 
LYS N    N N N 256 
LYS CA   C N S 257 
LYS C    C N N 258 
LYS O    O N N 259 
LYS CB   C N N 260 
LYS CG   C N N 261 
LYS CD   C N N 262 
LYS CE   C N N 263 
LYS NZ   N N N 264 
LYS OXT  O N N 265 
LYS H    H N N 266 
LYS H2   H N N 267 
LYS HA   H N N 268 
LYS HB2  H N N 269 
LYS HB3  H N N 270 
LYS HG2  H N N 271 
LYS HG3  H N N 272 
LYS HD2  H N N 273 
LYS HD3  H N N 274 
LYS HE2  H N N 275 
LYS HE3  H N N 276 
LYS HZ1  H N N 277 
LYS HZ2  H N N 278 
LYS HZ3  H N N 279 
LYS HXT  H N N 280 
MET N    N N N 281 
MET CA   C N S 282 
MET C    C N N 283 
MET O    O N N 284 
MET CB   C N N 285 
MET CG   C N N 286 
MET SD   S N N 287 
MET CE   C N N 288 
MET OXT  O N N 289 
MET H    H N N 290 
MET H2   H N N 291 
MET HA   H N N 292 
MET HB2  H N N 293 
MET HB3  H N N 294 
MET HG2  H N N 295 
MET HG3  H N N 296 
MET HE1  H N N 297 
MET HE2  H N N 298 
MET HE3  H N N 299 
MET HXT  H N N 300 
NAP PA   P N R 301 
NAP O1A  O N N 302 
NAP O2A  O N N 303 
NAP O5B  O N N 304 
NAP C5B  C N N 305 
NAP C4B  C N R 306 
NAP O4B  O N N 307 
NAP C3B  C N R 308 
NAP O3B  O N N 309 
NAP C2B  C N R 310 
NAP O2B  O N N 311 
NAP C1B  C N R 312 
NAP N9A  N Y N 313 
NAP C8A  C Y N 314 
NAP N7A  N Y N 315 
NAP C5A  C Y N 316 
NAP C6A  C Y N 317 
NAP N6A  N N N 318 
NAP N1A  N Y N 319 
NAP C2A  C Y N 320 
NAP N3A  N Y N 321 
NAP C4A  C Y N 322 
NAP O3   O N N 323 
NAP PN   P N N 324 
NAP O1N  O N N 325 
NAP O2N  O N N 326 
NAP O5D  O N N 327 
NAP C5D  C N N 328 
NAP C4D  C N R 329 
NAP O4D  O N N 330 
NAP C3D  C N S 331 
NAP O3D  O N N 332 
NAP C2D  C N R 333 
NAP O2D  O N N 334 
NAP C1D  C N R 335 
NAP N1N  N Y N 336 
NAP C2N  C Y N 337 
NAP C3N  C Y N 338 
NAP C7N  C N N 339 
NAP O7N  O N N 340 
NAP N7N  N N N 341 
NAP C4N  C Y N 342 
NAP C5N  C Y N 343 
NAP C6N  C Y N 344 
NAP P2B  P N N 345 
NAP O1X  O N N 346 
NAP O2X  O N N 347 
NAP O3X  O N N 348 
NAP HOA2 H N N 349 
NAP H51A H N N 350 
NAP H52A H N N 351 
NAP H4B  H N N 352 
NAP H3B  H N N 353 
NAP HO3A H N N 354 
NAP H2B  H N N 355 
NAP H1B  H N N 356 
NAP H8A  H N N 357 
NAP H61A H N N 358 
NAP H62A H N N 359 
NAP H2A  H N N 360 
NAP H51N H N N 361 
NAP H52N H N N 362 
NAP H4D  H N N 363 
NAP H3D  H N N 364 
NAP HO3N H N N 365 
NAP H2D  H N N 366 
NAP HO2N H N N 367 
NAP H1D  H N N 368 
NAP H2N  H N N 369 
NAP H71N H N N 370 
NAP H72N H N N 371 
NAP H4N  H N N 372 
NAP H5N  H N N 373 
NAP H6N  H N N 374 
NAP HOP2 H N N 375 
NAP HOP3 H N N 376 
PHE N    N N N 377 
PHE CA   C N S 378 
PHE C    C N N 379 
PHE O    O N N 380 
PHE CB   C N N 381 
PHE CG   C Y N 382 
PHE CD1  C Y N 383 
PHE CD2  C Y N 384 
PHE CE1  C Y N 385 
PHE CE2  C Y N 386 
PHE CZ   C Y N 387 
PHE OXT  O N N 388 
PHE H    H N N 389 
PHE H2   H N N 390 
PHE HA   H N N 391 
PHE HB2  H N N 392 
PHE HB3  H N N 393 
PHE HD1  H N N 394 
PHE HD2  H N N 395 
PHE HE1  H N N 396 
PHE HE2  H N N 397 
PHE HZ   H N N 398 
PHE HXT  H N N 399 
PRO N    N N N 400 
PRO CA   C N S 401 
PRO C    C N N 402 
PRO O    O N N 403 
PRO CB   C N N 404 
PRO CG   C N N 405 
PRO CD   C N N 406 
PRO OXT  O N N 407 
PRO H    H N N 408 
PRO HA   H N N 409 
PRO HB2  H N N 410 
PRO HB3  H N N 411 
PRO HG2  H N N 412 
PRO HG3  H N N 413 
PRO HD2  H N N 414 
PRO HD3  H N N 415 
PRO HXT  H N N 416 
SER N    N N N 417 
SER CA   C N S 418 
SER C    C N N 419 
SER O    O N N 420 
SER CB   C N N 421 
SER OG   O N N 422 
SER OXT  O N N 423 
SER H    H N N 424 
SER H2   H N N 425 
SER HA   H N N 426 
SER HB2  H N N 427 
SER HB3  H N N 428 
SER HG   H N N 429 
SER HXT  H N N 430 
THR N    N N N 431 
THR CA   C N S 432 
THR C    C N N 433 
THR O    O N N 434 
THR CB   C N R 435 
THR OG1  O N N 436 
THR CG2  C N N 437 
THR OXT  O N N 438 
THR H    H N N 439 
THR H2   H N N 440 
THR HA   H N N 441 
THR HB   H N N 442 
THR HG1  H N N 443 
THR HG21 H N N 444 
THR HG22 H N N 445 
THR HG23 H N N 446 
THR HXT  H N N 447 
TRP N    N N N 448 
TRP CA   C N S 449 
TRP C    C N N 450 
TRP O    O N N 451 
TRP CB   C N N 452 
TRP CG   C Y N 453 
TRP CD1  C Y N 454 
TRP CD2  C Y N 455 
TRP NE1  N Y N 456 
TRP CE2  C Y N 457 
TRP CE3  C Y N 458 
TRP CZ2  C Y N 459 
TRP CZ3  C Y N 460 
TRP CH2  C Y N 461 
TRP OXT  O N N 462 
TRP H    H N N 463 
TRP H2   H N N 464 
TRP HA   H N N 465 
TRP HB2  H N N 466 
TRP HB3  H N N 467 
TRP HD1  H N N 468 
TRP HE1  H N N 469 
TRP HE3  H N N 470 
TRP HZ2  H N N 471 
TRP HZ3  H N N 472 
TRP HH2  H N N 473 
TRP HXT  H N N 474 
TYR N    N N N 475 
TYR CA   C N S 476 
TYR C    C N N 477 
TYR O    O N N 478 
TYR CB   C N N 479 
TYR CG   C Y N 480 
TYR CD1  C Y N 481 
TYR CD2  C Y N 482 
TYR CE1  C Y N 483 
TYR CE2  C Y N 484 
TYR CZ   C Y N 485 
TYR OH   O N N 486 
TYR OXT  O N N 487 
TYR H    H N N 488 
TYR H2   H N N 489 
TYR HA   H N N 490 
TYR HB2  H N N 491 
TYR HB3  H N N 492 
TYR HD1  H N N 493 
TYR HD2  H N N 494 
TYR HE1  H N N 495 
TYR HE2  H N N 496 
TYR HH   H N N 497 
TYR HXT  H N N 498 
VAL N    N N N 499 
VAL CA   C N S 500 
VAL C    C N N 501 
VAL O    O N N 502 
VAL CB   C N N 503 
VAL CG1  C N N 504 
VAL CG2  C N N 505 
VAL OXT  O N N 506 
VAL H    H N N 507 
VAL H2   H N N 508 
VAL HA   H N N 509 
VAL HB   H N N 510 
VAL HG11 H N N 511 
VAL HG12 H N N 512 
VAL HG13 H N N 513 
VAL HG21 H N N 514 
VAL HG22 H N N 515 
VAL HG23 H N N 516 
VAL HXT  H N N 517 
# 
loop_
_chem_comp_bond.comp_id 
_chem_comp_bond.atom_id_1 
_chem_comp_bond.atom_id_2 
_chem_comp_bond.value_order 
_chem_comp_bond.pdbx_aromatic_flag 
_chem_comp_bond.pdbx_stereo_config 
_chem_comp_bond.pdbx_ordinal 
ALA N   CA   sing N N 1   
ALA N   H    sing N N 2   
ALA N   H2   sing N N 3   
ALA CA  C    sing N N 4   
ALA CA  CB   sing N N 5   
ALA CA  HA   sing N N 6   
ALA C   O    doub N N 7   
ALA C   OXT  sing N N 8   
ALA CB  HB1  sing N N 9   
ALA CB  HB2  sing N N 10  
ALA CB  HB3  sing N N 11  
ALA OXT HXT  sing N N 12  
ARG N   CA   sing N N 13  
ARG N   H    sing N N 14  
ARG N   H2   sing N N 15  
ARG CA  C    sing N N 16  
ARG CA  CB   sing N N 17  
ARG CA  HA   sing N N 18  
ARG C   O    doub N N 19  
ARG C   OXT  sing N N 20  
ARG CB  CG   sing N N 21  
ARG CB  HB2  sing N N 22  
ARG CB  HB3  sing N N 23  
ARG CG  CD   sing N N 24  
ARG CG  HG2  sing N N 25  
ARG CG  HG3  sing N N 26  
ARG CD  NE   sing N N 27  
ARG CD  HD2  sing N N 28  
ARG CD  HD3  sing N N 29  
ARG NE  CZ   sing N N 30  
ARG NE  HE   sing N N 31  
ARG CZ  NH1  sing N N 32  
ARG CZ  NH2  doub N N 33  
ARG NH1 HH11 sing N N 34  
ARG NH1 HH12 sing N N 35  
ARG NH2 HH21 sing N N 36  
ARG NH2 HH22 sing N N 37  
ARG OXT HXT  sing N N 38  
ASN N   CA   sing N N 39  
ASN N   H    sing N N 40  
ASN N   H2   sing N N 41  
ASN CA  C    sing N N 42  
ASN CA  CB   sing N N 43  
ASN CA  HA   sing N N 44  
ASN C   O    doub N N 45  
ASN C   OXT  sing N N 46  
ASN CB  CG   sing N N 47  
ASN CB  HB2  sing N N 48  
ASN CB  HB3  sing N N 49  
ASN CG  OD1  doub N N 50  
ASN CG  ND2  sing N N 51  
ASN ND2 HD21 sing N N 52  
ASN ND2 HD22 sing N N 53  
ASN OXT HXT  sing N N 54  
ASP N   CA   sing N N 55  
ASP N   H    sing N N 56  
ASP N   H2   sing N N 57  
ASP CA  C    sing N N 58  
ASP CA  CB   sing N N 59  
ASP CA  HA   sing N N 60  
ASP C   O    doub N N 61  
ASP C   OXT  sing N N 62  
ASP CB  CG   sing N N 63  
ASP CB  HB2  sing N N 64  
ASP CB  HB3  sing N N 65  
ASP CG  OD1  doub N N 66  
ASP CG  OD2  sing N N 67  
ASP OD2 HD2  sing N N 68  
ASP OXT HXT  sing N N 69  
CYS N   CA   sing N N 70  
CYS N   H    sing N N 71  
CYS N   H2   sing N N 72  
CYS CA  C    sing N N 73  
CYS CA  CB   sing N N 74  
CYS CA  HA   sing N N 75  
CYS C   O    doub N N 76  
CYS C   OXT  sing N N 77  
CYS CB  SG   sing N N 78  
CYS CB  HB2  sing N N 79  
CYS CB  HB3  sing N N 80  
CYS SG  HG   sing N N 81  
CYS OXT HXT  sing N N 82  
FOL N1  C2   sing Y N 83  
FOL N1  C8A  sing Y N 84  
FOL N1  HN1  sing N N 85  
FOL C2  NA2  sing N N 86  
FOL C2  N3   doub Y N 87  
FOL NA2 HN21 sing N N 88  
FOL NA2 HN22 sing N N 89  
FOL N3  C4   sing Y N 90  
FOL C4  O4   doub N N 91  
FOL C4  C4A  sing Y N 92  
FOL C4A N5   sing Y N 93  
FOL C4A C8A  doub Y N 94  
FOL N5  C6   doub Y N 95  
FOL C6  C7   sing Y N 96  
FOL C6  C9   sing N N 97  
FOL C7  N8   doub Y N 98  
FOL C7  H7   sing N N 99  
FOL N8  C8A  sing Y N 100 
FOL C9  N10  sing N N 101 
FOL C9  H91  sing N N 102 
FOL C9  H92  sing N N 103 
FOL N10 C14  sing N N 104 
FOL N10 HN0  sing N N 105 
FOL C11 C12  doub Y N 106 
FOL C11 C16  sing Y N 107 
FOL C11 C    sing N N 108 
FOL C12 C13  sing Y N 109 
FOL C12 H12  sing N N 110 
FOL C13 C14  doub Y N 111 
FOL C13 H13  sing N N 112 
FOL C14 C15  sing Y N 113 
FOL C15 C16  doub Y N 114 
FOL C15 H15  sing N N 115 
FOL C16 H16  sing N N 116 
FOL C   O    doub N N 117 
FOL C   N    sing N N 118 
FOL N   CA   sing N N 119 
FOL N   HN   sing N N 120 
FOL CA  CB   sing N N 121 
FOL CA  CT   sing N N 122 
FOL CA  HA   sing N N 123 
FOL CB  CG   sing N N 124 
FOL CB  HB1  sing N N 125 
FOL CB  HB2  sing N N 126 
FOL CG  CD   sing N N 127 
FOL CG  HG1  sing N N 128 
FOL CG  HG2  sing N N 129 
FOL CD  OE1  doub N N 130 
FOL CD  OE2  sing N N 131 
FOL OE2 HOE2 sing N N 132 
FOL CT  O1   doub N N 133 
FOL CT  O2   sing N N 134 
FOL O2  HO2  sing N N 135 
GLN N   CA   sing N N 136 
GLN N   H    sing N N 137 
GLN N   H2   sing N N 138 
GLN CA  C    sing N N 139 
GLN CA  CB   sing N N 140 
GLN CA  HA   sing N N 141 
GLN C   O    doub N N 142 
GLN C   OXT  sing N N 143 
GLN CB  CG   sing N N 144 
GLN CB  HB2  sing N N 145 
GLN CB  HB3  sing N N 146 
GLN CG  CD   sing N N 147 
GLN CG  HG2  sing N N 148 
GLN CG  HG3  sing N N 149 
GLN CD  OE1  doub N N 150 
GLN CD  NE2  sing N N 151 
GLN NE2 HE21 sing N N 152 
GLN NE2 HE22 sing N N 153 
GLN OXT HXT  sing N N 154 
GLU N   CA   sing N N 155 
GLU N   H    sing N N 156 
GLU N   H2   sing N N 157 
GLU CA  C    sing N N 158 
GLU CA  CB   sing N N 159 
GLU CA  HA   sing N N 160 
GLU C   O    doub N N 161 
GLU C   OXT  sing N N 162 
GLU CB  CG   sing N N 163 
GLU CB  HB2  sing N N 164 
GLU CB  HB3  sing N N 165 
GLU CG  CD   sing N N 166 
GLU CG  HG2  sing N N 167 
GLU CG  HG3  sing N N 168 
GLU CD  OE1  doub N N 169 
GLU CD  OE2  sing N N 170 
GLU OE2 HE2  sing N N 171 
GLU OXT HXT  sing N N 172 
GLY N   CA   sing N N 173 
GLY N   H    sing N N 174 
GLY N   H2   sing N N 175 
GLY CA  C    sing N N 176 
GLY CA  HA2  sing N N 177 
GLY CA  HA3  sing N N 178 
GLY C   O    doub N N 179 
GLY C   OXT  sing N N 180 
GLY OXT HXT  sing N N 181 
HIS N   CA   sing N N 182 
HIS N   H    sing N N 183 
HIS N   H2   sing N N 184 
HIS CA  C    sing N N 185 
HIS CA  CB   sing N N 186 
HIS CA  HA   sing N N 187 
HIS C   O    doub N N 188 
HIS C   OXT  sing N N 189 
HIS CB  CG   sing N N 190 
HIS CB  HB2  sing N N 191 
HIS CB  HB3  sing N N 192 
HIS CG  ND1  sing Y N 193 
HIS CG  CD2  doub Y N 194 
HIS ND1 CE1  doub Y N 195 
HIS ND1 HD1  sing N N 196 
HIS CD2 NE2  sing Y N 197 
HIS CD2 HD2  sing N N 198 
HIS CE1 NE2  sing Y N 199 
HIS CE1 HE1  sing N N 200 
HIS NE2 HE2  sing N N 201 
HIS OXT HXT  sing N N 202 
HOH O   H1   sing N N 203 
HOH O   H2   sing N N 204 
ILE N   CA   sing N N 205 
ILE N   H    sing N N 206 
ILE N   H2   sing N N 207 
ILE CA  C    sing N N 208 
ILE CA  CB   sing N N 209 
ILE CA  HA   sing N N 210 
ILE C   O    doub N N 211 
ILE C   OXT  sing N N 212 
ILE CB  CG1  sing N N 213 
ILE CB  CG2  sing N N 214 
ILE CB  HB   sing N N 215 
ILE CG1 CD1  sing N N 216 
ILE CG1 HG12 sing N N 217 
ILE CG1 HG13 sing N N 218 
ILE CG2 HG21 sing N N 219 
ILE CG2 HG22 sing N N 220 
ILE CG2 HG23 sing N N 221 
ILE CD1 HD11 sing N N 222 
ILE CD1 HD12 sing N N 223 
ILE CD1 HD13 sing N N 224 
ILE OXT HXT  sing N N 225 
LEU N   CA   sing N N 226 
LEU N   H    sing N N 227 
LEU N   H2   sing N N 228 
LEU CA  C    sing N N 229 
LEU CA  CB   sing N N 230 
LEU CA  HA   sing N N 231 
LEU C   O    doub N N 232 
LEU C   OXT  sing N N 233 
LEU CB  CG   sing N N 234 
LEU CB  HB2  sing N N 235 
LEU CB  HB3  sing N N 236 
LEU CG  CD1  sing N N 237 
LEU CG  CD2  sing N N 238 
LEU CG  HG   sing N N 239 
LEU CD1 HD11 sing N N 240 
LEU CD1 HD12 sing N N 241 
LEU CD1 HD13 sing N N 242 
LEU CD2 HD21 sing N N 243 
LEU CD2 HD22 sing N N 244 
LEU CD2 HD23 sing N N 245 
LEU OXT HXT  sing N N 246 
LYS N   CA   sing N N 247 
LYS N   H    sing N N 248 
LYS N   H2   sing N N 249 
LYS CA  C    sing N N 250 
LYS CA  CB   sing N N 251 
LYS CA  HA   sing N N 252 
LYS C   O    doub N N 253 
LYS C   OXT  sing N N 254 
LYS CB  CG   sing N N 255 
LYS CB  HB2  sing N N 256 
LYS CB  HB3  sing N N 257 
LYS CG  CD   sing N N 258 
LYS CG  HG2  sing N N 259 
LYS CG  HG3  sing N N 260 
LYS CD  CE   sing N N 261 
LYS CD  HD2  sing N N 262 
LYS CD  HD3  sing N N 263 
LYS CE  NZ   sing N N 264 
LYS CE  HE2  sing N N 265 
LYS CE  HE3  sing N N 266 
LYS NZ  HZ1  sing N N 267 
LYS NZ  HZ2  sing N N 268 
LYS NZ  HZ3  sing N N 269 
LYS OXT HXT  sing N N 270 
MET N   CA   sing N N 271 
MET N   H    sing N N 272 
MET N   H2   sing N N 273 
MET CA  C    sing N N 274 
MET CA  CB   sing N N 275 
MET CA  HA   sing N N 276 
MET C   O    doub N N 277 
MET C   OXT  sing N N 278 
MET CB  CG   sing N N 279 
MET CB  HB2  sing N N 280 
MET CB  HB3  sing N N 281 
MET CG  SD   sing N N 282 
MET CG  HG2  sing N N 283 
MET CG  HG3  sing N N 284 
MET SD  CE   sing N N 285 
MET CE  HE1  sing N N 286 
MET CE  HE2  sing N N 287 
MET CE  HE3  sing N N 288 
MET OXT HXT  sing N N 289 
NAP PA  O1A  doub N N 290 
NAP PA  O2A  sing N N 291 
NAP PA  O5B  sing N N 292 
NAP PA  O3   sing N N 293 
NAP O2A HOA2 sing N N 294 
NAP O5B C5B  sing N N 295 
NAP C5B C4B  sing N N 296 
NAP C5B H51A sing N N 297 
NAP C5B H52A sing N N 298 
NAP C4B O4B  sing N N 299 
NAP C4B C3B  sing N N 300 
NAP C4B H4B  sing N N 301 
NAP O4B C1B  sing N N 302 
NAP C3B O3B  sing N N 303 
NAP C3B C2B  sing N N 304 
NAP C3B H3B  sing N N 305 
NAP O3B HO3A sing N N 306 
NAP C2B O2B  sing N N 307 
NAP C2B C1B  sing N N 308 
NAP C2B H2B  sing N N 309 
NAP O2B P2B  sing N N 310 
NAP C1B N9A  sing N N 311 
NAP C1B H1B  sing N N 312 
NAP N9A C8A  sing Y N 313 
NAP N9A C4A  sing Y N 314 
NAP C8A N7A  doub Y N 315 
NAP C8A H8A  sing N N 316 
NAP N7A C5A  sing Y N 317 
NAP C5A C6A  sing Y N 318 
NAP C5A C4A  doub Y N 319 
NAP C6A N6A  sing N N 320 
NAP C6A N1A  doub Y N 321 
NAP N6A H61A sing N N 322 
NAP N6A H62A sing N N 323 
NAP N1A C2A  sing Y N 324 
NAP C2A N3A  doub Y N 325 
NAP C2A H2A  sing N N 326 
NAP N3A C4A  sing Y N 327 
NAP O3  PN   sing N N 328 
NAP PN  O1N  doub N N 329 
NAP PN  O2N  sing N N 330 
NAP PN  O5D  sing N N 331 
NAP O5D C5D  sing N N 332 
NAP C5D C4D  sing N N 333 
NAP C5D H51N sing N N 334 
NAP C5D H52N sing N N 335 
NAP C4D O4D  sing N N 336 
NAP C4D C3D  sing N N 337 
NAP C4D H4D  sing N N 338 
NAP O4D C1D  sing N N 339 
NAP C3D O3D  sing N N 340 
NAP C3D C2D  sing N N 341 
NAP C3D H3D  sing N N 342 
NAP O3D HO3N sing N N 343 
NAP C2D O2D  sing N N 344 
NAP C2D C1D  sing N N 345 
NAP C2D H2D  sing N N 346 
NAP O2D HO2N sing N N 347 
NAP C1D N1N  sing N N 348 
NAP C1D H1D  sing N N 349 
NAP N1N C2N  sing Y N 350 
NAP N1N C6N  doub Y N 351 
NAP C2N C3N  doub Y N 352 
NAP C2N H2N  sing N N 353 
NAP C3N C7N  sing N N 354 
NAP C3N C4N  sing Y N 355 
NAP C7N O7N  doub N N 356 
NAP C7N N7N  sing N N 357 
NAP N7N H71N sing N N 358 
NAP N7N H72N sing N N 359 
NAP C4N C5N  doub Y N 360 
NAP C4N H4N  sing N N 361 
NAP C5N C6N  sing Y N 362 
NAP C5N H5N  sing N N 363 
NAP C6N H6N  sing N N 364 
NAP P2B O1X  doub N N 365 
NAP P2B O2X  sing N N 366 
NAP P2B O3X  sing N N 367 
NAP O2X HOP2 sing N N 368 
NAP O3X HOP3 sing N N 369 
PHE N   CA   sing N N 370 
PHE N   H    sing N N 371 
PHE N   H2   sing N N 372 
PHE CA  C    sing N N 373 
PHE CA  CB   sing N N 374 
PHE CA  HA   sing N N 375 
PHE C   O    doub N N 376 
PHE C   OXT  sing N N 377 
PHE CB  CG   sing N N 378 
PHE CB  HB2  sing N N 379 
PHE CB  HB3  sing N N 380 
PHE CG  CD1  doub Y N 381 
PHE CG  CD2  sing Y N 382 
PHE CD1 CE1  sing Y N 383 
PHE CD1 HD1  sing N N 384 
PHE CD2 CE2  doub Y N 385 
PHE CD2 HD2  sing N N 386 
PHE CE1 CZ   doub Y N 387 
PHE CE1 HE1  sing N N 388 
PHE CE2 CZ   sing Y N 389 
PHE CE2 HE2  sing N N 390 
PHE CZ  HZ   sing N N 391 
PHE OXT HXT  sing N N 392 
PRO N   CA   sing N N 393 
PRO N   CD   sing N N 394 
PRO N   H    sing N N 395 
PRO CA  C    sing N N 396 
PRO CA  CB   sing N N 397 
PRO CA  HA   sing N N 398 
PRO C   O    doub N N 399 
PRO C   OXT  sing N N 400 
PRO CB  CG   sing N N 401 
PRO CB  HB2  sing N N 402 
PRO CB  HB3  sing N N 403 
PRO CG  CD   sing N N 404 
PRO CG  HG2  sing N N 405 
PRO CG  HG3  sing N N 406 
PRO CD  HD2  sing N N 407 
PRO CD  HD3  sing N N 408 
PRO OXT HXT  sing N N 409 
SER N   CA   sing N N 410 
SER N   H    sing N N 411 
SER N   H2   sing N N 412 
SER CA  C    sing N N 413 
SER CA  CB   sing N N 414 
SER CA  HA   sing N N 415 
SER C   O    doub N N 416 
SER C   OXT  sing N N 417 
SER CB  OG   sing N N 418 
SER CB  HB2  sing N N 419 
SER CB  HB3  sing N N 420 
SER OG  HG   sing N N 421 
SER OXT HXT  sing N N 422 
THR N   CA   sing N N 423 
THR N   H    sing N N 424 
THR N   H2   sing N N 425 
THR CA  C    sing N N 426 
THR CA  CB   sing N N 427 
THR CA  HA   sing N N 428 
THR C   O    doub N N 429 
THR C   OXT  sing N N 430 
THR CB  OG1  sing N N 431 
THR CB  CG2  sing N N 432 
THR CB  HB   sing N N 433 
THR OG1 HG1  sing N N 434 
THR CG2 HG21 sing N N 435 
THR CG2 HG22 sing N N 436 
THR CG2 HG23 sing N N 437 
THR OXT HXT  sing N N 438 
TRP N   CA   sing N N 439 
TRP N   H    sing N N 440 
TRP N   H2   sing N N 441 
TRP CA  C    sing N N 442 
TRP CA  CB   sing N N 443 
TRP CA  HA   sing N N 444 
TRP C   O    doub N N 445 
TRP C   OXT  sing N N 446 
TRP CB  CG   sing N N 447 
TRP CB  HB2  sing N N 448 
TRP CB  HB3  sing N N 449 
TRP CG  CD1  doub Y N 450 
TRP CG  CD2  sing Y N 451 
TRP CD1 NE1  sing Y N 452 
TRP CD1 HD1  sing N N 453 
TRP CD2 CE2  doub Y N 454 
TRP CD2 CE3  sing Y N 455 
TRP NE1 CE2  sing Y N 456 
TRP NE1 HE1  sing N N 457 
TRP CE2 CZ2  sing Y N 458 
TRP CE3 CZ3  doub Y N 459 
TRP CE3 HE3  sing N N 460 
TRP CZ2 CH2  doub Y N 461 
TRP CZ2 HZ2  sing N N 462 
TRP CZ3 CH2  sing Y N 463 
TRP CZ3 HZ3  sing N N 464 
TRP CH2 HH2  sing N N 465 
TRP OXT HXT  sing N N 466 
TYR N   CA   sing N N 467 
TYR N   H    sing N N 468 
TYR N   H2   sing N N 469 
TYR CA  C    sing N N 470 
TYR CA  CB   sing N N 471 
TYR CA  HA   sing N N 472 
TYR C   O    doub N N 473 
TYR C   OXT  sing N N 474 
TYR CB  CG   sing N N 475 
TYR CB  HB2  sing N N 476 
TYR CB  HB3  sing N N 477 
TYR CG  CD1  doub Y N 478 
TYR CG  CD2  sing Y N 479 
TYR CD1 CE1  sing Y N 480 
TYR CD1 HD1  sing N N 481 
TYR CD2 CE2  doub Y N 482 
TYR CD2 HD2  sing N N 483 
TYR CE1 CZ   doub Y N 484 
TYR CE1 HE1  sing N N 485 
TYR CE2 CZ   sing Y N 486 
TYR CE2 HE2  sing N N 487 
TYR CZ  OH   sing N N 488 
TYR OH  HH   sing N N 489 
TYR OXT HXT  sing N N 490 
VAL N   CA   sing N N 491 
VAL N   H    sing N N 492 
VAL N   H2   sing N N 493 
VAL CA  C    sing N N 494 
VAL CA  CB   sing N N 495 
VAL CA  HA   sing N N 496 
VAL C   O    doub N N 497 
VAL C   OXT  sing N N 498 
VAL CB  CG1  sing N N 499 
VAL CB  CG2  sing N N 500 
VAL CB  HB   sing N N 501 
VAL CG1 HG11 sing N N 502 
VAL CG1 HG12 sing N N 503 
VAL CG1 HG13 sing N N 504 
VAL CG2 HG21 sing N N 505 
VAL CG2 HG22 sing N N 506 
VAL CG2 HG23 sing N N 507 
VAL OXT HXT  sing N N 508 
# 
loop_
_pdbx_entity_nonpoly.entity_id 
_pdbx_entity_nonpoly.name 
_pdbx_entity_nonpoly.comp_id 
2 'FOLIC ACID'                                       FOL 
3 'NADP NICOTINAMIDE-ADENINE-DINUCLEOTIDE PHOSPHATE' NAP 
4 water                                              HOH 
# 
_pdbx_initial_refinement_model.id               1 
_pdbx_initial_refinement_model.entity_id_list   ? 
_pdbx_initial_refinement_model.type             'experimental model' 
_pdbx_initial_refinement_model.source_name      PDB 
_pdbx_initial_refinement_model.accession_code   1RX2 
_pdbx_initial_refinement_model.details          ? 
# 
